data_2M0Y
#
_entry.id   2M0Y
#
_entity_poly.entity_id   1
_entity_poly.type   'polypeptide(L)'
_entity_poly.pdbx_seq_one_letter_code
;MTRWVPTKREEKYGVAFYNYDARGADELSLQIGDTVHILETYEGWYRGYTLRKKSKKGIFPASYIHLKEAIVEG
;
_entity_poly.pdbx_strand_id   A
#
# COMPACT_ATOMS: atom_id res chain seq x y z
N MET A 1 -3.85 20.58 6.71
CA MET A 1 -4.43 21.24 5.52
C MET A 1 -5.77 20.61 5.12
N THR A 2 -5.74 19.33 4.80
CA THR A 2 -6.95 18.61 4.41
C THR A 2 -7.07 17.28 5.16
N ARG A 3 -8.23 16.64 5.05
CA ARG A 3 -8.45 15.37 5.73
C ARG A 3 -8.45 14.22 4.73
N TRP A 4 -7.59 13.24 4.97
CA TRP A 4 -7.48 12.07 4.09
C TRP A 4 -8.55 11.04 4.44
N VAL A 5 -8.79 10.12 3.52
CA VAL A 5 -9.79 9.07 3.73
C VAL A 5 -9.23 7.95 4.60
N PRO A 6 -10.05 7.38 5.50
CA PRO A 6 -9.62 6.30 6.39
C PRO A 6 -9.77 4.92 5.75
N THR A 7 -9.86 4.88 4.42
CA THR A 7 -10.02 3.62 3.69
C THR A 7 -11.00 2.68 4.37
N LYS A 8 -12.27 2.80 4.00
CA LYS A 8 -13.31 1.96 4.58
C LYS A 8 -13.80 0.92 3.57
N ARG A 9 -14.53 -0.08 4.06
CA ARG A 9 -15.05 -1.13 3.21
C ARG A 9 -13.91 -1.88 2.50
N GLU A 10 -12.80 -2.02 3.19
CA GLU A 10 -11.64 -2.71 2.63
C GLU A 10 -11.44 -4.07 3.29
N GLU A 11 -10.65 -4.92 2.65
CA GLU A 11 -10.39 -6.26 3.17
C GLU A 11 -9.24 -6.23 4.17
N LYS A 12 -8.04 -5.92 3.67
CA LYS A 12 -6.86 -5.86 4.52
C LYS A 12 -5.66 -5.31 3.74
N TYR A 13 -5.12 -6.13 2.84
CA TYR A 13 -3.97 -5.72 2.04
C TYR A 13 -4.11 -6.21 0.60
N GLY A 14 -3.14 -5.87 -0.23
CA GLY A 14 -3.17 -6.28 -1.62
C GLY A 14 -1.79 -6.49 -2.20
N VAL A 15 -1.65 -6.29 -3.50
CA VAL A 15 -0.37 -6.46 -4.17
C VAL A 15 -0.06 -5.28 -5.08
N ALA A 16 1.22 -4.97 -5.21
CA ALA A 16 1.67 -3.86 -6.04
C ALA A 16 2.63 -4.34 -7.12
N PHE A 17 2.22 -4.27 -8.38
CA PHE A 17 3.06 -4.70 -9.48
C PHE A 17 3.59 -3.50 -10.26
N TYR A 18 4.77 -3.03 -9.87
CA TYR A 18 5.40 -1.89 -10.53
C TYR A 18 6.89 -1.83 -10.22
N ASN A 19 7.57 -0.86 -10.82
CA ASN A 19 9.00 -0.68 -10.59
C ASN A 19 9.26 0.68 -9.94
N TYR A 20 8.57 0.95 -8.83
CA TYR A 20 8.71 2.21 -8.12
C TYR A 20 9.95 2.21 -7.24
N ASP A 21 10.70 3.32 -7.30
CA ASP A 21 11.90 3.47 -6.52
C ASP A 21 11.88 4.77 -5.73
N ALA A 22 11.34 4.72 -4.52
CA ALA A 22 11.23 5.89 -3.67
C ALA A 22 12.62 6.38 -3.23
N ARG A 23 12.81 7.70 -3.26
CA ARG A 23 14.08 8.28 -2.86
C ARG A 23 13.89 9.19 -1.64
N GLY A 24 12.91 8.86 -0.81
CA GLY A 24 12.65 9.64 0.38
C GLY A 24 11.78 8.91 1.38
N ALA A 25 11.67 9.46 2.60
CA ALA A 25 10.87 8.85 3.64
C ALA A 25 9.39 8.96 3.33
N ASP A 26 9.01 10.01 2.61
CA ASP A 26 7.61 10.23 2.25
C ASP A 26 7.13 9.17 1.27
N GLU A 27 8.01 8.76 0.36
CA GLU A 27 7.67 7.74 -0.63
C GLU A 27 8.05 6.35 -0.15
N LEU A 28 7.81 5.35 -0.99
CA LEU A 28 8.13 3.97 -0.65
C LEU A 28 8.49 3.17 -1.90
N SER A 29 9.59 2.43 -1.82
CA SER A 29 10.04 1.62 -2.94
C SER A 29 9.14 0.39 -3.12
N LEU A 30 8.52 0.29 -4.29
CA LEU A 30 7.63 -0.83 -4.59
C LEU A 30 8.12 -1.61 -5.81
N GLN A 31 8.05 -2.93 -5.70
CA GLN A 31 8.48 -3.81 -6.79
C GLN A 31 7.41 -4.85 -7.11
N ILE A 32 7.45 -5.39 -8.31
CA ILE A 32 6.48 -6.39 -8.74
C ILE A 32 6.66 -7.69 -7.96
N GLY A 33 5.53 -8.25 -7.51
CA GLY A 33 5.57 -9.49 -6.74
C GLY A 33 5.54 -9.26 -5.25
N ASP A 34 5.57 -7.99 -4.84
CA ASP A 34 5.54 -7.65 -3.42
C ASP A 34 4.12 -7.33 -2.95
N THR A 35 3.86 -7.61 -1.68
CA THR A 35 2.54 -7.34 -1.10
C THR A 35 2.59 -6.10 -0.22
N VAL A 36 1.54 -5.29 -0.30
CA VAL A 36 1.48 -4.06 0.49
C VAL A 36 0.16 -3.95 1.25
N HIS A 37 0.25 -3.51 2.50
CA HIS A 37 -0.94 -3.35 3.34
C HIS A 37 -1.35 -1.88 3.39
N ILE A 38 -2.46 -1.56 2.72
CA ILE A 38 -2.95 -0.20 2.67
C ILE A 38 -3.63 0.20 3.98
N LEU A 39 -3.23 1.34 4.53
CA LEU A 39 -3.81 1.84 5.77
C LEU A 39 -4.60 3.11 5.51
N GLU A 40 -4.18 3.88 4.51
CA GLU A 40 -4.85 5.12 4.16
C GLU A 40 -5.15 5.16 2.66
N THR A 41 -6.01 6.09 2.24
CA THR A 41 -6.38 6.22 0.84
C THR A 41 -6.90 7.62 0.53
N TYR A 42 -6.99 7.94 -0.75
CA TYR A 42 -7.48 9.25 -1.18
C TYR A 42 -7.62 9.33 -2.70
N GLU A 43 -7.99 8.21 -3.32
CA GLU A 43 -8.17 8.15 -4.77
C GLU A 43 -6.84 8.36 -5.49
N GLY A 44 -6.25 7.25 -5.96
CA GLY A 44 -4.99 7.33 -6.66
C GLY A 44 -3.88 7.84 -5.77
N TRP A 45 -3.91 7.45 -4.50
CA TRP A 45 -2.90 7.86 -3.53
C TRP A 45 -3.18 7.21 -2.18
N TYR A 46 -2.56 6.06 -1.94
CA TYR A 46 -2.76 5.34 -0.69
C TYR A 46 -1.45 5.19 0.08
N ARG A 47 -1.57 4.94 1.38
CA ARG A 47 -0.40 4.77 2.24
C ARG A 47 -0.46 3.42 2.94
N GLY A 48 0.71 2.87 3.25
CA GLY A 48 0.77 1.58 3.92
C GLY A 48 2.18 1.08 4.09
N TYR A 49 2.32 -0.24 4.17
CA TYR A 49 3.64 -0.85 4.32
C TYR A 49 3.65 -2.28 3.77
N THR A 50 4.78 -2.67 3.20
CA THR A 50 4.93 -4.01 2.64
C THR A 50 4.95 -5.07 3.74
N LEU A 51 4.44 -6.25 3.41
CA LEU A 51 4.40 -7.34 4.38
C LEU A 51 5.80 -7.68 4.89
N ARG A 52 6.80 -7.44 4.05
CA ARG A 52 8.19 -7.71 4.41
C ARG A 52 8.78 -6.55 5.21
N LYS A 53 8.31 -5.34 4.92
CA LYS A 53 8.79 -4.16 5.61
C LYS A 53 7.66 -3.48 6.39
N LYS A 54 7.33 -4.04 7.55
CA LYS A 54 6.27 -3.50 8.39
C LYS A 54 6.74 -2.26 9.13
N SER A 55 8.04 -2.22 9.44
CA SER A 55 8.61 -1.08 10.15
C SER A 55 8.61 0.17 9.28
N LYS A 56 8.72 -0.02 7.97
CA LYS A 56 8.72 1.09 7.03
C LYS A 56 7.32 1.40 6.54
N LYS A 57 7.04 2.69 6.30
CA LYS A 57 5.73 3.11 5.82
C LYS A 57 5.88 4.17 4.72
N GLY A 58 4.98 4.12 3.74
CA GLY A 58 5.02 5.07 2.65
C GLY A 58 3.76 5.06 1.81
N ILE A 59 3.72 5.91 0.79
CA ILE A 59 2.56 6.00 -0.09
C ILE A 59 2.89 5.49 -1.49
N PHE A 60 1.85 5.16 -2.25
CA PHE A 60 2.03 4.66 -3.61
C PHE A 60 0.77 4.88 -4.44
N PRO A 61 0.93 5.07 -5.77
CA PRO A 61 -0.20 5.29 -6.67
C PRO A 61 -1.06 4.04 -6.86
N ALA A 62 -2.37 4.21 -6.80
CA ALA A 62 -3.30 3.10 -6.97
C ALA A 62 -3.31 2.59 -8.40
N SER A 63 -2.68 3.33 -9.31
CA SER A 63 -2.64 2.96 -10.72
C SER A 63 -2.18 1.52 -10.92
N TYR A 64 -1.44 0.98 -9.94
CA TYR A 64 -0.93 -0.39 -10.05
C TYR A 64 -1.19 -1.16 -8.76
N ILE A 65 -2.23 -0.80 -8.03
CA ILE A 65 -2.56 -1.48 -6.78
C ILE A 65 -3.81 -2.34 -6.93
N HIS A 66 -3.75 -3.56 -6.41
CA HIS A 66 -4.87 -4.49 -6.49
C HIS A 66 -5.08 -5.19 -5.15
N LEU A 67 -6.19 -4.88 -4.50
CA LEU A 67 -6.50 -5.49 -3.20
C LEU A 67 -6.90 -6.95 -3.36
N LYS A 68 -6.43 -7.79 -2.45
CA LYS A 68 -6.74 -9.21 -2.48
C LYS A 68 -7.57 -9.61 -1.27
N GLU A 69 -7.90 -10.90 -1.20
CA GLU A 69 -8.70 -11.42 -0.09
C GLU A 69 -7.82 -12.13 0.93
N ALA A 70 -6.69 -11.52 1.27
CA ALA A 70 -5.77 -12.09 2.24
C ALA A 70 -5.22 -13.42 1.75
N ILE A 71 -4.06 -13.81 2.28
CA ILE A 71 -3.44 -15.07 1.89
C ILE A 71 -3.23 -15.98 3.10
N VAL A 72 -2.86 -17.23 2.84
CA VAL A 72 -2.63 -18.19 3.91
C VAL A 72 -1.34 -18.96 3.67
N GLU A 73 -0.52 -19.06 4.71
CA GLU A 73 0.76 -19.78 4.62
C GLU A 73 0.53 -21.29 4.68
N GLY A 74 1.19 -22.01 3.79
CA GLY A 74 1.06 -23.46 3.75
C GLY A 74 0.61 -23.97 2.39
N MET A 1 -5.96 22.88 5.58
CA MET A 1 -5.91 21.70 6.48
C MET A 1 -6.96 20.66 6.10
N THR A 2 -6.57 19.71 5.25
CA THR A 2 -7.48 18.67 4.80
C THR A 2 -6.93 17.28 5.13
N ARG A 3 -7.42 16.70 6.21
CA ARG A 3 -6.98 15.38 6.64
C ARG A 3 -7.33 14.32 5.60
N TRP A 4 -6.56 13.23 5.59
CA TRP A 4 -6.80 12.14 4.65
C TRP A 4 -7.98 11.29 5.09
N VAL A 5 -8.16 10.14 4.44
CA VAL A 5 -9.26 9.24 4.77
C VAL A 5 -8.77 7.80 4.94
N PRO A 6 -9.32 7.06 5.93
CA PRO A 6 -8.95 5.67 6.17
C PRO A 6 -9.19 4.78 4.97
N THR A 7 -8.87 3.49 5.10
CA THR A 7 -9.05 2.55 4.01
C THR A 7 -9.96 1.39 4.43
N LYS A 8 -11.07 1.24 3.72
CA LYS A 8 -12.02 0.18 4.02
C LYS A 8 -12.30 -0.67 2.79
N ARG A 9 -13.03 -1.76 2.97
CA ARG A 9 -13.37 -2.65 1.87
C ARG A 9 -12.10 -3.23 1.24
N GLU A 10 -11.06 -3.39 2.05
CA GLU A 10 -9.79 -3.92 1.58
C GLU A 10 -9.50 -5.28 2.22
N GLU A 11 -10.30 -5.67 3.20
CA GLU A 11 -10.12 -6.94 3.90
C GLU A 11 -8.85 -6.92 4.76
N LYS A 12 -7.70 -6.84 4.12
CA LYS A 12 -6.43 -6.81 4.83
C LYS A 12 -5.39 -6.01 4.05
N TYR A 13 -4.95 -6.58 2.93
CA TYR A 13 -3.94 -5.92 2.10
C TYR A 13 -4.09 -6.32 0.63
N GLY A 14 -3.22 -5.78 -0.22
CA GLY A 14 -3.28 -6.10 -1.63
C GLY A 14 -1.90 -6.32 -2.23
N VAL A 15 -1.82 -6.31 -3.56
CA VAL A 15 -0.55 -6.51 -4.25
C VAL A 15 -0.22 -5.30 -5.13
N ALA A 16 1.06 -5.03 -5.28
CA ALA A 16 1.52 -3.92 -6.10
C ALA A 16 2.52 -4.39 -7.15
N PHE A 17 2.16 -4.24 -8.43
CA PHE A 17 3.05 -4.65 -9.50
C PHE A 17 3.61 -3.44 -10.23
N TYR A 18 4.78 -2.97 -9.79
CA TYR A 18 5.43 -1.82 -10.40
C TYR A 18 6.91 -1.77 -10.03
N ASN A 19 7.63 -0.85 -10.65
CA ASN A 19 9.05 -0.68 -10.38
C ASN A 19 9.31 0.68 -9.71
N TYR A 20 8.54 0.96 -8.66
CA TYR A 20 8.66 2.21 -7.93
C TYR A 20 9.88 2.20 -7.01
N ASP A 21 10.58 3.34 -6.96
CA ASP A 21 11.75 3.47 -6.12
C ASP A 21 11.72 4.80 -5.36
N ALA A 22 11.40 4.74 -4.07
CA ALA A 22 11.33 5.92 -3.24
C ALA A 22 12.67 6.65 -3.19
N ARG A 23 12.63 7.97 -3.30
CA ARG A 23 13.84 8.79 -3.26
C ARG A 23 14.14 9.24 -1.84
N GLY A 24 13.11 9.27 -1.00
CA GLY A 24 13.29 9.70 0.38
C GLY A 24 12.69 8.71 1.37
N ALA A 25 12.86 8.99 2.66
CA ALA A 25 12.34 8.14 3.71
C ALA A 25 10.83 8.24 3.81
N ASP A 26 10.29 9.42 3.47
CA ASP A 26 8.86 9.65 3.51
C ASP A 26 8.12 8.67 2.60
N GLU A 27 8.74 8.33 1.48
CA GLU A 27 8.13 7.40 0.52
C GLU A 27 8.60 5.97 0.78
N LEU A 28 8.22 5.06 -0.11
CA LEU A 28 8.61 3.66 0.02
C LEU A 28 8.70 3.00 -1.35
N SER A 29 9.84 2.38 -1.63
CA SER A 29 10.06 1.71 -2.90
C SER A 29 9.11 0.53 -3.08
N LEU A 30 8.42 0.50 -4.21
CA LEU A 30 7.49 -0.58 -4.51
C LEU A 30 8.00 -1.45 -5.64
N GLN A 31 7.92 -2.77 -5.47
CA GLN A 31 8.38 -3.71 -6.48
C GLN A 31 7.29 -4.73 -6.82
N ILE A 32 7.39 -5.31 -8.01
CA ILE A 32 6.42 -6.29 -8.45
C ILE A 32 6.52 -7.58 -7.66
N GLY A 33 5.39 -8.22 -7.40
CA GLY A 33 5.38 -9.45 -6.64
C GLY A 33 5.32 -9.21 -5.14
N ASP A 34 5.38 -7.95 -4.74
CA ASP A 34 5.33 -7.59 -3.33
C ASP A 34 3.92 -7.23 -2.90
N THR A 35 3.57 -7.59 -1.67
CA THR A 35 2.24 -7.30 -1.14
C THR A 35 2.29 -6.06 -0.25
N VAL A 36 1.36 -5.13 -0.50
CA VAL A 36 1.31 -3.90 0.28
C VAL A 36 0.02 -3.81 1.09
N HIS A 37 0.14 -3.34 2.32
CA HIS A 37 -1.02 -3.20 3.21
C HIS A 37 -1.52 -1.76 3.18
N ILE A 38 -2.68 -1.54 2.56
CA ILE A 38 -3.26 -0.21 2.46
C ILE A 38 -3.59 0.35 3.84
N LEU A 39 -2.78 1.30 4.30
CA LEU A 39 -2.98 1.92 5.59
C LEU A 39 -3.81 3.20 5.47
N GLU A 40 -3.66 3.87 4.33
CA GLU A 40 -4.40 5.11 4.07
C GLU A 40 -4.75 5.22 2.58
N THR A 41 -5.94 5.74 2.29
CA THR A 41 -6.39 5.88 0.91
C THR A 41 -7.22 7.15 0.73
N TYR A 42 -7.70 7.37 -0.48
CA TYR A 42 -8.51 8.55 -0.80
C TYR A 42 -8.96 8.52 -2.25
N GLU A 43 -7.99 8.63 -3.17
CA GLU A 43 -8.27 8.61 -4.59
C GLU A 43 -6.98 8.69 -5.40
N GLY A 44 -6.54 7.54 -5.91
CA GLY A 44 -5.31 7.51 -6.69
C GLY A 44 -4.10 7.95 -5.87
N TRP A 45 -4.12 7.63 -4.59
CA TRP A 45 -3.04 7.99 -3.68
C TRP A 45 -3.24 7.32 -2.33
N TYR A 46 -2.64 6.16 -2.14
CA TYR A 46 -2.77 5.43 -0.88
C TYR A 46 -1.41 5.22 -0.22
N ARG A 47 -1.40 5.22 1.11
CA ARG A 47 -0.19 5.02 1.87
C ARG A 47 -0.29 3.76 2.72
N GLY A 48 0.64 2.83 2.51
CA GLY A 48 0.62 1.60 3.26
C GLY A 48 2.02 1.10 3.59
N TYR A 49 2.12 -0.17 3.97
CA TYR A 49 3.40 -0.75 4.31
C TYR A 49 3.53 -2.16 3.75
N THR A 50 4.66 -2.44 3.10
CA THR A 50 4.90 -3.75 2.51
C THR A 50 5.02 -4.83 3.59
N LEU A 51 4.78 -6.07 3.22
CA LEU A 51 4.85 -7.19 4.15
C LEU A 51 6.29 -7.39 4.62
N ARG A 52 7.25 -7.07 3.75
CA ARG A 52 8.66 -7.23 4.08
C ARG A 52 9.08 -6.24 5.16
N LYS A 53 8.79 -4.96 4.93
CA LYS A 53 9.14 -3.92 5.90
C LYS A 53 7.89 -3.21 6.40
N LYS A 54 7.22 -3.84 7.36
CA LYS A 54 6.00 -3.26 7.94
C LYS A 54 6.32 -2.01 8.75
N SER A 55 7.52 -1.98 9.35
CA SER A 55 7.94 -0.85 10.15
C SER A 55 7.97 0.43 9.33
N LYS A 56 8.28 0.29 8.04
CA LYS A 56 8.34 1.42 7.13
C LYS A 56 7.00 1.67 6.46
N LYS A 57 6.75 2.91 6.06
CA LYS A 57 5.50 3.27 5.40
C LYS A 57 5.76 4.21 4.23
N GLY A 58 4.90 4.12 3.21
CA GLY A 58 5.05 4.97 2.04
C GLY A 58 3.77 5.11 1.26
N ILE A 59 3.79 5.94 0.22
CA ILE A 59 2.62 6.15 -0.62
C ILE A 59 2.82 5.54 -2.00
N PHE A 60 1.71 5.20 -2.66
CA PHE A 60 1.77 4.60 -3.98
C PHE A 60 0.46 4.81 -4.74
N PRO A 61 0.53 5.03 -6.07
CA PRO A 61 -0.66 5.23 -6.89
C PRO A 61 -1.45 3.94 -7.08
N ALA A 62 -2.78 4.06 -7.08
CA ALA A 62 -3.66 2.91 -7.25
C ALA A 62 -3.59 2.35 -8.67
N SER A 63 -2.92 3.08 -9.57
CA SER A 63 -2.79 2.66 -10.95
C SER A 63 -2.31 1.21 -11.08
N TYR A 64 -1.61 0.72 -10.07
CA TYR A 64 -1.10 -0.65 -10.10
C TYR A 64 -1.36 -1.39 -8.79
N ILE A 65 -2.38 -0.98 -8.06
CA ILE A 65 -2.72 -1.64 -6.80
C ILE A 65 -3.97 -2.51 -6.95
N HIS A 66 -3.90 -3.72 -6.38
CA HIS A 66 -5.02 -4.66 -6.45
C HIS A 66 -5.17 -5.41 -5.12
N LEU A 67 -6.27 -5.14 -4.42
CA LEU A 67 -6.53 -5.78 -3.14
C LEU A 67 -6.81 -7.27 -3.32
N LYS A 68 -6.28 -8.08 -2.43
CA LYS A 68 -6.48 -9.53 -2.49
C LYS A 68 -6.99 -10.07 -1.16
N GLU A 69 -7.42 -11.33 -1.17
CA GLU A 69 -7.95 -11.96 0.02
C GLU A 69 -6.88 -12.84 0.69
N ALA A 70 -5.65 -12.33 0.73
CA ALA A 70 -4.55 -13.06 1.33
C ALA A 70 -4.27 -14.36 0.58
N ILE A 71 -2.99 -14.71 0.47
CA ILE A 71 -2.59 -15.92 -0.23
C ILE A 71 -1.73 -16.80 0.66
N VAL A 72 -1.91 -18.11 0.54
CA VAL A 72 -1.15 -19.07 1.34
C VAL A 72 -1.52 -20.50 0.97
N GLU A 73 -0.49 -21.32 0.72
CA GLU A 73 -0.70 -22.71 0.35
C GLU A 73 -0.52 -23.62 1.56
N GLY A 74 -1.48 -24.52 1.76
CA GLY A 74 -1.41 -25.44 2.88
C GLY A 74 -2.70 -26.21 3.08
N MET A 1 -10.97 22.01 3.61
CA MET A 1 -10.31 21.19 4.67
C MET A 1 -9.76 19.89 4.11
N THR A 2 -8.45 19.81 3.99
CA THR A 2 -7.80 18.61 3.46
C THR A 2 -7.74 17.52 4.52
N ARG A 3 -8.62 16.52 4.38
CA ARG A 3 -8.66 15.41 5.33
C ARG A 3 -8.60 14.07 4.59
N TRP A 4 -7.46 13.40 4.69
CA TRP A 4 -7.28 12.11 4.04
C TRP A 4 -8.12 11.02 4.71
N VAL A 5 -8.74 10.18 3.90
CA VAL A 5 -9.58 9.10 4.42
C VAL A 5 -8.73 7.94 4.93
N PRO A 6 -9.10 7.34 6.07
CA PRO A 6 -8.37 6.22 6.66
C PRO A 6 -8.79 4.87 6.09
N THR A 7 -9.30 4.87 4.86
CA THR A 7 -9.75 3.65 4.19
C THR A 7 -10.53 2.74 5.15
N LYS A 8 -11.62 3.26 5.68
CA LYS A 8 -12.45 2.49 6.61
C LYS A 8 -13.13 1.33 5.89
N ARG A 9 -13.53 0.33 6.67
CA ARG A 9 -14.19 -0.84 6.11
C ARG A 9 -13.27 -1.57 5.13
N GLU A 10 -11.97 -1.48 5.38
CA GLU A 10 -10.99 -2.13 4.52
C GLU A 10 -9.76 -2.55 5.32
N GLU A 11 -9.88 -3.66 6.05
CA GLU A 11 -8.78 -4.16 6.86
C GLU A 11 -8.04 -5.28 6.14
N LYS A 12 -7.99 -5.19 4.82
CA LYS A 12 -7.31 -6.21 4.00
C LYS A 12 -6.14 -5.59 3.23
N TYR A 13 -5.24 -6.45 2.75
CA TYR A 13 -4.08 -5.99 2.00
C TYR A 13 -4.16 -6.46 0.54
N GLY A 14 -3.35 -5.84 -0.32
CA GLY A 14 -3.34 -6.22 -1.72
C GLY A 14 -1.94 -6.42 -2.25
N VAL A 15 -1.77 -6.30 -3.56
CA VAL A 15 -0.48 -6.48 -4.19
C VAL A 15 -0.12 -5.28 -5.06
N ALA A 16 1.18 -5.00 -5.18
CA ALA A 16 1.65 -3.88 -5.98
C ALA A 16 2.63 -4.36 -7.04
N PHE A 17 2.21 -4.35 -8.30
CA PHE A 17 3.06 -4.78 -9.40
C PHE A 17 3.63 -3.58 -10.15
N TYR A 18 4.81 -3.14 -9.73
CA TYR A 18 5.46 -2.00 -10.38
C TYR A 18 6.95 -1.96 -10.06
N ASN A 19 7.66 -1.04 -10.67
CA ASN A 19 9.10 -0.87 -10.44
C ASN A 19 9.39 0.52 -9.91
N TYR A 20 8.75 0.87 -8.79
CA TYR A 20 8.93 2.17 -8.16
C TYR A 20 9.97 2.13 -7.05
N ASP A 21 10.72 3.21 -6.90
CA ASP A 21 11.75 3.30 -5.88
C ASP A 21 11.67 4.64 -5.14
N ALA A 22 11.36 4.58 -3.85
CA ALA A 22 11.26 5.78 -3.04
C ALA A 22 12.62 6.47 -2.88
N ARG A 23 12.59 7.77 -2.66
CA ARG A 23 13.82 8.55 -2.49
C ARG A 23 13.82 9.27 -1.15
N GLY A 24 13.17 8.68 -0.16
CA GLY A 24 13.11 9.28 1.16
C GLY A 24 12.18 8.53 2.11
N ALA A 25 12.13 8.97 3.35
CA ALA A 25 11.28 8.34 4.35
C ALA A 25 9.81 8.63 4.09
N ASP A 26 9.53 9.79 3.51
CA ASP A 26 8.17 10.19 3.20
C ASP A 26 7.53 9.21 2.21
N GLU A 27 8.36 8.63 1.34
CA GLU A 27 7.88 7.68 0.35
C GLU A 27 8.41 6.28 0.62
N LEU A 28 7.90 5.30 -0.12
CA LEU A 28 8.33 3.92 0.04
C LEU A 28 8.48 3.24 -1.31
N SER A 29 9.55 2.47 -1.46
CA SER A 29 9.82 1.77 -2.71
C SER A 29 8.88 0.58 -2.87
N LEU A 30 8.51 0.28 -4.11
CA LEU A 30 7.61 -0.83 -4.39
C LEU A 30 8.09 -1.64 -5.60
N GLN A 31 8.03 -2.96 -5.49
CA GLN A 31 8.46 -3.84 -6.57
C GLN A 31 7.35 -4.83 -6.92
N ILE A 32 7.48 -5.45 -8.09
CA ILE A 32 6.49 -6.42 -8.54
C ILE A 32 6.60 -7.73 -7.77
N GLY A 33 5.45 -8.26 -7.37
CA GLY A 33 5.42 -9.50 -6.63
C GLY A 33 5.38 -9.27 -5.12
N ASP A 34 5.47 -8.02 -4.71
CA ASP A 34 5.44 -7.67 -3.29
C ASP A 34 4.04 -7.30 -2.84
N THR A 35 3.71 -7.66 -1.59
CA THR A 35 2.40 -7.36 -1.03
C THR A 35 2.44 -6.02 -0.30
N VAL A 36 1.31 -5.33 -0.26
CA VAL A 36 1.24 -4.04 0.42
C VAL A 36 -0.05 -3.88 1.21
N HIS A 37 0.08 -3.33 2.42
CA HIS A 37 -1.07 -3.11 3.27
C HIS A 37 -1.39 -1.61 3.35
N ILE A 38 -2.49 -1.21 2.72
CA ILE A 38 -2.89 0.18 2.71
C ILE A 38 -3.58 0.59 4.01
N LEU A 39 -3.13 1.70 4.59
CA LEU A 39 -3.71 2.20 5.83
C LEU A 39 -4.52 3.47 5.58
N GLU A 40 -4.26 4.13 4.45
CA GLU A 40 -4.98 5.34 4.09
C GLU A 40 -5.31 5.34 2.59
N THR A 41 -6.40 6.00 2.23
CA THR A 41 -6.81 6.07 0.83
C THR A 41 -7.42 7.43 0.49
N TYR A 42 -7.76 7.61 -0.79
CA TYR A 42 -8.37 8.85 -1.25
C TYR A 42 -8.72 8.78 -2.73
N GLU A 43 -7.68 8.73 -3.57
CA GLU A 43 -7.88 8.66 -5.02
C GLU A 43 -6.53 8.64 -5.73
N GLY A 44 -6.13 7.44 -6.18
CA GLY A 44 -4.85 7.31 -6.87
C GLY A 44 -3.69 7.78 -6.01
N TRP A 45 -3.84 7.63 -4.70
CA TRP A 45 -2.81 8.03 -3.75
C TRP A 45 -3.11 7.46 -2.37
N TYR A 46 -2.54 6.30 -2.08
CA TYR A 46 -2.77 5.64 -0.80
C TYR A 46 -1.46 5.47 -0.03
N ARG A 47 -1.58 5.31 1.28
CA ARG A 47 -0.41 5.13 2.15
C ARG A 47 -0.45 3.76 2.82
N GLY A 48 0.68 3.07 2.79
CA GLY A 48 0.75 1.75 3.40
C GLY A 48 2.17 1.24 3.52
N TYR A 49 2.33 -0.06 3.69
CA TYR A 49 3.65 -0.67 3.81
C TYR A 49 3.63 -2.12 3.34
N THR A 50 4.76 -2.58 2.81
CA THR A 50 4.87 -3.95 2.33
C THR A 50 5.14 -4.91 3.48
N LEU A 51 4.57 -6.11 3.38
CA LEU A 51 4.75 -7.12 4.43
C LEU A 51 6.22 -7.47 4.60
N ARG A 52 6.99 -7.32 3.53
CA ARG A 52 8.43 -7.62 3.57
C ARG A 52 9.15 -6.66 4.50
N LYS A 53 8.76 -5.39 4.45
CA LYS A 53 9.38 -4.36 5.30
C LYS A 53 8.32 -3.44 5.88
N LYS A 54 7.68 -3.87 6.96
CA LYS A 54 6.66 -3.07 7.61
C LYS A 54 7.26 -1.90 8.38
N SER A 55 8.55 -2.02 8.72
CA SER A 55 9.25 -0.96 9.45
C SER A 55 9.13 0.38 8.73
N LYS A 56 9.22 0.35 7.41
CA LYS A 56 9.13 1.56 6.62
C LYS A 56 7.72 1.74 6.07
N LYS A 57 7.32 3.01 5.88
CA LYS A 57 5.99 3.32 5.37
C LYS A 57 6.09 4.31 4.21
N GLY A 58 5.09 4.27 3.33
CA GLY A 58 5.09 5.17 2.19
C GLY A 58 3.76 5.18 1.47
N ILE A 59 3.71 5.87 0.33
CA ILE A 59 2.49 5.96 -0.47
C ILE A 59 2.74 5.50 -1.90
N PHE A 60 1.68 5.08 -2.58
CA PHE A 60 1.79 4.61 -3.96
C PHE A 60 0.49 4.83 -4.72
N PRO A 61 0.58 5.01 -6.05
CA PRO A 61 -0.60 5.22 -6.90
C PRO A 61 -1.44 3.95 -7.03
N ALA A 62 -2.76 4.12 -7.02
CA ALA A 62 -3.68 2.99 -7.14
C ALA A 62 -3.66 2.41 -8.55
N SER A 63 -3.01 3.10 -9.48
CA SER A 63 -2.92 2.65 -10.87
C SER A 63 -2.46 1.19 -10.97
N TYR A 64 -1.74 0.72 -9.96
CA TYR A 64 -1.24 -0.64 -9.96
C TYR A 64 -1.42 -1.31 -8.61
N ILE A 65 -2.59 -1.13 -7.99
CA ILE A 65 -2.87 -1.72 -6.70
C ILE A 65 -4.13 -2.58 -6.75
N HIS A 66 -3.99 -3.85 -6.35
CA HIS A 66 -5.11 -4.77 -6.35
C HIS A 66 -5.26 -5.46 -5.00
N LEU A 67 -6.41 -5.27 -4.36
CA LEU A 67 -6.66 -5.87 -3.05
C LEU A 67 -7.06 -7.33 -3.19
N LYS A 68 -6.44 -8.19 -2.39
CA LYS A 68 -6.73 -9.62 -2.43
C LYS A 68 -7.68 -10.01 -1.30
N GLU A 69 -8.19 -11.24 -1.37
CA GLU A 69 -9.11 -11.73 -0.35
C GLU A 69 -8.38 -12.02 0.95
N ALA A 70 -8.36 -11.02 1.84
CA ALA A 70 -7.70 -11.15 3.13
C ALA A 70 -8.58 -11.89 4.13
N ILE A 71 -8.13 -13.07 4.56
CA ILE A 71 -8.88 -13.87 5.51
C ILE A 71 -8.90 -13.21 6.89
N VAL A 72 -10.04 -13.31 7.57
CA VAL A 72 -10.19 -12.73 8.90
C VAL A 72 -10.85 -13.71 9.86
N GLU A 73 -10.61 -14.99 9.64
CA GLU A 73 -11.19 -16.03 10.49
C GLU A 73 -10.12 -16.69 11.35
N GLY A 74 -10.53 -17.22 12.49
CA GLY A 74 -9.58 -17.87 13.39
C GLY A 74 -8.70 -16.87 14.11
N MET A 1 -6.77 14.39 11.23
CA MET A 1 -6.44 12.98 11.53
C MET A 1 -7.11 12.02 10.55
N THR A 2 -8.43 12.16 10.39
CA THR A 2 -9.17 11.30 9.48
C THR A 2 -9.58 12.09 8.23
N ARG A 3 -8.73 13.01 7.81
CA ARG A 3 -9.00 13.83 6.64
C ARG A 3 -8.44 13.17 5.37
N TRP A 4 -7.21 12.70 5.46
CA TRP A 4 -6.56 12.05 4.33
C TRP A 4 -6.72 10.54 4.40
N VAL A 5 -7.71 10.07 5.15
CA VAL A 5 -7.94 8.63 5.29
C VAL A 5 -9.41 8.28 5.02
N PRO A 6 -9.77 8.02 3.75
CA PRO A 6 -11.12 7.67 3.36
C PRO A 6 -11.38 6.17 3.42
N THR A 7 -10.32 5.38 3.25
CA THR A 7 -10.41 3.93 3.28
C THR A 7 -11.13 3.45 4.54
N LYS A 8 -12.32 2.89 4.36
CA LYS A 8 -13.12 2.40 5.49
C LYS A 8 -13.59 0.97 5.22
N ARG A 9 -13.20 0.05 6.11
CA ARG A 9 -13.57 -1.35 5.98
C ARG A 9 -12.97 -1.96 4.71
N GLU A 10 -11.66 -2.18 4.74
CA GLU A 10 -10.96 -2.75 3.60
C GLU A 10 -10.88 -4.27 3.72
N GLU A 11 -10.46 -4.93 2.64
CA GLU A 11 -10.34 -6.38 2.62
C GLU A 11 -9.29 -6.85 3.62
N LYS A 12 -8.03 -6.54 3.34
CA LYS A 12 -6.93 -6.93 4.21
C LYS A 12 -5.59 -6.43 3.67
N TYR A 13 -5.18 -6.97 2.53
CA TYR A 13 -3.92 -6.58 1.92
C TYR A 13 -4.10 -6.30 0.43
N GLY A 14 -3.02 -5.91 -0.23
CA GLY A 14 -3.08 -5.62 -1.65
C GLY A 14 -1.73 -5.81 -2.33
N VAL A 15 -1.75 -6.34 -3.54
CA VAL A 15 -0.52 -6.55 -4.30
C VAL A 15 -0.25 -5.41 -5.26
N ALA A 16 1.03 -5.11 -5.48
CA ALA A 16 1.42 -4.03 -6.37
C ALA A 16 2.42 -4.52 -7.40
N PHE A 17 2.09 -4.35 -8.68
CA PHE A 17 2.98 -4.76 -9.75
C PHE A 17 3.52 -3.56 -10.50
N TYR A 18 4.68 -3.07 -10.06
CA TYR A 18 5.32 -1.93 -10.69
C TYR A 18 6.80 -1.85 -10.32
N ASN A 19 7.51 -0.91 -10.93
CA ASN A 19 8.93 -0.73 -10.64
C ASN A 19 9.16 0.67 -10.06
N TYR A 20 8.46 0.96 -8.96
CA TYR A 20 8.58 2.26 -8.31
C TYR A 20 9.73 2.28 -7.30
N ASP A 21 10.35 3.45 -7.16
CA ASP A 21 11.46 3.61 -6.23
C ASP A 21 11.19 4.78 -5.29
N ALA A 22 11.71 4.69 -4.06
CA ALA A 22 11.53 5.73 -3.07
C ALA A 22 12.73 6.66 -3.01
N ARG A 23 12.49 7.92 -2.66
CA ARG A 23 13.54 8.91 -2.56
C ARG A 23 13.79 9.29 -1.10
N GLY A 24 12.81 9.03 -0.25
CA GLY A 24 12.94 9.35 1.16
C GLY A 24 12.05 8.51 2.05
N ALA A 25 11.91 8.91 3.30
CA ALA A 25 11.08 8.19 4.25
C ALA A 25 9.60 8.36 3.95
N ASP A 26 9.25 9.51 3.38
CA ASP A 26 7.87 9.81 3.04
C ASP A 26 7.32 8.81 2.02
N GLU A 27 8.22 8.32 1.17
CA GLU A 27 7.83 7.35 0.14
C GLU A 27 8.48 5.99 0.38
N LEU A 28 8.11 5.02 -0.44
CA LEU A 28 8.66 3.67 -0.31
C LEU A 28 8.78 3.00 -1.67
N SER A 29 9.93 2.38 -1.94
CA SER A 29 10.17 1.71 -3.20
C SER A 29 9.21 0.53 -3.39
N LEU A 30 8.45 0.57 -4.47
CA LEU A 30 7.50 -0.50 -4.76
C LEU A 30 8.01 -1.39 -5.89
N GLN A 31 7.84 -2.70 -5.73
CA GLN A 31 8.29 -3.67 -6.72
C GLN A 31 7.19 -4.69 -7.02
N ILE A 32 7.26 -5.31 -8.19
CA ILE A 32 6.28 -6.30 -8.59
C ILE A 32 6.39 -7.56 -7.73
N GLY A 33 5.24 -8.13 -7.39
CA GLY A 33 5.22 -9.34 -6.58
C GLY A 33 5.25 -9.03 -5.09
N ASP A 34 5.32 -7.75 -4.74
CA ASP A 34 5.36 -7.35 -3.35
C ASP A 34 3.97 -7.00 -2.82
N THR A 35 3.68 -7.41 -1.59
CA THR A 35 2.40 -7.12 -0.98
C THR A 35 2.47 -5.85 -0.16
N VAL A 36 1.36 -5.15 -0.04
CA VAL A 36 1.32 -3.90 0.72
C VAL A 36 0.04 -3.76 1.53
N HIS A 37 0.18 -3.22 2.73
CA HIS A 37 -0.96 -3.00 3.62
C HIS A 37 -1.40 -1.55 3.54
N ILE A 38 -2.55 -1.33 2.90
CA ILE A 38 -3.07 0.02 2.74
C ILE A 38 -3.60 0.59 4.05
N LEU A 39 -2.88 1.55 4.59
CA LEU A 39 -3.27 2.20 5.85
C LEU A 39 -4.10 3.43 5.57
N GLU A 40 -3.68 4.21 4.58
CA GLU A 40 -4.39 5.43 4.20
C GLU A 40 -4.78 5.39 2.73
N THR A 41 -5.67 6.29 2.32
CA THR A 41 -6.13 6.36 0.94
C THR A 41 -6.44 7.79 0.54
N TYR A 42 -6.62 8.03 -0.77
CA TYR A 42 -6.92 9.37 -1.26
C TYR A 42 -7.16 9.36 -2.77
N GLU A 43 -7.79 8.30 -3.26
CA GLU A 43 -8.09 8.18 -4.69
C GLU A 43 -6.80 8.17 -5.50
N GLY A 44 -6.37 6.97 -5.90
CA GLY A 44 -5.14 6.86 -6.67
C GLY A 44 -3.95 7.37 -5.89
N TRP A 45 -4.04 7.33 -4.57
CA TRP A 45 -2.98 7.80 -3.70
C TRP A 45 -3.19 7.25 -2.30
N TYR A 46 -2.57 6.12 -2.00
CA TYR A 46 -2.71 5.48 -0.69
C TYR A 46 -1.37 5.36 0.02
N ARG A 47 -1.42 5.37 1.35
CA ARG A 47 -0.21 5.27 2.16
C ARG A 47 -0.23 4.00 2.99
N GLY A 48 0.50 2.98 2.53
CA GLY A 48 0.55 1.72 3.24
C GLY A 48 1.96 1.20 3.41
N TYR A 49 2.11 0.18 4.24
CA TYR A 49 3.43 -0.41 4.48
C TYR A 49 3.51 -1.82 3.88
N THR A 50 4.65 -2.12 3.27
CA THR A 50 4.86 -3.43 2.65
C THR A 50 4.96 -4.52 3.71
N LEU A 51 4.51 -5.72 3.36
CA LEU A 51 4.55 -6.85 4.28
C LEU A 51 5.99 -7.20 4.67
N ARG A 52 6.89 -7.09 3.69
CA ARG A 52 8.30 -7.38 3.93
C ARG A 52 8.96 -6.30 4.77
N LYS A 53 8.46 -5.07 4.63
CA LYS A 53 9.00 -3.94 5.37
C LYS A 53 7.93 -3.28 6.24
N LYS A 54 7.57 -3.95 7.34
CA LYS A 54 6.56 -3.44 8.25
C LYS A 54 7.13 -2.39 9.20
N SER A 55 8.43 -2.12 9.08
CA SER A 55 9.09 -1.15 9.94
C SER A 55 8.90 0.27 9.40
N LYS A 56 8.78 0.41 8.09
CA LYS A 56 8.59 1.71 7.46
C LYS A 56 7.31 1.75 6.64
N LYS A 57 6.76 2.95 6.47
CA LYS A 57 5.54 3.13 5.71
C LYS A 57 5.80 3.98 4.47
N GLY A 58 4.96 3.82 3.45
CA GLY A 58 5.12 4.58 2.23
C GLY A 58 3.82 4.80 1.50
N ILE A 59 3.90 5.46 0.34
CA ILE A 59 2.72 5.74 -0.47
C ILE A 59 2.89 5.24 -1.89
N PHE A 60 1.78 4.96 -2.57
CA PHE A 60 1.82 4.47 -3.94
C PHE A 60 0.48 4.69 -4.64
N PRO A 61 0.50 4.82 -5.98
CA PRO A 61 -0.71 5.03 -6.77
C PRO A 61 -1.46 3.74 -7.03
N ALA A 62 -2.79 3.81 -7.01
CA ALA A 62 -3.64 2.65 -7.25
C ALA A 62 -3.54 2.15 -8.69
N SER A 63 -2.89 2.94 -9.55
CA SER A 63 -2.75 2.59 -10.96
C SER A 63 -2.23 1.15 -11.14
N TYR A 64 -1.53 0.63 -10.14
CA TYR A 64 -1.00 -0.73 -10.24
C TYR A 64 -1.26 -1.53 -8.96
N ILE A 65 -2.28 -1.16 -8.22
CA ILE A 65 -2.62 -1.85 -6.97
C ILE A 65 -3.83 -2.76 -7.17
N HIS A 66 -3.84 -3.88 -6.46
CA HIS A 66 -4.94 -4.83 -6.53
C HIS A 66 -5.13 -5.55 -5.19
N LEU A 67 -6.25 -5.28 -4.53
CA LEU A 67 -6.55 -5.89 -3.24
C LEU A 67 -6.80 -7.38 -3.39
N LYS A 68 -6.30 -8.16 -2.45
CA LYS A 68 -6.48 -9.61 -2.46
C LYS A 68 -7.78 -10.00 -1.79
N GLU A 69 -8.01 -11.31 -1.65
CA GLU A 69 -9.22 -11.82 -1.02
C GLU A 69 -8.88 -12.75 0.13
N ALA A 70 -7.96 -12.31 0.99
CA ALA A 70 -7.54 -13.10 2.14
C ALA A 70 -6.88 -14.40 1.70
N ILE A 71 -5.88 -14.29 0.83
CA ILE A 71 -5.16 -15.46 0.33
C ILE A 71 -6.09 -16.37 -0.47
N VAL A 72 -5.58 -16.88 -1.58
CA VAL A 72 -6.36 -17.78 -2.43
C VAL A 72 -5.99 -19.24 -2.19
N GLU A 73 -6.90 -19.99 -1.60
CA GLU A 73 -6.67 -21.40 -1.32
C GLU A 73 -7.97 -22.20 -1.43
N GLY A 74 -7.87 -23.39 -2.00
CA GLY A 74 -9.05 -24.24 -2.15
C GLY A 74 -8.81 -25.39 -3.10
N MET A 1 -6.62 19.13 12.64
CA MET A 1 -6.17 17.87 13.28
C MET A 1 -5.76 16.83 12.24
N THR A 2 -6.65 16.60 11.27
CA THR A 2 -6.38 15.63 10.21
C THR A 2 -6.76 16.19 8.84
N ARG A 3 -6.08 15.72 7.81
CA ARG A 3 -6.35 16.17 6.45
C ARG A 3 -6.69 14.99 5.54
N TRP A 4 -5.91 13.91 5.67
CA TRP A 4 -6.14 12.72 4.86
C TRP A 4 -7.16 11.80 5.52
N VAL A 5 -7.42 10.65 4.89
CA VAL A 5 -8.39 9.70 5.42
C VAL A 5 -7.83 8.28 5.40
N PRO A 6 -8.16 7.46 6.42
CA PRO A 6 -7.69 6.08 6.52
C PRO A 6 -8.29 5.19 5.43
N THR A 7 -8.21 3.87 5.63
CA THR A 7 -8.74 2.92 4.66
C THR A 7 -9.40 1.74 5.38
N LYS A 8 -10.64 1.94 5.81
CA LYS A 8 -11.38 0.89 6.50
C LYS A 8 -12.14 0.02 5.51
N ARG A 9 -11.44 -0.95 4.92
CA ARG A 9 -12.06 -1.86 3.97
C ARG A 9 -11.06 -2.91 3.49
N GLU A 10 -11.41 -3.62 2.42
CA GLU A 10 -10.54 -4.65 1.87
C GLU A 10 -10.33 -5.78 2.87
N GLU A 11 -10.07 -6.98 2.35
CA GLU A 11 -9.86 -8.15 3.21
C GLU A 11 -8.69 -7.92 4.16
N LYS A 12 -7.51 -7.69 3.60
CA LYS A 12 -6.31 -7.45 4.40
C LYS A 12 -5.33 -6.55 3.67
N TYR A 13 -4.72 -7.07 2.61
CA TYR A 13 -3.75 -6.32 1.82
C TYR A 13 -3.89 -6.64 0.33
N GLY A 14 -3.07 -6.00 -0.48
CA GLY A 14 -3.11 -6.23 -1.92
C GLY A 14 -1.73 -6.30 -2.54
N VAL A 15 -1.67 -6.73 -3.79
CA VAL A 15 -0.40 -6.83 -4.51
C VAL A 15 -0.11 -5.56 -5.29
N ALA A 16 1.16 -5.19 -5.37
CA ALA A 16 1.56 -3.99 -6.10
C ALA A 16 2.58 -4.32 -7.18
N PHE A 17 2.13 -4.35 -8.42
CA PHE A 17 3.02 -4.64 -9.55
C PHE A 17 3.58 -3.36 -10.14
N TYR A 18 4.75 -2.95 -9.65
CA TYR A 18 5.39 -1.74 -10.14
C TYR A 18 6.87 -1.73 -9.76
N ASN A 19 7.63 -0.84 -10.39
CA ASN A 19 9.05 -0.72 -10.13
C ASN A 19 9.36 0.62 -9.46
N TYR A 20 8.65 0.93 -8.39
CA TYR A 20 8.84 2.18 -7.66
C TYR A 20 10.07 2.11 -6.77
N ASP A 21 10.79 3.22 -6.68
CA ASP A 21 11.99 3.30 -5.85
C ASP A 21 12.06 4.63 -5.12
N ALA A 22 11.43 4.68 -3.94
CA ALA A 22 11.41 5.89 -3.14
C ALA A 22 12.83 6.33 -2.78
N ARG A 23 13.01 7.64 -2.62
CA ARG A 23 14.31 8.19 -2.27
C ARG A 23 14.34 8.67 -0.82
N GLY A 24 13.16 8.93 -0.27
CA GLY A 24 13.09 9.40 1.11
C GLY A 24 12.00 8.67 1.90
N ALA A 25 11.82 9.09 3.15
CA ALA A 25 10.82 8.47 4.02
C ALA A 25 9.41 8.81 3.55
N ASP A 26 9.27 9.95 2.89
CA ASP A 26 7.96 10.38 2.39
C ASP A 26 7.34 9.32 1.48
N GLU A 27 8.19 8.56 0.80
CA GLU A 27 7.72 7.51 -0.09
C GLU A 27 8.29 6.16 0.32
N LEU A 28 7.84 5.10 -0.35
CA LEU A 28 8.30 3.74 -0.06
C LEU A 28 8.55 2.97 -1.34
N SER A 29 9.67 2.25 -1.38
CA SER A 29 10.03 1.46 -2.54
C SER A 29 8.98 0.39 -2.83
N LEU A 30 8.52 0.34 -4.07
CA LEU A 30 7.51 -0.63 -4.48
C LEU A 30 8.07 -1.60 -5.52
N GLN A 31 7.95 -2.89 -5.25
CA GLN A 31 8.45 -3.91 -6.16
C GLN A 31 7.31 -4.79 -6.67
N ILE A 32 7.50 -5.35 -7.86
CA ILE A 32 6.49 -6.22 -8.47
C ILE A 32 6.40 -7.55 -7.74
N GLY A 33 5.18 -7.97 -7.45
CA GLY A 33 4.97 -9.24 -6.76
C GLY A 33 4.95 -9.08 -5.25
N ASP A 34 5.15 -7.86 -4.77
CA ASP A 34 5.16 -7.59 -3.33
C ASP A 34 3.78 -7.12 -2.86
N THR A 35 3.41 -7.53 -1.65
CA THR A 35 2.13 -7.15 -1.07
C THR A 35 2.27 -5.88 -0.24
N VAL A 36 1.17 -5.17 -0.05
CA VAL A 36 1.18 -3.93 0.72
C VAL A 36 -0.12 -3.73 1.49
N HIS A 37 0.02 -3.30 2.75
CA HIS A 37 -1.14 -3.06 3.60
C HIS A 37 -1.50 -1.58 3.60
N ILE A 38 -2.62 -1.24 2.97
CA ILE A 38 -3.07 0.15 2.88
C ILE A 38 -3.75 0.59 4.17
N LEU A 39 -3.40 1.78 4.64
CA LEU A 39 -3.98 2.34 5.87
C LEU A 39 -4.66 3.67 5.58
N GLU A 40 -4.12 4.42 4.63
CA GLU A 40 -4.68 5.72 4.25
C GLU A 40 -4.93 5.78 2.75
N THR A 41 -6.03 6.45 2.36
CA THR A 41 -6.37 6.57 0.95
C THR A 41 -6.72 8.02 0.60
N TYR A 42 -6.90 8.29 -0.69
CA TYR A 42 -7.24 9.62 -1.16
C TYR A 42 -7.46 9.63 -2.67
N GLU A 43 -8.07 8.56 -3.18
CA GLU A 43 -8.34 8.46 -4.61
C GLU A 43 -7.04 8.44 -5.40
N GLY A 44 -6.60 7.26 -5.81
CA GLY A 44 -5.38 7.14 -6.56
C GLY A 44 -4.17 7.65 -5.80
N TRP A 45 -4.15 7.37 -4.50
CA TRP A 45 -3.06 7.81 -3.63
C TRP A 45 -3.25 7.28 -2.23
N TYR A 46 -2.69 6.10 -1.95
CA TYR A 46 -2.83 5.48 -0.63
C TYR A 46 -1.47 5.27 0.02
N ARG A 47 -1.48 5.23 1.35
CA ARG A 47 -0.25 5.02 2.12
C ARG A 47 -0.35 3.74 2.93
N GLY A 48 0.78 3.07 3.12
CA GLY A 48 0.79 1.84 3.88
C GLY A 48 2.18 1.26 4.04
N TYR A 49 2.24 -0.03 4.36
CA TYR A 49 3.52 -0.71 4.55
C TYR A 49 3.52 -2.07 3.87
N THR A 50 4.64 -2.42 3.25
CA THR A 50 4.78 -3.70 2.56
C THR A 50 4.82 -4.85 3.56
N LEU A 51 4.43 -6.04 3.12
CA LEU A 51 4.44 -7.21 3.99
C LEU A 51 5.85 -7.56 4.42
N ARG A 52 6.82 -7.25 3.57
CA ARG A 52 8.22 -7.53 3.86
C ARG A 52 8.83 -6.43 4.73
N LYS A 53 8.61 -5.19 4.34
CA LYS A 53 9.14 -4.05 5.09
C LYS A 53 8.04 -3.39 5.91
N LYS A 54 7.76 -3.97 7.07
CA LYS A 54 6.73 -3.44 7.96
C LYS A 54 7.15 -2.10 8.55
N SER A 55 8.46 -1.92 8.73
CA SER A 55 8.99 -0.69 9.29
C SER A 55 8.84 0.48 8.31
N LYS A 56 9.34 0.29 7.10
CA LYS A 56 9.27 1.31 6.06
C LYS A 56 7.83 1.52 5.61
N LYS A 57 7.45 2.79 5.42
CA LYS A 57 6.10 3.13 4.99
C LYS A 57 6.12 4.23 3.93
N GLY A 58 5.20 4.16 2.98
CA GLY A 58 5.14 5.15 1.93
C GLY A 58 3.81 5.14 1.20
N ILE A 59 3.70 5.99 0.18
CA ILE A 59 2.48 6.08 -0.61
C ILE A 59 2.68 5.50 -2.01
N PHE A 60 1.59 5.06 -2.63
CA PHE A 60 1.66 4.49 -3.96
C PHE A 60 0.33 4.69 -4.71
N PRO A 61 0.37 4.75 -6.05
CA PRO A 61 -0.82 4.93 -6.88
C PRO A 61 -1.71 3.69 -6.90
N ALA A 62 -3.02 3.91 -6.92
CA ALA A 62 -3.98 2.79 -6.95
C ALA A 62 -3.95 2.08 -8.29
N SER A 63 -3.58 2.80 -9.35
CA SER A 63 -3.52 2.23 -10.69
C SER A 63 -2.54 1.06 -10.75
N TYR A 64 -1.59 1.03 -9.83
CA TYR A 64 -0.59 -0.04 -9.80
C TYR A 64 -0.73 -0.89 -8.54
N ILE A 65 -1.97 -1.19 -8.17
CA ILE A 65 -2.25 -2.00 -6.99
C ILE A 65 -3.37 -3.00 -7.28
N HIS A 66 -3.44 -4.05 -6.48
CA HIS A 66 -4.45 -5.09 -6.63
C HIS A 66 -4.89 -5.64 -5.27
N LEU A 67 -6.19 -5.59 -5.01
CA LEU A 67 -6.73 -6.08 -3.74
C LEU A 67 -6.77 -7.61 -3.72
N LYS A 68 -6.13 -8.21 -2.73
CA LYS A 68 -6.11 -9.66 -2.60
C LYS A 68 -7.32 -10.16 -1.82
N GLU A 69 -7.48 -11.47 -1.77
CA GLU A 69 -8.61 -12.07 -1.05
C GLU A 69 -8.14 -12.71 0.25
N ALA A 70 -7.04 -12.20 0.80
CA ALA A 70 -6.49 -12.72 2.05
C ALA A 70 -6.15 -14.21 1.93
N ILE A 71 -4.86 -14.50 1.92
CA ILE A 71 -4.40 -15.89 1.82
C ILE A 71 -3.52 -16.27 3.01
N VAL A 72 -4.08 -17.03 3.94
CA VAL A 72 -3.36 -17.46 5.12
C VAL A 72 -2.63 -18.78 4.87
N GLU A 73 -1.74 -18.78 3.88
CA GLU A 73 -0.98 -19.97 3.53
C GLU A 73 0.51 -19.66 3.45
N GLY A 74 0.98 -18.83 4.38
CA GLY A 74 2.38 -18.47 4.41
C GLY A 74 2.61 -17.04 4.85
N MET A 1 -7.08 20.04 11.10
CA MET A 1 -5.82 19.42 11.61
C MET A 1 -5.49 18.15 10.85
N THR A 2 -6.39 17.16 10.92
CA THR A 2 -6.19 15.89 10.24
C THR A 2 -6.98 15.84 8.93
N ARG A 3 -6.58 14.95 8.04
CA ARG A 3 -7.25 14.79 6.74
C ARG A 3 -7.06 13.39 6.19
N TRP A 4 -7.39 13.20 4.92
CA TRP A 4 -7.25 11.91 4.27
C TRP A 4 -8.18 10.88 4.92
N VAL A 5 -9.04 10.28 4.12
CA VAL A 5 -9.99 9.28 4.61
C VAL A 5 -9.27 8.14 5.34
N PRO A 6 -9.98 7.46 6.26
CA PRO A 6 -9.42 6.36 7.03
C PRO A 6 -9.54 5.03 6.29
N THR A 7 -9.19 5.03 5.00
CA THR A 7 -9.25 3.82 4.17
C THR A 7 -10.53 3.04 4.41
N LYS A 8 -11.53 3.27 3.58
CA LYS A 8 -12.81 2.58 3.69
C LYS A 8 -13.18 1.91 2.36
N ARG A 9 -14.24 1.11 2.39
CA ARG A 9 -14.69 0.41 1.19
C ARG A 9 -13.61 -0.54 0.67
N GLU A 10 -12.80 -1.05 1.58
CA GLU A 10 -11.72 -1.96 1.23
C GLU A 10 -11.74 -3.21 2.11
N GLU A 11 -10.78 -4.09 1.89
CA GLU A 11 -10.70 -5.33 2.67
C GLU A 11 -9.58 -5.25 3.70
N LYS A 12 -8.34 -5.47 3.24
CA LYS A 12 -7.18 -5.42 4.12
C LYS A 12 -5.94 -4.95 3.37
N TYR A 13 -5.35 -5.85 2.59
CA TYR A 13 -4.16 -5.54 1.81
C TYR A 13 -4.26 -6.11 0.41
N GLY A 14 -3.31 -5.72 -0.45
CA GLY A 14 -3.31 -6.21 -1.82
C GLY A 14 -1.90 -6.39 -2.36
N VAL A 15 -1.79 -6.47 -3.68
CA VAL A 15 -0.48 -6.65 -4.32
C VAL A 15 -0.16 -5.46 -5.21
N ALA A 16 1.12 -5.09 -5.25
CA ALA A 16 1.56 -3.96 -6.06
C ALA A 16 2.54 -4.44 -7.14
N PHE A 17 2.13 -4.31 -8.40
CA PHE A 17 2.98 -4.73 -9.51
C PHE A 17 3.51 -3.51 -10.27
N TYR A 18 4.68 -3.04 -9.87
CA TYR A 18 5.30 -1.89 -10.50
C TYR A 18 6.79 -1.83 -10.19
N ASN A 19 7.49 -0.89 -10.82
CA ASN A 19 8.92 -0.72 -10.61
C ASN A 19 9.21 0.69 -10.09
N TYR A 20 8.66 1.01 -8.93
CA TYR A 20 8.84 2.32 -8.33
C TYR A 20 9.93 2.29 -7.27
N ASP A 21 10.73 3.36 -7.21
CA ASP A 21 11.81 3.46 -6.24
C ASP A 21 11.72 4.77 -5.47
N ALA A 22 11.43 4.68 -4.18
CA ALA A 22 11.31 5.85 -3.33
C ALA A 22 12.60 6.68 -3.35
N ARG A 23 12.45 7.99 -3.13
CA ARG A 23 13.60 8.89 -3.12
C ARG A 23 13.93 9.34 -1.71
N GLY A 24 12.94 9.27 -0.82
CA GLY A 24 13.15 9.67 0.56
C GLY A 24 12.35 8.84 1.54
N ALA A 25 12.36 9.24 2.80
CA ALA A 25 11.63 8.52 3.84
C ALA A 25 10.12 8.73 3.69
N ASP A 26 9.73 9.88 3.17
CA ASP A 26 8.32 10.19 2.97
C ASP A 26 7.65 9.16 2.05
N GLU A 27 8.44 8.61 1.12
CA GLU A 27 7.92 7.61 0.20
C GLU A 27 8.49 6.23 0.52
N LEU A 28 8.06 5.23 -0.24
CA LEU A 28 8.52 3.87 -0.04
C LEU A 28 8.65 3.14 -1.38
N SER A 29 9.76 2.44 -1.55
CA SER A 29 10.03 1.71 -2.78
C SER A 29 9.03 0.55 -2.95
N LEU A 30 8.56 0.36 -4.17
CA LEU A 30 7.61 -0.71 -4.47
C LEU A 30 8.06 -1.50 -5.70
N GLN A 31 7.97 -2.82 -5.60
CA GLN A 31 8.37 -3.69 -6.70
C GLN A 31 7.30 -4.73 -7.00
N ILE A 32 7.37 -5.34 -8.18
CA ILE A 32 6.40 -6.34 -8.58
C ILE A 32 6.57 -7.63 -7.76
N GLY A 33 5.46 -8.22 -7.36
CA GLY A 33 5.50 -9.44 -6.58
C GLY A 33 5.44 -9.19 -5.09
N ASP A 34 5.51 -7.92 -4.70
CA ASP A 34 5.46 -7.55 -3.29
C ASP A 34 4.04 -7.21 -2.86
N THR A 35 3.73 -7.46 -1.59
CA THR A 35 2.41 -7.16 -1.05
C THR A 35 2.45 -5.88 -0.21
N VAL A 36 1.37 -5.12 -0.25
CA VAL A 36 1.30 -3.88 0.50
C VAL A 36 -0.03 -3.74 1.23
N HIS A 37 0.03 -3.29 2.48
CA HIS A 37 -1.17 -3.09 3.28
C HIS A 37 -1.59 -1.63 3.27
N ILE A 38 -2.68 -1.32 2.57
CA ILE A 38 -3.18 0.04 2.48
C ILE A 38 -3.63 0.57 3.84
N LEU A 39 -2.83 1.45 4.42
CA LEU A 39 -3.16 2.03 5.72
C LEU A 39 -4.05 3.26 5.55
N GLU A 40 -3.91 3.93 4.41
CA GLU A 40 -4.70 5.12 4.12
C GLU A 40 -4.93 5.25 2.61
N THR A 41 -6.04 5.86 2.23
CA THR A 41 -6.36 6.04 0.81
C THR A 41 -6.75 7.49 0.52
N TYR A 42 -6.93 7.80 -0.76
CA TYR A 42 -7.30 9.14 -1.18
C TYR A 42 -7.51 9.21 -2.69
N GLU A 43 -7.99 8.11 -3.27
CA GLU A 43 -8.23 8.06 -4.71
C GLU A 43 -6.95 8.32 -5.50
N GLY A 44 -6.30 7.24 -5.92
CA GLY A 44 -5.06 7.38 -6.67
C GLY A 44 -3.91 7.88 -5.81
N TRP A 45 -3.92 7.47 -4.55
CA TRP A 45 -2.88 7.87 -3.61
C TRP A 45 -3.16 7.25 -2.24
N TYR A 46 -2.57 6.09 -1.99
CA TYR A 46 -2.77 5.39 -0.72
C TYR A 46 -1.45 5.20 0.03
N ARG A 47 -1.53 5.24 1.36
CA ARG A 47 -0.36 5.06 2.20
C ARG A 47 -0.46 3.75 2.98
N GLY A 48 0.57 2.92 2.89
CA GLY A 48 0.56 1.65 3.58
C GLY A 48 1.95 1.15 3.90
N TYR A 49 2.05 -0.13 4.25
CA TYR A 49 3.33 -0.73 4.59
C TYR A 49 3.46 -2.11 3.93
N THR A 50 4.56 -2.30 3.20
CA THR A 50 4.80 -3.57 2.52
C THR A 50 4.91 -4.71 3.52
N LEU A 51 4.43 -5.89 3.13
CA LEU A 51 4.47 -7.07 3.99
C LEU A 51 5.90 -7.38 4.42
N ARG A 52 6.85 -7.03 3.56
CA ARG A 52 8.26 -7.28 3.86
C ARG A 52 8.82 -6.20 4.77
N LYS A 53 8.40 -4.96 4.55
CA LYS A 53 8.86 -3.84 5.36
C LYS A 53 7.74 -3.33 6.26
N LYS A 54 7.46 -4.08 7.32
CA LYS A 54 6.41 -3.70 8.26
C LYS A 54 6.86 -2.57 9.19
N SER A 55 8.15 -2.28 9.16
CA SER A 55 8.70 -1.22 10.00
C SER A 55 8.67 0.13 9.29
N LYS A 56 8.77 0.08 7.95
CA LYS A 56 8.76 1.31 7.15
C LYS A 56 7.39 1.54 6.53
N LYS A 57 7.07 2.80 6.27
CA LYS A 57 5.79 3.16 5.68
C LYS A 57 5.99 4.10 4.49
N GLY A 58 5.00 4.15 3.62
CA GLY A 58 5.09 5.00 2.45
C GLY A 58 3.78 5.11 1.69
N ILE A 59 3.81 5.76 0.53
CA ILE A 59 2.61 5.94 -0.28
C ILE A 59 2.83 5.38 -1.69
N PHE A 60 1.74 5.00 -2.34
CA PHE A 60 1.81 4.45 -3.69
C PHE A 60 0.49 4.68 -4.43
N PRO A 61 0.56 4.84 -5.77
CA PRO A 61 -0.62 5.05 -6.59
C PRO A 61 -1.40 3.77 -6.86
N ALA A 62 -2.72 3.87 -6.88
CA ALA A 62 -3.59 2.73 -7.12
C ALA A 62 -3.46 2.20 -8.55
N SER A 63 -2.78 2.96 -9.40
CA SER A 63 -2.60 2.59 -10.81
C SER A 63 -2.13 1.14 -10.96
N TYR A 64 -1.47 0.60 -9.94
CA TYR A 64 -0.97 -0.77 -10.00
C TYR A 64 -1.26 -1.53 -8.70
N ILE A 65 -2.31 -1.14 -8.00
CA ILE A 65 -2.67 -1.81 -6.75
C ILE A 65 -3.91 -2.68 -6.93
N HIS A 66 -3.86 -3.88 -6.38
CA HIS A 66 -4.97 -4.83 -6.47
C HIS A 66 -5.23 -5.49 -5.12
N LEU A 67 -6.44 -5.31 -4.61
CA LEU A 67 -6.82 -5.90 -3.33
C LEU A 67 -6.97 -7.42 -3.44
N LYS A 68 -6.32 -8.13 -2.52
CA LYS A 68 -6.37 -9.59 -2.52
C LYS A 68 -7.46 -10.08 -1.57
N GLU A 69 -7.54 -11.40 -1.42
CA GLU A 69 -8.54 -12.01 -0.54
C GLU A 69 -7.91 -12.40 0.80
N ALA A 70 -6.85 -11.70 1.18
CA ALA A 70 -6.17 -11.98 2.44
C ALA A 70 -5.56 -13.38 2.45
N ILE A 71 -4.35 -13.50 2.97
CA ILE A 71 -3.66 -14.78 3.04
C ILE A 71 -3.09 -15.02 4.43
N VAL A 72 -3.92 -15.56 5.31
CA VAL A 72 -3.49 -15.84 6.68
C VAL A 72 -3.66 -17.33 7.01
N GLU A 73 -3.33 -17.70 8.24
CA GLU A 73 -3.43 -19.08 8.68
C GLU A 73 -2.44 -19.97 7.94
N GLY A 74 -1.28 -20.19 8.55
CA GLY A 74 -0.26 -21.02 7.92
C GLY A 74 0.86 -21.36 8.88
N MET A 1 -1.73 14.90 10.37
CA MET A 1 -0.92 15.98 9.75
C MET A 1 -1.56 16.50 8.47
N THR A 2 -2.31 15.63 7.79
CA THR A 2 -2.98 16.01 6.56
C THR A 2 -4.37 15.37 6.48
N ARG A 3 -5.31 16.11 5.92
CA ARG A 3 -6.68 15.61 5.79
C ARG A 3 -6.77 14.51 4.74
N TRP A 4 -7.00 13.28 5.19
CA TRP A 4 -7.09 12.14 4.29
C TRP A 4 -8.23 11.21 4.71
N VAL A 5 -8.31 10.05 4.05
CA VAL A 5 -9.36 9.08 4.36
C VAL A 5 -8.77 7.83 5.02
N PRO A 6 -9.46 7.28 6.03
CA PRO A 6 -8.99 6.09 6.74
C PRO A 6 -9.36 4.78 6.03
N THR A 7 -9.40 4.83 4.69
CA THR A 7 -9.73 3.66 3.88
C THR A 7 -10.90 2.86 4.46
N LYS A 8 -12.09 3.11 3.93
CA LYS A 8 -13.28 2.41 4.38
C LYS A 8 -13.70 1.32 3.39
N ARG A 9 -14.32 0.27 3.88
CA ARG A 9 -14.75 -0.83 3.04
C ARG A 9 -13.56 -1.51 2.38
N GLU A 10 -12.97 -2.47 3.07
CA GLU A 10 -11.81 -3.19 2.54
C GLU A 10 -11.63 -4.52 3.26
N GLU A 11 -10.66 -5.31 2.81
CA GLU A 11 -10.39 -6.60 3.42
C GLU A 11 -9.24 -6.51 4.41
N LYS A 12 -8.03 -6.27 3.90
CA LYS A 12 -6.85 -6.15 4.75
C LYS A 12 -5.67 -5.56 3.97
N TYR A 13 -5.14 -6.33 3.04
CA TYR A 13 -4.01 -5.89 2.23
C TYR A 13 -4.11 -6.42 0.80
N GLY A 14 -3.14 -6.07 -0.03
CA GLY A 14 -3.15 -6.52 -1.41
C GLY A 14 -1.75 -6.63 -1.99
N VAL A 15 -1.66 -6.50 -3.31
CA VAL A 15 -0.38 -6.59 -4.00
C VAL A 15 -0.12 -5.33 -4.81
N ALA A 16 1.17 -5.04 -5.05
CA ALA A 16 1.56 -3.86 -5.81
C ALA A 16 2.54 -4.22 -6.92
N PHE A 17 2.05 -4.23 -8.16
CA PHE A 17 2.90 -4.55 -9.30
C PHE A 17 3.46 -3.28 -9.93
N TYR A 18 4.64 -2.87 -9.48
CA TYR A 18 5.29 -1.67 -10.01
C TYR A 18 6.78 -1.67 -9.69
N ASN A 19 7.52 -0.82 -10.40
CA ASN A 19 8.96 -0.70 -10.19
C ASN A 19 9.29 0.65 -9.57
N TYR A 20 8.67 0.95 -8.44
CA TYR A 20 8.89 2.22 -7.75
C TYR A 20 10.15 2.18 -6.90
N ASP A 21 10.81 3.32 -6.79
CA ASP A 21 12.04 3.43 -6.01
C ASP A 21 11.99 4.66 -5.11
N ALA A 22 11.63 4.45 -3.84
CA ALA A 22 11.54 5.54 -2.88
C ALA A 22 12.85 6.32 -2.79
N ARG A 23 12.77 7.61 -3.06
CA ARG A 23 13.94 8.48 -3.00
C ARG A 23 13.99 9.24 -1.69
N GLY A 24 13.40 8.66 -0.65
CA GLY A 24 13.37 9.31 0.65
C GLY A 24 12.33 8.70 1.57
N ALA A 25 12.40 9.07 2.86
CA ALA A 25 11.46 8.55 3.85
C ALA A 25 10.03 8.95 3.51
N ASP A 26 9.88 10.07 2.80
CA ASP A 26 8.56 10.57 2.42
C ASP A 26 7.82 9.55 1.57
N GLU A 27 8.57 8.76 0.81
CA GLU A 27 7.99 7.74 -0.06
C GLU A 27 8.52 6.36 0.29
N LEU A 28 7.89 5.34 -0.29
CA LEU A 28 8.30 3.95 -0.05
C LEU A 28 8.49 3.20 -1.37
N SER A 29 9.59 2.48 -1.48
CA SER A 29 9.89 1.71 -2.69
C SER A 29 8.90 0.57 -2.87
N LEU A 30 8.54 0.30 -4.12
CA LEU A 30 7.60 -0.77 -4.44
C LEU A 30 8.14 -1.66 -5.55
N GLN A 31 7.99 -2.96 -5.38
CA GLN A 31 8.46 -3.92 -6.37
C GLN A 31 7.33 -4.84 -6.82
N ILE A 32 7.45 -5.38 -8.04
CA ILE A 32 6.44 -6.27 -8.58
C ILE A 32 6.44 -7.62 -7.86
N GLY A 33 5.28 -8.03 -7.37
CA GLY A 33 5.18 -9.30 -6.67
C GLY A 33 5.16 -9.11 -5.16
N ASP A 34 5.43 -7.89 -4.70
CA ASP A 34 5.44 -7.60 -3.27
C ASP A 34 4.04 -7.26 -2.78
N THR A 35 3.76 -7.64 -1.53
CA THR A 35 2.46 -7.37 -0.93
C THR A 35 2.48 -6.05 -0.18
N VAL A 36 1.33 -5.38 -0.12
CA VAL A 36 1.23 -4.10 0.56
C VAL A 36 -0.08 -3.98 1.34
N HIS A 37 0.01 -3.46 2.56
CA HIS A 37 -1.16 -3.28 3.40
C HIS A 37 -1.62 -1.82 3.36
N ILE A 38 -2.81 -1.61 2.79
CA ILE A 38 -3.35 -0.26 2.67
C ILE A 38 -3.95 0.22 4.00
N LEU A 39 -3.42 1.33 4.50
CA LEU A 39 -3.90 1.91 5.76
C LEU A 39 -4.64 3.22 5.52
N GLU A 40 -4.40 3.82 4.36
CA GLU A 40 -5.03 5.08 3.99
C GLU A 40 -5.34 5.12 2.50
N THR A 41 -6.30 5.96 2.11
CA THR A 41 -6.68 6.08 0.71
C THR A 41 -7.37 7.42 0.45
N TYR A 42 -7.76 7.64 -0.81
CA TYR A 42 -8.44 8.88 -1.20
C TYR A 42 -8.79 8.85 -2.68
N GLU A 43 -7.76 8.88 -3.53
CA GLU A 43 -7.96 8.87 -4.97
C GLU A 43 -6.61 8.90 -5.70
N GLY A 44 -6.18 7.75 -6.19
CA GLY A 44 -4.91 7.67 -6.89
C GLY A 44 -3.75 8.07 -6.00
N TRP A 45 -3.88 7.80 -4.71
CA TRP A 45 -2.84 8.14 -3.73
C TRP A 45 -3.17 7.50 -2.39
N TYR A 46 -2.57 6.34 -2.12
CA TYR A 46 -2.81 5.64 -0.86
C TYR A 46 -1.52 5.47 -0.07
N ARG A 47 -1.67 5.08 1.19
CA ARG A 47 -0.52 4.88 2.07
C ARG A 47 -0.62 3.52 2.75
N GLY A 48 0.53 2.89 2.99
CA GLY A 48 0.55 1.59 3.63
C GLY A 48 1.95 1.09 3.91
N TYR A 49 2.07 -0.20 4.19
CA TYR A 49 3.36 -0.80 4.47
C TYR A 49 3.47 -2.19 3.84
N THR A 50 4.58 -2.44 3.16
CA THR A 50 4.81 -3.72 2.51
C THR A 50 5.01 -4.82 3.53
N LEU A 51 4.50 -6.00 3.22
CA LEU A 51 4.63 -7.15 4.12
C LEU A 51 6.09 -7.50 4.35
N ARG A 52 6.92 -7.25 3.35
CA ARG A 52 8.35 -7.54 3.44
C ARG A 52 9.01 -6.67 4.50
N LYS A 53 8.64 -5.39 4.53
CA LYS A 53 9.21 -4.45 5.50
C LYS A 53 8.10 -3.64 6.16
N LYS A 54 7.55 -4.17 7.24
CA LYS A 54 6.48 -3.49 7.97
C LYS A 54 6.98 -2.16 8.54
N SER A 55 8.26 -2.10 8.86
CA SER A 55 8.86 -0.89 9.41
C SER A 55 8.76 0.27 8.42
N LYS A 56 8.98 -0.04 7.14
CA LYS A 56 8.91 0.98 6.09
C LYS A 56 7.46 1.29 5.73
N LYS A 57 7.17 2.59 5.61
CA LYS A 57 5.82 3.03 5.28
C LYS A 57 5.87 4.18 4.27
N GLY A 58 4.97 4.13 3.28
CA GLY A 58 4.94 5.17 2.27
C GLY A 58 3.63 5.20 1.51
N ILE A 59 3.65 5.81 0.33
CA ILE A 59 2.46 5.90 -0.50
C ILE A 59 2.73 5.37 -1.91
N PHE A 60 1.66 5.16 -2.68
CA PHE A 60 1.79 4.65 -4.04
C PHE A 60 0.54 4.96 -4.86
N PRO A 61 0.66 4.92 -6.20
CA PRO A 61 -0.46 5.20 -7.11
C PRO A 61 -1.51 4.09 -7.09
N ALA A 62 -2.77 4.48 -7.09
CA ALA A 62 -3.87 3.53 -7.08
C ALA A 62 -3.99 2.77 -8.40
N SER A 63 -3.25 3.22 -9.42
CA SER A 63 -3.28 2.58 -10.73
C SER A 63 -2.27 1.43 -10.81
N TYR A 64 -1.71 1.05 -9.67
CA TYR A 64 -0.73 -0.03 -9.63
C TYR A 64 -0.89 -0.85 -8.36
N ILE A 65 -2.13 -0.99 -7.91
CA ILE A 65 -2.45 -1.75 -6.71
C ILE A 65 -3.62 -2.68 -6.94
N HIS A 66 -3.63 -3.83 -6.26
CA HIS A 66 -4.69 -4.80 -6.40
C HIS A 66 -4.91 -5.56 -5.09
N LEU A 67 -6.06 -5.34 -4.46
CA LEU A 67 -6.38 -6.01 -3.20
C LEU A 67 -6.43 -7.51 -3.38
N LYS A 68 -6.01 -8.24 -2.36
CA LYS A 68 -6.00 -9.71 -2.41
C LYS A 68 -7.00 -10.28 -1.40
N GLU A 69 -7.26 -11.58 -1.52
CA GLU A 69 -8.20 -12.26 -0.63
C GLU A 69 -7.52 -12.60 0.70
N ALA A 70 -7.51 -11.64 1.62
CA ALA A 70 -6.89 -11.85 2.93
C ALA A 70 -7.70 -12.84 3.76
N ILE A 71 -7.45 -12.84 5.06
CA ILE A 71 -8.15 -13.74 5.98
C ILE A 71 -8.99 -12.96 6.98
N VAL A 72 -10.02 -13.60 7.51
CA VAL A 72 -10.90 -12.97 8.49
C VAL A 72 -10.91 -13.73 9.81
N GLU A 73 -9.76 -14.30 10.16
CA GLU A 73 -9.63 -15.06 11.40
C GLU A 73 -8.56 -14.45 12.30
N GLY A 74 -8.89 -13.33 12.93
CA GLY A 74 -7.94 -12.67 13.80
C GLY A 74 -8.44 -11.31 14.27
N MET A 1 -8.36 18.08 9.94
CA MET A 1 -9.72 17.71 9.50
C MET A 1 -9.86 17.78 7.98
N THR A 2 -10.64 16.86 7.42
CA THR A 2 -10.86 16.81 5.97
C THR A 2 -9.56 17.01 5.20
N ARG A 3 -8.86 15.91 4.92
CA ARG A 3 -7.60 15.97 4.19
C ARG A 3 -7.37 14.68 3.41
N TRP A 4 -7.46 13.55 4.09
CA TRP A 4 -7.26 12.25 3.46
C TRP A 4 -8.27 11.24 3.98
N VAL A 5 -8.12 9.98 3.55
CA VAL A 5 -9.02 8.92 3.98
C VAL A 5 -8.24 7.72 4.53
N PRO A 6 -8.67 7.16 5.67
CA PRO A 6 -8.00 6.03 6.29
C PRO A 6 -8.51 4.68 5.78
N THR A 7 -9.06 4.68 4.56
CA THR A 7 -9.59 3.48 3.94
C THR A 7 -10.39 2.64 4.93
N LYS A 8 -11.40 3.27 5.53
CA LYS A 8 -12.24 2.59 6.52
C LYS A 8 -13.00 1.43 5.87
N ARG A 9 -13.65 0.62 6.71
CA ARG A 9 -14.41 -0.52 6.22
C ARG A 9 -13.52 -1.49 5.46
N GLU A 10 -12.26 -1.55 5.85
CA GLU A 10 -11.29 -2.45 5.20
C GLU A 10 -10.51 -3.26 6.23
N GLU A 11 -10.13 -4.47 5.85
CA GLU A 11 -9.38 -5.35 6.73
C GLU A 11 -8.64 -6.43 5.94
N LYS A 12 -8.09 -6.03 4.80
CA LYS A 12 -7.37 -6.97 3.95
C LYS A 12 -6.08 -6.33 3.42
N TYR A 13 -5.36 -7.07 2.58
CA TYR A 13 -4.11 -6.58 2.00
C TYR A 13 -4.25 -6.38 0.50
N GLY A 14 -3.17 -5.95 -0.14
CA GLY A 14 -3.19 -5.72 -1.57
C GLY A 14 -1.85 -5.99 -2.21
N VAL A 15 -1.82 -5.98 -3.54
CA VAL A 15 -0.57 -6.21 -4.28
C VAL A 15 -0.27 -5.05 -5.22
N ALA A 16 1.00 -4.64 -5.25
CA ALA A 16 1.43 -3.55 -6.10
C ALA A 16 2.38 -4.04 -7.19
N PHE A 17 1.98 -3.85 -8.45
CA PHE A 17 2.81 -4.29 -9.56
C PHE A 17 3.38 -3.09 -10.32
N TYR A 18 4.57 -2.67 -9.93
CA TYR A 18 5.24 -1.55 -10.58
C TYR A 18 6.74 -1.54 -10.29
N ASN A 19 7.46 -0.64 -10.94
CA ASN A 19 8.89 -0.52 -10.74
C ASN A 19 9.23 0.84 -10.14
N TYR A 20 8.59 1.16 -9.04
CA TYR A 20 8.80 2.45 -8.36
C TYR A 20 9.96 2.37 -7.37
N ASP A 21 10.73 3.45 -7.29
CA ASP A 21 11.86 3.50 -6.38
C ASP A 21 11.79 4.76 -5.51
N ALA A 22 11.71 4.55 -4.20
CA ALA A 22 11.63 5.66 -3.26
C ALA A 22 12.93 6.46 -3.24
N ARG A 23 12.81 7.78 -3.15
CA ARG A 23 13.98 8.65 -3.12
C ARG A 23 14.32 9.07 -1.69
N GLY A 24 13.34 8.95 -0.79
CA GLY A 24 13.57 9.31 0.60
C GLY A 24 12.71 8.50 1.55
N ALA A 25 12.71 8.89 2.83
CA ALA A 25 11.94 8.18 3.84
C ALA A 25 10.45 8.45 3.67
N ASP A 26 10.11 9.62 3.15
CA ASP A 26 8.72 10.01 2.94
C ASP A 26 8.02 9.02 2.00
N GLU A 27 8.78 8.46 1.07
CA GLU A 27 8.24 7.51 0.11
C GLU A 27 8.81 6.11 0.36
N LEU A 28 8.29 5.13 -0.38
CA LEU A 28 8.74 3.75 -0.24
C LEU A 28 8.83 3.08 -1.61
N SER A 29 9.98 2.45 -1.87
CA SER A 29 10.19 1.76 -3.14
C SER A 29 9.18 0.64 -3.34
N LEU A 30 8.49 0.67 -4.47
CA LEU A 30 7.49 -0.36 -4.78
C LEU A 30 7.96 -1.26 -5.90
N GLN A 31 7.87 -2.57 -5.68
CA GLN A 31 8.29 -3.54 -6.68
C GLN A 31 7.16 -4.52 -7.00
N ILE A 32 7.19 -5.08 -8.20
CA ILE A 32 6.17 -6.03 -8.62
C ILE A 32 6.28 -7.33 -7.84
N GLY A 33 5.13 -7.87 -7.43
CA GLY A 33 5.11 -9.10 -6.68
C GLY A 33 5.13 -8.87 -5.18
N ASP A 34 5.22 -7.61 -4.77
CA ASP A 34 5.26 -7.26 -3.36
C ASP A 34 3.87 -6.90 -2.85
N THR A 35 3.52 -7.43 -1.68
CA THR A 35 2.22 -7.16 -1.07
C THR A 35 2.31 -5.96 -0.14
N VAL A 36 1.27 -5.13 -0.13
CA VAL A 36 1.24 -3.95 0.72
C VAL A 36 -0.08 -3.82 1.48
N HIS A 37 0.00 -3.32 2.70
CA HIS A 37 -1.19 -3.12 3.52
C HIS A 37 -1.65 -1.68 3.44
N ILE A 38 -2.77 -1.45 2.76
CA ILE A 38 -3.31 -0.11 2.58
C ILE A 38 -3.78 0.47 3.93
N LEU A 39 -3.10 1.52 4.36
CA LEU A 39 -3.44 2.19 5.62
C LEU A 39 -4.36 3.37 5.38
N GLU A 40 -4.10 4.09 4.29
CA GLU A 40 -4.91 5.26 3.94
C GLU A 40 -5.17 5.28 2.43
N THR A 41 -6.34 5.77 2.04
CA THR A 41 -6.70 5.84 0.63
C THR A 41 -7.29 7.20 0.27
N TYR A 42 -7.74 7.32 -0.98
CA TYR A 42 -8.34 8.57 -1.46
C TYR A 42 -8.84 8.41 -2.90
N GLU A 43 -7.90 8.20 -3.82
CA GLU A 43 -8.25 8.02 -5.22
C GLU A 43 -7.05 7.47 -6.00
N GLY A 44 -5.99 8.27 -6.08
CA GLY A 44 -4.79 7.85 -6.77
C GLY A 44 -3.55 8.06 -5.93
N TRP A 45 -3.72 7.92 -4.61
CA TRP A 45 -2.62 8.10 -3.67
C TRP A 45 -2.97 7.44 -2.33
N TYR A 46 -2.37 6.28 -2.07
CA TYR A 46 -2.64 5.56 -0.84
C TYR A 46 -1.37 5.38 -0.01
N ARG A 47 -1.54 5.26 1.30
CA ARG A 47 -0.42 5.07 2.21
C ARG A 47 -0.54 3.74 2.95
N GLY A 48 0.53 2.96 2.95
CA GLY A 48 0.50 1.67 3.62
C GLY A 48 1.89 1.17 3.97
N TYR A 49 1.98 -0.11 4.32
CA TYR A 49 3.26 -0.71 4.68
C TYR A 49 3.38 -2.11 4.10
N THR A 50 4.49 -2.38 3.42
CA THR A 50 4.72 -3.69 2.82
C THR A 50 4.85 -4.76 3.89
N LEU A 51 4.72 -6.02 3.49
CA LEU A 51 4.82 -7.14 4.42
C LEU A 51 6.27 -7.40 4.79
N ARG A 52 7.17 -7.23 3.83
CA ARG A 52 8.59 -7.45 4.06
C ARG A 52 9.14 -6.45 5.08
N LYS A 53 8.58 -5.25 5.07
CA LYS A 53 9.02 -4.20 6.00
C LYS A 53 7.82 -3.46 6.58
N LYS A 54 7.33 -3.94 7.72
CA LYS A 54 6.18 -3.32 8.38
C LYS A 54 6.58 -2.02 9.06
N SER A 55 7.83 -1.96 9.52
CA SER A 55 8.34 -0.77 10.20
C SER A 55 8.29 0.44 9.27
N LYS A 56 8.98 0.34 8.13
CA LYS A 56 9.02 1.43 7.16
C LYS A 56 7.67 1.57 6.46
N LYS A 57 7.14 2.79 6.45
CA LYS A 57 5.86 3.07 5.81
C LYS A 57 6.06 3.89 4.53
N GLY A 58 5.06 3.88 3.66
CA GLY A 58 5.15 4.62 2.42
C GLY A 58 3.81 4.74 1.71
N ILE A 59 3.83 5.29 0.50
CA ILE A 59 2.62 5.46 -0.28
C ILE A 59 2.81 4.97 -1.72
N PHE A 60 1.72 4.61 -2.36
CA PHE A 60 1.77 4.11 -3.73
C PHE A 60 0.47 4.42 -4.47
N PRO A 61 0.55 4.73 -5.78
CA PRO A 61 -0.64 5.05 -6.59
C PRO A 61 -1.50 3.82 -6.83
N ALA A 62 -2.81 4.03 -6.89
CA ALA A 62 -3.76 2.95 -7.13
C ALA A 62 -3.67 2.41 -8.55
N SER A 63 -2.93 3.11 -9.41
CA SER A 63 -2.78 2.71 -10.81
C SER A 63 -2.33 1.26 -10.95
N TYR A 64 -1.69 0.71 -9.91
CA TYR A 64 -1.21 -0.67 -9.96
C TYR A 64 -1.44 -1.39 -8.64
N ILE A 65 -2.59 -1.16 -8.02
CA ILE A 65 -2.91 -1.83 -6.75
C ILE A 65 -4.06 -2.80 -6.91
N HIS A 66 -3.88 -4.02 -6.44
CA HIS A 66 -4.91 -5.05 -6.51
C HIS A 66 -5.07 -5.76 -5.17
N LEU A 67 -6.23 -5.57 -4.54
CA LEU A 67 -6.50 -6.19 -3.25
C LEU A 67 -6.41 -7.71 -3.34
N LYS A 68 -5.82 -8.32 -2.33
CA LYS A 68 -5.68 -9.77 -2.28
C LYS A 68 -6.98 -10.44 -1.85
N GLU A 69 -6.95 -11.76 -1.70
CA GLU A 69 -8.13 -12.51 -1.30
C GLU A 69 -8.28 -12.54 0.23
N ALA A 70 -7.41 -11.81 0.93
CA ALA A 70 -7.47 -11.75 2.38
C ALA A 70 -7.23 -13.13 2.99
N ILE A 71 -5.96 -13.53 3.08
CA ILE A 71 -5.60 -14.82 3.65
C ILE A 71 -4.85 -14.65 4.96
N VAL A 72 -5.38 -15.26 6.02
CA VAL A 72 -4.75 -15.18 7.33
C VAL A 72 -3.79 -16.34 7.56
N GLU A 73 -2.52 -16.02 7.81
CA GLU A 73 -1.50 -17.02 8.04
C GLU A 73 -1.30 -17.27 9.53
N GLY A 74 -2.14 -18.13 10.10
CA GLY A 74 -2.04 -18.44 11.51
C GLY A 74 -3.14 -17.79 12.33
N MET A 1 -1.40 19.68 2.41
CA MET A 1 -2.30 18.94 3.33
C MET A 1 -3.72 18.84 2.76
N THR A 2 -4.37 17.72 3.01
CA THR A 2 -5.73 17.50 2.52
C THR A 2 -6.45 16.46 3.37
N ARG A 3 -7.75 16.67 3.57
CA ARG A 3 -8.57 15.75 4.37
C ARG A 3 -8.52 14.35 3.77
N TRP A 4 -7.67 13.49 4.34
CA TRP A 4 -7.53 12.12 3.87
C TRP A 4 -8.46 11.18 4.64
N VAL A 5 -8.52 9.93 4.19
CA VAL A 5 -9.35 8.92 4.82
C VAL A 5 -8.54 7.70 5.22
N PRO A 6 -8.82 7.10 6.40
CA PRO A 6 -8.09 5.93 6.88
C PRO A 6 -8.57 4.62 6.23
N THR A 7 -9.16 4.73 5.05
CA THR A 7 -9.65 3.56 4.32
C THR A 7 -10.37 2.57 5.24
N LYS A 8 -11.56 2.96 5.69
CA LYS A 8 -12.35 2.11 6.57
C LYS A 8 -13.50 1.46 5.81
N ARG A 9 -13.20 0.37 5.12
CA ARG A 9 -14.21 -0.35 4.35
C ARG A 9 -13.64 -1.65 3.79
N GLU A 10 -12.44 -1.55 3.21
CA GLU A 10 -11.78 -2.72 2.62
C GLU A 10 -11.05 -3.53 3.69
N GLU A 11 -10.30 -2.82 4.54
CA GLU A 11 -9.54 -3.47 5.61
C GLU A 11 -8.80 -4.70 5.11
N LYS A 12 -8.23 -4.59 3.92
CA LYS A 12 -7.50 -5.70 3.32
C LYS A 12 -6.30 -5.19 2.51
N TYR A 13 -5.26 -6.02 2.42
CA TYR A 13 -4.07 -5.66 1.67
C TYR A 13 -4.14 -6.19 0.25
N GLY A 14 -3.10 -5.92 -0.54
CA GLY A 14 -3.07 -6.38 -1.91
C GLY A 14 -1.67 -6.38 -2.50
N VAL A 15 -1.56 -6.80 -3.76
CA VAL A 15 -0.28 -6.85 -4.44
C VAL A 15 -0.06 -5.59 -5.26
N ALA A 16 1.21 -5.25 -5.49
CA ALA A 16 1.56 -4.06 -6.25
C ALA A 16 2.58 -4.38 -7.35
N PHE A 17 2.12 -4.34 -8.60
CA PHE A 17 3.01 -4.61 -9.72
C PHE A 17 3.55 -3.33 -10.32
N TYR A 18 4.72 -2.90 -9.85
CA TYR A 18 5.34 -1.68 -10.33
C TYR A 18 6.82 -1.66 -9.99
N ASN A 19 7.56 -0.77 -10.66
CA ASN A 19 9.00 -0.63 -10.42
C ASN A 19 9.29 0.69 -9.71
N TYR A 20 8.60 0.92 -8.60
CA TYR A 20 8.77 2.15 -7.83
C TYR A 20 10.04 2.09 -6.98
N ASP A 21 10.72 3.22 -6.90
CA ASP A 21 11.96 3.31 -6.11
C ASP A 21 11.93 4.55 -5.22
N ALA A 22 11.55 4.36 -3.96
CA ALA A 22 11.48 5.45 -3.00
C ALA A 22 12.82 6.17 -2.88
N ARG A 23 12.81 7.49 -3.06
CA ARG A 23 14.03 8.29 -2.97
C ARG A 23 14.12 8.97 -1.60
N GLY A 24 13.54 8.34 -0.59
CA GLY A 24 13.57 8.91 0.75
C GLY A 24 12.64 8.18 1.70
N ALA A 25 12.81 8.44 3.00
CA ALA A 25 11.99 7.80 4.01
C ALA A 25 10.52 8.16 3.85
N ASP A 26 10.26 9.34 3.29
CA ASP A 26 8.90 9.82 3.07
C ASP A 26 8.13 8.84 2.19
N GLU A 27 8.75 8.42 1.10
CA GLU A 27 8.12 7.48 0.17
C GLU A 27 8.61 6.06 0.41
N LEU A 28 7.80 5.09 -0.02
CA LEU A 28 8.15 3.68 0.17
C LEU A 28 8.35 3.00 -1.19
N SER A 29 9.43 2.22 -1.28
CA SER A 29 9.75 1.51 -2.51
C SER A 29 8.69 0.47 -2.84
N LEU A 30 8.41 0.29 -4.12
CA LEU A 30 7.42 -0.67 -4.57
C LEU A 30 7.99 -1.59 -5.65
N GLN A 31 7.90 -2.89 -5.43
CA GLN A 31 8.42 -3.86 -6.39
C GLN A 31 7.31 -4.79 -6.87
N ILE A 32 7.46 -5.32 -8.07
CA ILE A 32 6.48 -6.23 -8.65
C ILE A 32 6.44 -7.56 -7.89
N GLY A 33 5.25 -8.01 -7.55
CA GLY A 33 5.10 -9.26 -6.83
C GLY A 33 5.11 -9.07 -5.32
N ASP A 34 5.26 -7.83 -4.88
CA ASP A 34 5.28 -7.53 -3.44
C ASP A 34 3.91 -7.11 -2.96
N THR A 35 3.58 -7.49 -1.72
CA THR A 35 2.29 -7.14 -1.14
C THR A 35 2.40 -5.85 -0.31
N VAL A 36 1.31 -5.12 -0.19
CA VAL A 36 1.30 -3.88 0.57
C VAL A 36 0.01 -3.72 1.37
N HIS A 37 0.16 -3.28 2.61
CA HIS A 37 -0.99 -3.07 3.48
C HIS A 37 -1.38 -1.59 3.51
N ILE A 38 -2.52 -1.29 2.91
CA ILE A 38 -3.01 0.09 2.84
C ILE A 38 -3.64 0.52 4.17
N LEU A 39 -3.17 1.64 4.69
CA LEU A 39 -3.70 2.17 5.95
C LEU A 39 -4.52 3.43 5.70
N GLU A 40 -4.25 4.10 4.58
CA GLU A 40 -4.97 5.32 4.23
C GLU A 40 -5.32 5.30 2.74
N THR A 41 -6.31 6.11 2.36
CA THR A 41 -6.74 6.19 0.97
C THR A 41 -7.25 7.58 0.62
N TYR A 42 -7.25 7.91 -0.66
CA TYR A 42 -7.70 9.21 -1.12
C TYR A 42 -7.94 9.22 -2.64
N GLU A 43 -8.33 8.06 -3.17
CA GLU A 43 -8.59 7.94 -4.60
C GLU A 43 -7.33 8.23 -5.41
N GLY A 44 -6.66 7.17 -5.85
CA GLY A 44 -5.44 7.33 -6.63
C GLY A 44 -4.29 7.84 -5.79
N TRP A 45 -4.29 7.48 -4.52
CA TRP A 45 -3.24 7.90 -3.60
C TRP A 45 -3.46 7.29 -2.22
N TYR A 46 -2.82 6.16 -1.95
CA TYR A 46 -2.97 5.47 -0.67
C TYR A 46 -1.64 5.36 0.06
N ARG A 47 -1.71 5.20 1.38
CA ARG A 47 -0.52 5.07 2.20
C ARG A 47 -0.53 3.75 2.96
N GLY A 48 0.66 3.24 3.26
CA GLY A 48 0.76 1.98 3.99
C GLY A 48 2.18 1.47 4.06
N TYR A 49 2.34 0.15 4.13
CA TYR A 49 3.65 -0.46 4.22
C TYR A 49 3.63 -1.88 3.65
N THR A 50 4.76 -2.32 3.10
CA THR A 50 4.88 -3.65 2.53
C THR A 50 4.96 -4.71 3.63
N LEU A 51 4.62 -5.95 3.27
CA LEU A 51 4.66 -7.05 4.22
C LEU A 51 6.09 -7.35 4.66
N ARG A 52 7.05 -7.09 3.78
CA ARG A 52 8.45 -7.32 4.07
C ARG A 52 8.96 -6.33 5.12
N LYS A 53 8.80 -5.05 4.83
CA LYS A 53 9.24 -4.00 5.75
C LYS A 53 8.05 -3.24 6.31
N LYS A 54 7.57 -3.68 7.47
CA LYS A 54 6.43 -3.03 8.11
C LYS A 54 6.82 -1.66 8.66
N SER A 55 8.07 -1.52 9.08
CA SER A 55 8.57 -0.26 9.62
C SER A 55 8.54 0.82 8.55
N LYS A 56 8.85 0.44 7.32
CA LYS A 56 8.87 1.39 6.21
C LYS A 56 7.44 1.77 5.80
N LYS A 57 7.17 3.07 5.80
CA LYS A 57 5.85 3.57 5.43
C LYS A 57 5.94 4.49 4.22
N GLY A 58 4.97 4.37 3.32
CA GLY A 58 4.96 5.21 2.13
C GLY A 58 3.61 5.20 1.42
N ILE A 59 3.53 5.88 0.29
CA ILE A 59 2.30 5.95 -0.49
C ILE A 59 2.53 5.47 -1.93
N PHE A 60 1.47 5.00 -2.56
CA PHE A 60 1.55 4.51 -3.93
C PHE A 60 0.26 4.78 -4.69
N PRO A 61 0.33 4.83 -6.03
CA PRO A 61 -0.84 5.08 -6.88
C PRO A 61 -1.78 3.89 -6.95
N ALA A 62 -3.09 4.17 -6.95
CA ALA A 62 -4.09 3.11 -7.02
C ALA A 62 -4.13 2.44 -8.39
N SER A 63 -3.42 3.02 -9.37
CA SER A 63 -3.39 2.47 -10.71
C SER A 63 -2.28 1.43 -10.87
N TYR A 64 -1.70 1.00 -9.76
CA TYR A 64 -0.64 0.00 -9.78
C TYR A 64 -0.73 -0.91 -8.56
N ILE A 65 -1.96 -1.17 -8.12
CA ILE A 65 -2.21 -2.03 -6.97
C ILE A 65 -3.26 -3.09 -7.30
N HIS A 66 -3.29 -4.15 -6.50
CA HIS A 66 -4.25 -5.23 -6.71
C HIS A 66 -4.74 -5.77 -5.37
N LEU A 67 -6.02 -5.55 -5.08
CA LEU A 67 -6.61 -6.02 -3.83
C LEU A 67 -6.71 -7.54 -3.82
N LYS A 68 -6.11 -8.15 -2.80
CA LYS A 68 -6.14 -9.61 -2.66
C LYS A 68 -7.18 -10.04 -1.65
N GLU A 69 -7.19 -11.33 -1.32
CA GLU A 69 -8.15 -11.87 -0.36
C GLU A 69 -7.52 -11.99 1.02
N ALA A 70 -7.74 -10.96 1.85
CA ALA A 70 -7.20 -10.94 3.20
C ALA A 70 -8.13 -11.67 4.17
N ILE A 71 -7.83 -12.95 4.41
CA ILE A 71 -8.64 -13.76 5.32
C ILE A 71 -10.06 -13.92 4.80
N VAL A 72 -10.75 -14.97 5.26
CA VAL A 72 -12.11 -15.24 4.84
C VAL A 72 -12.99 -15.60 6.03
N GLU A 73 -13.90 -14.69 6.39
CA GLU A 73 -14.81 -14.92 7.51
C GLU A 73 -16.27 -14.79 7.06
N GLY A 74 -16.81 -15.89 6.54
CA GLY A 74 -18.19 -15.88 6.08
C GLY A 74 -18.53 -17.10 5.24
N MET A 1 -8.79 21.98 -0.55
CA MET A 1 -9.74 20.83 -0.36
C MET A 1 -9.05 19.51 -0.68
N THR A 2 -8.75 18.74 0.37
CA THR A 2 -8.09 17.45 0.21
C THR A 2 -8.29 16.58 1.45
N ARG A 3 -9.27 15.68 1.38
CA ARG A 3 -9.56 14.79 2.50
C ARG A 3 -9.38 13.33 2.09
N TRP A 4 -8.43 12.66 2.72
CA TRP A 4 -8.14 11.26 2.43
C TRP A 4 -9.27 10.36 2.93
N VAL A 5 -9.88 9.61 2.00
CA VAL A 5 -10.97 8.71 2.36
C VAL A 5 -10.46 7.58 3.25
N PRO A 6 -11.38 6.92 3.99
CA PRO A 6 -11.02 5.82 4.89
C PRO A 6 -10.31 4.67 4.18
N THR A 7 -11.09 3.76 3.58
CA THR A 7 -10.52 2.61 2.88
C THR A 7 -9.43 1.93 3.70
N LYS A 8 -9.71 1.73 4.99
CA LYS A 8 -8.76 1.10 5.89
C LYS A 8 -9.26 -0.27 6.34
N ARG A 9 -8.32 -1.15 6.70
CA ARG A 9 -8.67 -2.50 7.15
C ARG A 9 -9.48 -3.24 6.10
N GLU A 10 -9.17 -2.97 4.83
CA GLU A 10 -9.87 -3.62 3.72
C GLU A 10 -9.37 -5.04 3.52
N GLU A 11 -10.07 -6.01 4.12
CA GLU A 11 -9.70 -7.42 4.01
C GLU A 11 -8.38 -7.68 4.72
N LYS A 12 -7.28 -7.21 4.13
CA LYS A 12 -5.95 -7.41 4.72
C LYS A 12 -4.91 -6.57 3.98
N TYR A 13 -4.62 -6.95 2.74
CA TYR A 13 -3.65 -6.23 1.93
C TYR A 13 -3.80 -6.60 0.45
N GLY A 14 -2.97 -5.99 -0.39
CA GLY A 14 -3.02 -6.26 -1.81
C GLY A 14 -1.64 -6.40 -2.43
N VAL A 15 -1.60 -6.57 -3.75
CA VAL A 15 -0.33 -6.71 -4.46
C VAL A 15 -0.11 -5.54 -5.41
N ALA A 16 1.15 -5.16 -5.56
CA ALA A 16 1.51 -4.06 -6.45
C ALA A 16 2.50 -4.52 -7.52
N PHE A 17 2.23 -4.17 -8.77
CA PHE A 17 3.11 -4.56 -9.86
C PHE A 17 3.67 -3.33 -10.58
N TYR A 18 4.84 -2.88 -10.13
CA TYR A 18 5.49 -1.73 -10.73
C TYR A 18 6.97 -1.69 -10.38
N ASN A 19 7.71 -0.77 -10.99
CA ASN A 19 9.13 -0.61 -10.73
C ASN A 19 9.42 0.78 -10.19
N TYR A 20 8.84 1.09 -9.04
CA TYR A 20 9.02 2.41 -8.42
C TYR A 20 9.95 2.30 -7.21
N ASP A 21 10.87 3.26 -7.10
CA ASP A 21 11.81 3.29 -5.99
C ASP A 21 11.64 4.57 -5.17
N ALA A 22 11.32 4.40 -3.89
CA ALA A 22 11.13 5.54 -3.00
C ALA A 22 12.41 6.34 -2.83
N ARG A 23 12.35 7.62 -3.20
CA ARG A 23 13.51 8.50 -3.09
C ARG A 23 13.73 8.92 -1.64
N GLY A 24 12.67 8.84 -0.83
CA GLY A 24 12.78 9.22 0.56
C GLY A 24 11.76 8.50 1.44
N ALA A 25 11.63 8.93 2.68
CA ALA A 25 10.68 8.33 3.62
C ALA A 25 9.25 8.69 3.26
N ASP A 26 9.07 9.76 2.48
CA ASP A 26 7.75 10.19 2.08
C ASP A 26 7.09 9.19 1.13
N GLU A 27 7.90 8.56 0.29
CA GLU A 27 7.39 7.58 -0.66
C GLU A 27 7.77 6.16 -0.24
N LEU A 28 7.31 5.18 -1.01
CA LEU A 28 7.60 3.78 -0.72
C LEU A 28 8.04 3.04 -1.97
N SER A 29 9.17 2.34 -1.88
CA SER A 29 9.70 1.59 -3.01
C SER A 29 8.82 0.38 -3.30
N LEU A 30 8.09 0.44 -4.41
CA LEU A 30 7.19 -0.66 -4.79
C LEU A 30 7.80 -1.51 -5.89
N GLN A 31 7.82 -2.82 -5.67
CA GLN A 31 8.38 -3.75 -6.65
C GLN A 31 7.34 -4.79 -7.03
N ILE A 32 7.41 -5.26 -8.28
CA ILE A 32 6.46 -6.26 -8.77
C ILE A 32 6.54 -7.54 -7.95
N GLY A 33 5.38 -8.01 -7.48
CA GLY A 33 5.34 -9.23 -6.70
C GLY A 33 5.35 -8.95 -5.20
N ASP A 34 5.41 -7.68 -4.82
CA ASP A 34 5.43 -7.30 -3.41
C ASP A 34 4.03 -6.96 -2.92
N THR A 35 3.76 -7.30 -1.66
CA THR A 35 2.45 -7.02 -1.06
C THR A 35 2.52 -5.75 -0.22
N VAL A 36 1.40 -5.05 -0.10
CA VAL A 36 1.36 -3.81 0.68
C VAL A 36 0.05 -3.69 1.46
N HIS A 37 0.18 -3.26 2.72
CA HIS A 37 -0.98 -3.07 3.58
C HIS A 37 -1.38 -1.60 3.62
N ILE A 38 -2.52 -1.29 2.99
CA ILE A 38 -3.00 0.09 2.94
C ILE A 38 -3.67 0.50 4.24
N LEU A 39 -3.27 1.67 4.75
CA LEU A 39 -3.83 2.20 6.00
C LEU A 39 -4.66 3.45 5.69
N GLU A 40 -4.17 4.25 4.75
CA GLU A 40 -4.87 5.47 4.35
C GLU A 40 -5.22 5.40 2.86
N THR A 41 -6.16 6.22 2.43
CA THR A 41 -6.58 6.23 1.02
C THR A 41 -7.18 7.57 0.62
N TYR A 42 -7.26 7.81 -0.68
CA TYR A 42 -7.80 9.04 -1.21
C TYR A 42 -8.16 8.88 -2.69
N GLU A 43 -7.14 8.85 -3.53
CA GLU A 43 -7.33 8.69 -4.98
C GLU A 43 -5.97 8.64 -5.67
N GLY A 44 -5.55 7.44 -6.05
CA GLY A 44 -4.27 7.29 -6.71
C GLY A 44 -3.12 7.70 -5.81
N TRP A 45 -3.35 7.55 -4.50
CA TRP A 45 -2.35 7.91 -3.50
C TRP A 45 -2.78 7.38 -2.14
N TYR A 46 -2.27 6.21 -1.77
CA TYR A 46 -2.62 5.59 -0.49
C TYR A 46 -1.39 5.39 0.39
N ARG A 47 -1.62 5.27 1.68
CA ARG A 47 -0.55 5.06 2.64
C ARG A 47 -0.57 3.62 3.15
N GLY A 48 0.62 3.08 3.43
CA GLY A 48 0.70 1.72 3.91
C GLY A 48 2.14 1.22 4.00
N TYR A 49 2.30 -0.05 4.33
CA TYR A 49 3.62 -0.65 4.45
C TYR A 49 3.65 -2.03 3.80
N THR A 50 4.78 -2.36 3.18
CA THR A 50 4.94 -3.66 2.52
C THR A 50 5.03 -4.79 3.54
N LEU A 51 4.51 -5.96 3.16
CA LEU A 51 4.53 -7.12 4.04
C LEU A 51 5.96 -7.47 4.45
N ARG A 52 6.91 -7.17 3.58
CA ARG A 52 8.32 -7.45 3.86
C ARG A 52 8.83 -6.60 5.02
N LYS A 53 8.66 -5.29 4.90
CA LYS A 53 9.10 -4.36 5.94
C LYS A 53 7.92 -3.59 6.51
N LYS A 54 7.34 -4.10 7.60
CA LYS A 54 6.21 -3.46 8.24
C LYS A 54 6.64 -2.23 9.02
N SER A 55 7.91 -2.21 9.44
CA SER A 55 8.45 -1.09 10.20
C SER A 55 8.47 0.18 9.36
N LYS A 56 8.74 0.03 8.06
CA LYS A 56 8.78 1.17 7.16
C LYS A 56 7.40 1.49 6.60
N LYS A 57 7.14 2.77 6.36
CA LYS A 57 5.87 3.21 5.82
C LYS A 57 6.06 4.19 4.67
N GLY A 58 5.04 4.31 3.82
CA GLY A 58 5.12 5.21 2.69
C GLY A 58 3.85 5.21 1.85
N ILE A 59 3.89 5.92 0.73
CA ILE A 59 2.74 6.01 -0.16
C ILE A 59 3.01 5.36 -1.52
N PHE A 60 1.95 5.03 -2.24
CA PHE A 60 2.07 4.42 -3.55
C PHE A 60 0.83 4.67 -4.38
N PRO A 61 0.97 4.77 -5.73
CA PRO A 61 -0.15 5.01 -6.64
C PRO A 61 -1.03 3.78 -6.81
N ALA A 62 -2.34 3.98 -6.78
CA ALA A 62 -3.29 2.90 -6.94
C ALA A 62 -3.32 2.37 -8.37
N SER A 63 -2.65 3.09 -9.28
CA SER A 63 -2.61 2.70 -10.68
C SER A 63 -2.19 1.24 -10.87
N TYR A 64 -1.47 0.70 -9.90
CA TYR A 64 -1.02 -0.69 -9.98
C TYR A 64 -1.25 -1.44 -8.67
N ILE A 65 -2.40 -1.24 -8.07
CA ILE A 65 -2.73 -1.92 -6.82
C ILE A 65 -3.97 -2.79 -6.97
N HIS A 66 -3.92 -4.00 -6.43
CA HIS A 66 -5.04 -4.93 -6.50
C HIS A 66 -5.31 -5.57 -5.15
N LEU A 67 -6.45 -5.23 -4.55
CA LEU A 67 -6.82 -5.78 -3.24
C LEU A 67 -6.99 -7.29 -3.31
N LYS A 68 -6.24 -8.01 -2.49
CA LYS A 68 -6.30 -9.46 -2.46
C LYS A 68 -7.05 -9.95 -1.21
N GLU A 69 -7.48 -11.20 -1.24
CA GLU A 69 -8.21 -11.78 -0.11
C GLU A 69 -7.26 -12.12 1.03
N ALA A 70 -6.48 -13.18 0.85
CA ALA A 70 -5.52 -13.62 1.87
C ALA A 70 -4.59 -14.68 1.31
N ILE A 71 -3.51 -14.24 0.66
CA ILE A 71 -2.53 -15.15 0.09
C ILE A 71 -1.26 -15.19 0.92
N VAL A 72 -0.98 -16.35 1.51
CA VAL A 72 0.21 -16.53 2.34
C VAL A 72 1.47 -16.57 1.48
N GLU A 73 2.34 -15.58 1.68
CA GLU A 73 3.59 -15.52 0.92
C GLU A 73 4.64 -16.45 1.52
N GLY A 74 4.79 -17.62 0.92
CA GLY A 74 5.76 -18.59 1.41
C GLY A 74 5.21 -19.45 2.53
N MET A 1 -5.14 13.80 15.04
CA MET A 1 -6.37 13.85 14.23
C MET A 1 -6.06 14.19 12.77
N THR A 2 -6.09 13.17 11.92
CA THR A 2 -5.81 13.36 10.49
C THR A 2 -7.04 13.07 9.65
N ARG A 3 -7.20 13.81 8.56
CA ARG A 3 -8.34 13.63 7.68
C ARG A 3 -7.87 13.31 6.25
N TRP A 4 -7.44 12.08 6.04
CA TRP A 4 -6.97 11.65 4.73
C TRP A 4 -7.15 10.14 4.54
N VAL A 5 -8.16 9.59 5.20
CA VAL A 5 -8.43 8.16 5.10
C VAL A 5 -9.91 7.89 4.75
N PRO A 6 -10.22 7.84 3.45
CA PRO A 6 -11.59 7.58 2.98
C PRO A 6 -11.88 6.08 2.85
N THR A 7 -10.82 5.27 2.83
CA THR A 7 -10.97 3.82 2.70
C THR A 7 -12.05 3.28 3.64
N LYS A 8 -13.09 2.71 3.06
CA LYS A 8 -14.19 2.14 3.84
C LYS A 8 -14.58 0.76 3.30
N ARG A 9 -14.98 -0.12 4.22
CA ARG A 9 -15.38 -1.48 3.85
C ARG A 9 -14.42 -2.09 2.84
N GLU A 10 -13.15 -1.69 2.92
CA GLU A 10 -12.12 -2.21 2.02
C GLU A 10 -11.48 -3.47 2.58
N GLU A 11 -10.64 -4.11 1.77
CA GLU A 11 -9.96 -5.33 2.18
C GLU A 11 -8.83 -5.01 3.17
N LYS A 12 -7.99 -6.01 3.43
CA LYS A 12 -6.87 -5.83 4.35
C LYS A 12 -5.62 -5.36 3.61
N TYR A 13 -5.13 -6.18 2.69
CA TYR A 13 -3.94 -5.85 1.92
C TYR A 13 -4.06 -6.38 0.49
N GLY A 14 -3.19 -5.89 -0.39
CA GLY A 14 -3.22 -6.33 -1.77
C GLY A 14 -1.82 -6.51 -2.34
N VAL A 15 -1.71 -6.37 -3.66
CA VAL A 15 -0.41 -6.52 -4.33
C VAL A 15 -0.07 -5.28 -5.15
N ALA A 16 1.22 -5.02 -5.30
CA ALA A 16 1.68 -3.87 -6.06
C ALA A 16 2.66 -4.28 -7.14
N PHE A 17 2.19 -4.34 -8.38
CA PHE A 17 3.05 -4.72 -9.50
C PHE A 17 3.58 -3.48 -10.21
N TYR A 18 4.77 -3.05 -9.79
CA TYR A 18 5.41 -1.89 -10.39
C TYR A 18 6.90 -1.85 -10.07
N ASN A 19 7.61 -0.91 -10.67
CA ASN A 19 9.04 -0.76 -10.44
C ASN A 19 9.34 0.56 -9.73
N TYR A 20 8.66 0.78 -8.61
CA TYR A 20 8.82 2.01 -7.84
C TYR A 20 10.07 1.93 -6.96
N ASP A 21 10.81 3.03 -6.90
CA ASP A 21 12.03 3.10 -6.10
C ASP A 21 12.00 4.33 -5.20
N ALA A 22 11.59 4.15 -3.95
CA ALA A 22 11.52 5.26 -3.00
C ALA A 22 12.87 5.95 -2.85
N ARG A 23 12.83 7.24 -2.55
CA ARG A 23 14.04 8.03 -2.39
C ARG A 23 13.98 8.86 -1.11
N GLY A 24 13.26 8.36 -0.12
CA GLY A 24 13.13 9.06 1.15
C GLY A 24 12.13 8.42 2.07
N ALA A 25 12.00 8.96 3.28
CA ALA A 25 11.07 8.44 4.27
C ALA A 25 9.63 8.74 3.89
N ASP A 26 9.43 9.83 3.16
CA ASP A 26 8.10 10.24 2.73
C ASP A 26 7.55 9.31 1.65
N GLU A 27 8.43 8.51 1.06
CA GLU A 27 8.02 7.58 0.01
C GLU A 27 8.56 6.18 0.27
N LEU A 28 7.75 5.17 -0.03
CA LEU A 28 8.15 3.78 0.18
C LEU A 28 8.32 3.07 -1.17
N SER A 29 9.41 2.33 -1.31
CA SER A 29 9.68 1.60 -2.54
C SER A 29 8.69 0.47 -2.75
N LEU A 30 8.43 0.14 -4.01
CA LEU A 30 7.49 -0.92 -4.35
C LEU A 30 8.00 -1.73 -5.53
N GLN A 31 8.01 -3.06 -5.38
CA GLN A 31 8.48 -3.94 -6.44
C GLN A 31 7.37 -4.88 -6.89
N ILE A 32 7.52 -5.43 -8.09
CA ILE A 32 6.53 -6.35 -8.64
C ILE A 32 6.56 -7.70 -7.90
N GLY A 33 5.38 -8.18 -7.52
CA GLY A 33 5.30 -9.44 -6.82
C GLY A 33 5.26 -9.27 -5.31
N ASP A 34 5.38 -8.03 -4.85
CA ASP A 34 5.36 -7.75 -3.42
C ASP A 34 3.97 -7.35 -2.96
N THR A 35 3.68 -7.60 -1.68
CA THR A 35 2.38 -7.28 -1.12
C THR A 35 2.41 -5.89 -0.49
N VAL A 36 1.23 -5.31 -0.29
CA VAL A 36 1.13 -3.97 0.30
C VAL A 36 -0.06 -3.86 1.25
N HIS A 37 0.17 -3.22 2.39
CA HIS A 37 -0.87 -3.02 3.39
C HIS A 37 -1.35 -1.58 3.38
N ILE A 38 -2.56 -1.36 2.87
CA ILE A 38 -3.13 -0.02 2.79
C ILE A 38 -3.81 0.38 4.09
N LEU A 39 -3.48 1.57 4.59
CA LEU A 39 -4.06 2.09 5.82
C LEU A 39 -4.82 3.38 5.56
N GLU A 40 -4.33 4.16 4.59
CA GLU A 40 -4.96 5.42 4.23
C GLU A 40 -5.10 5.52 2.72
N THR A 41 -6.21 6.10 2.25
CA THR A 41 -6.44 6.24 0.81
C THR A 41 -6.80 7.68 0.46
N TYR A 42 -7.05 7.91 -0.83
CA TYR A 42 -7.40 9.24 -1.32
C TYR A 42 -7.58 9.24 -2.84
N GLU A 43 -8.13 8.15 -3.37
CA GLU A 43 -8.36 8.03 -4.80
C GLU A 43 -7.05 8.21 -5.57
N GLY A 44 -6.41 7.09 -5.91
CA GLY A 44 -5.15 7.15 -6.63
C GLY A 44 -4.03 7.72 -5.78
N TRP A 45 -4.06 7.40 -4.50
CA TRP A 45 -3.05 7.88 -3.57
C TRP A 45 -3.32 7.33 -2.16
N TYR A 46 -2.75 6.15 -1.87
CA TYR A 46 -2.95 5.52 -0.58
C TYR A 46 -1.62 5.33 0.16
N ARG A 47 -1.68 5.43 1.48
CA ARG A 47 -0.48 5.26 2.32
C ARG A 47 -0.50 3.90 3.01
N GLY A 48 0.69 3.38 3.27
CA GLY A 48 0.80 2.09 3.93
C GLY A 48 2.20 1.53 3.91
N TYR A 49 2.32 0.23 4.10
CA TYR A 49 3.62 -0.43 4.10
C TYR A 49 3.52 -1.84 3.54
N THR A 50 4.62 -2.32 2.95
CA THR A 50 4.66 -3.66 2.38
C THR A 50 4.87 -4.72 3.46
N LEU A 51 4.42 -5.94 3.20
CA LEU A 51 4.55 -7.03 4.15
C LEU A 51 6.01 -7.30 4.46
N ARG A 52 6.88 -7.04 3.48
CA ARG A 52 8.32 -7.26 3.65
C ARG A 52 8.90 -6.25 4.63
N LYS A 53 8.79 -4.97 4.27
CA LYS A 53 9.32 -3.90 5.11
C LYS A 53 8.19 -3.23 5.90
N LYS A 54 7.87 -3.80 7.06
CA LYS A 54 6.82 -3.26 7.91
C LYS A 54 7.27 -1.96 8.59
N SER A 55 8.57 -1.86 8.85
CA SER A 55 9.12 -0.68 9.49
C SER A 55 8.96 0.55 8.60
N LYS A 56 9.38 0.43 7.35
CA LYS A 56 9.29 1.53 6.40
C LYS A 56 7.84 1.78 6.00
N LYS A 57 7.52 3.04 5.73
CA LYS A 57 6.16 3.41 5.33
C LYS A 57 6.19 4.43 4.19
N GLY A 58 5.17 4.37 3.33
CA GLY A 58 5.11 5.28 2.21
C GLY A 58 3.75 5.25 1.52
N ILE A 59 3.61 6.03 0.44
CA ILE A 59 2.37 6.09 -0.31
C ILE A 59 2.57 5.61 -1.74
N PHE A 60 1.50 5.13 -2.36
CA PHE A 60 1.57 4.63 -3.73
C PHE A 60 0.25 4.85 -4.46
N PRO A 61 0.29 5.01 -5.79
CA PRO A 61 -0.92 5.22 -6.59
C PRO A 61 -1.65 3.92 -6.88
N ALA A 62 -2.98 3.99 -6.86
CA ALA A 62 -3.82 2.83 -7.12
C ALA A 62 -3.72 2.35 -8.57
N SER A 63 -3.08 3.15 -9.42
CA SER A 63 -2.93 2.83 -10.83
C SER A 63 -2.42 1.40 -11.04
N TYR A 64 -1.71 0.85 -10.04
CA TYR A 64 -1.18 -0.50 -10.15
C TYR A 64 -1.40 -1.30 -8.87
N ILE A 65 -2.46 -0.97 -8.13
CA ILE A 65 -2.75 -1.67 -6.90
C ILE A 65 -3.96 -2.59 -7.06
N HIS A 66 -3.83 -3.83 -6.58
CA HIS A 66 -4.90 -4.81 -6.67
C HIS A 66 -5.05 -5.57 -5.35
N LEU A 67 -6.19 -5.38 -4.69
CA LEU A 67 -6.45 -6.04 -3.42
C LEU A 67 -6.50 -7.55 -3.59
N LYS A 68 -6.06 -8.28 -2.56
CA LYS A 68 -6.05 -9.73 -2.60
C LYS A 68 -7.13 -10.30 -1.68
N GLU A 69 -7.12 -11.62 -1.51
CA GLU A 69 -8.09 -12.29 -0.65
C GLU A 69 -7.72 -12.12 0.82
N ALA A 70 -8.33 -11.13 1.46
CA ALA A 70 -8.08 -10.86 2.87
C ALA A 70 -8.48 -12.05 3.74
N ILE A 71 -7.49 -12.69 4.34
CA ILE A 71 -7.73 -13.84 5.20
C ILE A 71 -7.58 -13.47 6.68
N VAL A 72 -8.64 -13.71 7.45
CA VAL A 72 -8.63 -13.40 8.87
C VAL A 72 -9.56 -14.34 9.64
N GLU A 73 -9.23 -14.58 10.91
CA GLU A 73 -10.03 -15.46 11.76
C GLU A 73 -11.45 -14.92 11.90
N GLY A 74 -12.43 -15.77 11.60
CA GLY A 74 -13.82 -15.36 11.70
C GLY A 74 -14.18 -14.27 10.71
N MET A 1 -6.09 12.98 12.35
CA MET A 1 -5.69 11.76 11.61
C MET A 1 -6.68 11.43 10.50
N THR A 2 -7.81 12.14 10.48
CA THR A 2 -8.83 11.91 9.46
C THR A 2 -8.69 12.91 8.31
N ARG A 3 -7.46 13.30 8.02
CA ARG A 3 -7.20 14.26 6.95
C ARG A 3 -6.92 13.52 5.64
N TRP A 4 -7.81 12.60 5.28
CA TRP A 4 -7.66 11.83 4.05
C TRP A 4 -8.85 10.89 3.87
N VAL A 5 -8.75 9.99 2.89
CA VAL A 5 -9.83 9.04 2.61
C VAL A 5 -9.58 7.70 3.32
N PRO A 6 -10.62 7.11 3.91
CA PRO A 6 -10.51 5.83 4.62
C PRO A 6 -10.31 4.65 3.65
N THR A 7 -9.55 3.66 4.10
CA THR A 7 -9.27 2.49 3.27
C THR A 7 -10.37 1.44 3.44
N LYS A 8 -11.61 1.84 3.18
CA LYS A 8 -12.75 0.94 3.31
C LYS A 8 -12.92 0.11 2.03
N ARG A 9 -13.94 -0.74 2.01
CA ARG A 9 -14.21 -1.58 0.86
C ARG A 9 -13.02 -2.51 0.58
N GLU A 10 -12.33 -2.90 1.63
CA GLU A 10 -11.18 -3.80 1.51
C GLU A 10 -11.29 -4.98 2.46
N GLU A 11 -10.29 -5.86 2.44
CA GLU A 11 -10.28 -7.03 3.31
C GLU A 11 -9.06 -7.01 4.22
N LYS A 12 -7.88 -7.08 3.63
CA LYS A 12 -6.64 -7.08 4.39
C LYS A 12 -5.58 -6.23 3.71
N TYR A 13 -4.99 -6.76 2.63
CA TYR A 13 -3.97 -6.05 1.89
C TYR A 13 -4.07 -6.34 0.39
N GLY A 14 -3.21 -5.72 -0.39
CA GLY A 14 -3.22 -5.92 -1.83
C GLY A 14 -1.83 -6.09 -2.40
N VAL A 15 -1.74 -6.33 -3.70
CA VAL A 15 -0.46 -6.51 -4.37
C VAL A 15 -0.12 -5.31 -5.25
N ALA A 16 1.15 -4.94 -5.27
CA ALA A 16 1.60 -3.80 -6.07
C ALA A 16 2.59 -4.26 -7.14
N PHE A 17 2.13 -4.30 -8.39
CA PHE A 17 3.00 -4.71 -9.49
C PHE A 17 3.51 -3.51 -10.26
N TYR A 18 4.68 -3.02 -9.85
CA TYR A 18 5.29 -1.87 -10.51
C TYR A 18 6.78 -1.78 -10.18
N ASN A 19 7.46 -0.81 -10.80
CA ASN A 19 8.88 -0.61 -10.56
C ASN A 19 9.11 0.76 -9.93
N TYR A 20 8.48 1.00 -8.80
CA TYR A 20 8.59 2.28 -8.10
C TYR A 20 9.81 2.31 -7.18
N ASP A 21 10.43 3.47 -7.05
CA ASP A 21 11.61 3.63 -6.21
C ASP A 21 11.45 4.86 -5.31
N ALA A 22 11.40 4.62 -4.01
CA ALA A 22 11.27 5.70 -3.03
C ALA A 22 12.38 6.73 -3.18
N ARG A 23 12.01 8.01 -3.19
CA ARG A 23 12.97 9.09 -3.32
C ARG A 23 13.65 9.37 -1.98
N GLY A 24 12.96 9.08 -0.89
CA GLY A 24 13.50 9.30 0.44
C GLY A 24 12.77 8.54 1.50
N ALA A 25 13.03 8.89 2.76
CA ALA A 25 12.37 8.22 3.89
C ALA A 25 10.87 8.47 3.87
N ASP A 26 10.46 9.60 3.31
CA ASP A 26 9.05 9.96 3.23
C ASP A 26 8.29 8.98 2.33
N GLU A 27 8.97 8.50 1.29
CA GLU A 27 8.36 7.57 0.36
C GLU A 27 8.91 6.16 0.56
N LEU A 28 8.20 5.17 0.02
CA LEU A 28 8.62 3.77 0.13
C LEU A 28 8.69 3.11 -1.23
N SER A 29 9.82 2.48 -1.52
CA SER A 29 10.01 1.81 -2.80
C SER A 29 9.06 0.62 -2.94
N LEU A 30 8.57 0.40 -4.16
CA LEU A 30 7.66 -0.70 -4.43
C LEU A 30 8.10 -1.47 -5.67
N GLN A 31 8.00 -2.79 -5.60
CA GLN A 31 8.39 -3.65 -6.72
C GLN A 31 7.31 -4.67 -7.04
N ILE A 32 7.42 -5.27 -8.21
CA ILE A 32 6.44 -6.28 -8.64
C ILE A 32 6.60 -7.57 -7.85
N GLY A 33 5.48 -8.11 -7.39
CA GLY A 33 5.51 -9.35 -6.62
C GLY A 33 5.44 -9.11 -5.12
N ASP A 34 5.51 -7.83 -4.72
CA ASP A 34 5.44 -7.48 -3.31
C ASP A 34 4.03 -7.12 -2.89
N THR A 35 3.66 -7.49 -1.67
CA THR A 35 2.33 -7.18 -1.15
C THR A 35 2.38 -6.01 -0.19
N VAL A 36 1.44 -5.09 -0.33
CA VAL A 36 1.39 -3.91 0.53
C VAL A 36 0.04 -3.79 1.21
N HIS A 37 0.06 -3.37 2.48
CA HIS A 37 -1.16 -3.20 3.26
C HIS A 37 -1.59 -1.74 3.26
N ILE A 38 -2.67 -1.46 2.54
CA ILE A 38 -3.20 -0.10 2.45
C ILE A 38 -3.68 0.40 3.81
N LEU A 39 -2.98 1.40 4.33
CA LEU A 39 -3.32 1.99 5.63
C LEU A 39 -4.19 3.22 5.43
N GLU A 40 -4.04 3.89 4.30
CA GLU A 40 -4.80 5.09 3.99
C GLU A 40 -5.13 5.15 2.50
N THR A 41 -6.15 5.93 2.15
CA THR A 41 -6.57 6.07 0.76
C THR A 41 -6.78 7.53 0.38
N TYR A 42 -6.94 7.79 -0.91
CA TYR A 42 -7.16 9.15 -1.39
C TYR A 42 -7.33 9.18 -2.91
N GLU A 43 -7.97 8.14 -3.45
CA GLU A 43 -8.21 8.05 -4.89
C GLU A 43 -6.91 8.26 -5.67
N GLY A 44 -6.25 7.15 -6.02
CA GLY A 44 -5.01 7.24 -6.76
C GLY A 44 -3.87 7.74 -5.88
N TRP A 45 -3.96 7.46 -4.59
CA TRP A 45 -2.95 7.88 -3.63
C TRP A 45 -3.23 7.22 -2.28
N TYR A 46 -2.62 6.07 -2.04
CA TYR A 46 -2.83 5.34 -0.79
C TYR A 46 -1.53 5.17 -0.02
N ARG A 47 -1.64 5.18 1.30
CA ARG A 47 -0.48 5.02 2.17
C ARG A 47 -0.56 3.70 2.93
N GLY A 48 0.46 2.87 2.80
CA GLY A 48 0.48 1.58 3.47
C GLY A 48 1.87 1.07 3.73
N TYR A 49 1.96 -0.14 4.27
CA TYR A 49 3.26 -0.75 4.56
C TYR A 49 3.38 -2.11 3.89
N THR A 50 4.57 -2.40 3.37
CA THR A 50 4.82 -3.67 2.70
C THR A 50 4.92 -4.81 3.71
N LEU A 51 4.48 -6.00 3.31
CA LEU A 51 4.52 -7.17 4.17
C LEU A 51 5.95 -7.44 4.66
N ARG A 52 6.92 -7.10 3.83
CA ARG A 52 8.33 -7.31 4.17
C ARG A 52 8.84 -6.20 5.08
N LYS A 53 8.50 -4.96 4.75
CA LYS A 53 8.93 -3.82 5.54
C LYS A 53 7.75 -3.19 6.28
N LYS A 54 7.41 -3.77 7.43
CA LYS A 54 6.30 -3.27 8.23
C LYS A 54 6.68 -1.98 8.93
N SER A 55 7.95 -1.84 9.28
CA SER A 55 8.44 -0.64 9.95
C SER A 55 8.45 0.55 9.00
N LYS A 56 8.91 0.31 7.77
CA LYS A 56 8.98 1.37 6.77
C LYS A 56 7.62 1.58 6.09
N LYS A 57 7.07 2.77 6.24
CA LYS A 57 5.78 3.10 5.65
C LYS A 57 5.95 4.09 4.49
N GLY A 58 5.03 4.03 3.53
CA GLY A 58 5.09 4.92 2.39
C GLY A 58 3.76 5.07 1.69
N ILE A 59 3.78 5.67 0.51
CA ILE A 59 2.57 5.88 -0.27
C ILE A 59 2.76 5.39 -1.71
N PHE A 60 1.65 5.04 -2.36
CA PHE A 60 1.69 4.56 -3.74
C PHE A 60 0.36 4.80 -4.43
N PRO A 61 0.38 4.95 -5.77
CA PRO A 61 -0.84 5.17 -6.55
C PRO A 61 -1.61 3.88 -6.81
N ALA A 62 -2.93 3.99 -6.86
CA ALA A 62 -3.80 2.83 -7.11
C ALA A 62 -3.67 2.31 -8.54
N SER A 63 -2.97 3.07 -9.38
CA SER A 63 -2.78 2.68 -10.78
C SER A 63 -2.31 1.24 -10.93
N TYR A 64 -1.66 0.70 -9.89
CA TYR A 64 -1.17 -0.66 -9.95
C TYR A 64 -1.39 -1.40 -8.63
N ILE A 65 -2.49 -1.11 -7.96
CA ILE A 65 -2.80 -1.76 -6.70
C ILE A 65 -4.03 -2.66 -6.83
N HIS A 66 -3.90 -3.90 -6.37
CA HIS A 66 -4.99 -4.86 -6.43
C HIS A 66 -5.27 -5.44 -5.04
N LEU A 67 -6.55 -5.48 -4.67
CA LEU A 67 -6.94 -6.02 -3.37
C LEU A 67 -7.05 -7.54 -3.42
N LYS A 68 -6.21 -8.21 -2.62
CA LYS A 68 -6.21 -9.67 -2.56
C LYS A 68 -7.42 -10.19 -1.81
N GLU A 69 -7.53 -11.51 -1.71
CA GLU A 69 -8.65 -12.13 -1.01
C GLU A 69 -8.17 -12.85 0.25
N ALA A 70 -8.49 -12.27 1.41
CA ALA A 70 -8.10 -12.85 2.68
C ALA A 70 -8.64 -14.26 2.85
N ILE A 71 -7.82 -15.25 2.53
CA ILE A 71 -8.23 -16.64 2.65
C ILE A 71 -8.41 -17.05 4.10
N VAL A 72 -9.60 -17.56 4.42
CA VAL A 72 -9.90 -17.99 5.79
C VAL A 72 -10.65 -19.32 5.79
N GLU A 73 -10.07 -20.31 6.46
CA GLU A 73 -10.69 -21.63 6.53
C GLU A 73 -11.73 -21.69 7.65
N GLY A 74 -12.45 -22.80 7.73
CA GLY A 74 -13.47 -22.95 8.75
C GLY A 74 -14.80 -23.43 8.18
N MET A 1 -11.85 12.20 10.81
CA MET A 1 -12.85 13.22 10.37
C MET A 1 -12.22 14.22 9.42
N THR A 2 -12.60 14.14 8.15
CA THR A 2 -12.07 15.05 7.13
C THR A 2 -10.55 15.00 7.08
N ARG A 3 -9.99 13.85 7.44
CA ARG A 3 -8.54 13.67 7.44
C ARG A 3 -8.08 12.99 6.15
N TRP A 4 -6.82 12.56 6.13
CA TRP A 4 -6.26 11.89 4.96
C TRP A 4 -6.37 10.37 5.09
N VAL A 5 -7.27 9.90 5.95
CA VAL A 5 -7.45 8.47 6.16
C VAL A 5 -8.92 8.06 5.99
N PRO A 6 -9.33 7.73 4.76
CA PRO A 6 -10.69 7.32 4.45
C PRO A 6 -10.89 5.82 4.64
N THR A 7 -10.03 5.03 4.00
CA THR A 7 -10.11 3.57 4.08
C THR A 7 -10.36 3.11 5.52
N LYS A 8 -11.47 2.42 5.72
CA LYS A 8 -11.83 1.91 7.05
C LYS A 8 -12.53 0.56 6.94
N ARG A 9 -12.64 -0.13 8.07
CA ARG A 9 -13.30 -1.43 8.10
C ARG A 9 -12.57 -2.42 7.21
N GLU A 10 -11.27 -2.24 7.06
CA GLU A 10 -10.46 -3.12 6.23
C GLU A 10 -9.38 -3.82 7.05
N GLU A 11 -9.39 -5.15 7.02
CA GLU A 11 -8.41 -5.94 7.76
C GLU A 11 -7.64 -6.86 6.84
N LYS A 12 -7.34 -6.38 5.63
CA LYS A 12 -6.61 -7.16 4.65
C LYS A 12 -5.63 -6.28 3.88
N TYR A 13 -4.83 -6.90 3.01
CA TYR A 13 -3.86 -6.17 2.21
C TYR A 13 -3.98 -6.55 0.73
N GLY A 14 -3.15 -5.94 -0.10
CA GLY A 14 -3.19 -6.23 -1.52
C GLY A 14 -1.80 -6.42 -2.11
N VAL A 15 -1.68 -6.23 -3.42
CA VAL A 15 -0.39 -6.38 -4.09
C VAL A 15 -0.10 -5.19 -4.99
N ALA A 16 1.18 -4.95 -5.23
CA ALA A 16 1.61 -3.84 -6.07
C ALA A 16 2.61 -4.31 -7.13
N PHE A 17 2.18 -4.35 -8.38
CA PHE A 17 3.06 -4.79 -9.46
C PHE A 17 3.58 -3.59 -10.25
N TYR A 18 4.74 -3.10 -9.84
CA TYR A 18 5.37 -1.96 -10.51
C TYR A 18 6.86 -1.88 -10.17
N ASN A 19 7.54 -0.93 -10.81
CA ASN A 19 8.97 -0.73 -10.58
C ASN A 19 9.23 0.68 -10.08
N TYR A 20 8.69 0.99 -8.90
CA TYR A 20 8.86 2.31 -8.31
C TYR A 20 9.85 2.28 -7.15
N ASP A 21 10.67 3.33 -7.04
CA ASP A 21 11.65 3.42 -5.97
C ASP A 21 11.31 4.57 -5.02
N ALA A 22 11.72 4.42 -3.76
CA ALA A 22 11.45 5.44 -2.76
C ALA A 22 12.66 6.37 -2.59
N ARG A 23 12.39 7.68 -2.60
CA ARG A 23 13.45 8.66 -2.43
C ARG A 23 13.44 9.24 -1.03
N GLY A 24 13.00 8.43 -0.06
CA GLY A 24 12.95 8.88 1.32
C GLY A 24 11.77 8.28 2.07
N ALA A 25 11.68 8.59 3.36
CA ALA A 25 10.59 8.08 4.19
C ALA A 25 9.24 8.53 3.64
N ASP A 26 9.22 9.67 2.96
CA ASP A 26 7.99 10.20 2.39
C ASP A 26 7.36 9.21 1.42
N GLU A 27 8.18 8.59 0.58
CA GLU A 27 7.70 7.63 -0.39
C GLU A 27 8.02 6.20 0.05
N LEU A 28 7.69 5.23 -0.80
CA LEU A 28 7.94 3.82 -0.50
C LEU A 28 8.35 3.06 -1.76
N SER A 29 9.45 2.32 -1.66
CA SER A 29 9.94 1.54 -2.79
C SER A 29 9.05 0.34 -3.04
N LEU A 30 8.36 0.34 -4.18
CA LEU A 30 7.46 -0.76 -4.53
C LEU A 30 8.02 -1.58 -5.69
N GLN A 31 7.97 -2.90 -5.54
CA GLN A 31 8.46 -3.80 -6.58
C GLN A 31 7.39 -4.83 -6.94
N ILE A 32 7.49 -5.38 -8.14
CA ILE A 32 6.53 -6.37 -8.60
C ILE A 32 6.64 -7.66 -7.80
N GLY A 33 5.50 -8.17 -7.35
CA GLY A 33 5.48 -9.38 -6.56
C GLY A 33 5.45 -9.12 -5.07
N ASP A 34 5.50 -7.86 -4.68
CA ASP A 34 5.48 -7.48 -3.28
C ASP A 34 4.07 -7.15 -2.81
N THR A 35 3.75 -7.58 -1.59
CA THR A 35 2.44 -7.32 -1.02
C THR A 35 2.46 -6.03 -0.20
N VAL A 36 1.36 -5.29 -0.23
CA VAL A 36 1.28 -4.03 0.50
C VAL A 36 -0.03 -3.90 1.28
N HIS A 37 0.07 -3.36 2.49
CA HIS A 37 -1.11 -3.16 3.34
C HIS A 37 -1.47 -1.68 3.40
N ILE A 38 -2.57 -1.32 2.75
CA ILE A 38 -3.02 0.06 2.72
C ILE A 38 -3.62 0.50 4.04
N LEU A 39 -3.13 1.63 4.55
CA LEU A 39 -3.62 2.18 5.82
C LEU A 39 -4.40 3.46 5.57
N GLU A 40 -3.98 4.22 4.55
CA GLU A 40 -4.65 5.46 4.19
C GLU A 40 -5.09 5.42 2.73
N THR A 41 -5.93 6.36 2.34
CA THR A 41 -6.42 6.42 0.96
C THR A 41 -7.00 7.81 0.65
N TYR A 42 -7.49 7.96 -0.59
CA TYR A 42 -8.07 9.22 -1.03
C TYR A 42 -8.53 9.11 -2.48
N GLU A 43 -7.57 8.95 -3.38
CA GLU A 43 -7.86 8.83 -4.81
C GLU A 43 -6.55 8.72 -5.59
N GLY A 44 -6.22 7.50 -6.02
CA GLY A 44 -4.98 7.31 -6.75
C GLY A 44 -3.77 7.72 -5.93
N TRP A 45 -3.93 7.70 -4.61
CA TRP A 45 -2.86 8.09 -3.70
C TRP A 45 -3.15 7.52 -2.30
N TYR A 46 -2.63 6.33 -2.02
CA TYR A 46 -2.84 5.69 -0.73
C TYR A 46 -1.53 5.45 0.00
N ARG A 47 -1.63 5.13 1.28
CA ARG A 47 -0.45 4.86 2.10
C ARG A 47 -0.52 3.47 2.71
N GLY A 48 0.65 2.90 3.02
CA GLY A 48 0.70 1.58 3.61
C GLY A 48 2.11 1.09 3.80
N TYR A 49 2.27 -0.22 4.02
CA TYR A 49 3.58 -0.81 4.22
C TYR A 49 3.59 -2.28 3.82
N THR A 50 4.61 -2.68 3.06
CA THR A 50 4.74 -4.06 2.61
C THR A 50 4.95 -5.00 3.80
N LEU A 51 4.37 -6.19 3.70
CA LEU A 51 4.49 -7.19 4.76
C LEU A 51 5.96 -7.53 5.02
N ARG A 52 6.77 -7.42 3.97
CA ARG A 52 8.20 -7.72 4.08
C ARG A 52 8.93 -6.58 4.78
N LYS A 53 8.46 -5.36 4.56
CA LYS A 53 9.07 -4.18 5.16
C LYS A 53 8.03 -3.35 5.90
N LYS A 54 7.51 -3.91 6.99
CA LYS A 54 6.50 -3.21 7.80
C LYS A 54 7.09 -1.98 8.46
N SER A 55 8.40 -2.00 8.71
CA SER A 55 9.07 -0.87 9.34
C SER A 55 8.89 0.40 8.53
N LYS A 56 9.47 0.41 7.32
CA LYS A 56 9.38 1.56 6.44
C LYS A 56 8.03 1.60 5.73
N LYS A 57 7.38 2.76 5.76
CA LYS A 57 6.08 2.93 5.11
C LYS A 57 6.10 4.11 4.16
N GLY A 58 5.02 4.25 3.39
CA GLY A 58 4.93 5.35 2.44
C GLY A 58 3.64 5.32 1.64
N ILE A 59 3.60 6.07 0.54
CA ILE A 59 2.41 6.12 -0.31
C ILE A 59 2.70 5.60 -1.71
N PHE A 60 1.66 5.13 -2.38
CA PHE A 60 1.79 4.60 -3.74
C PHE A 60 0.51 4.83 -4.54
N PRO A 61 0.63 4.97 -5.86
CA PRO A 61 -0.53 5.19 -6.73
C PRO A 61 -1.32 3.91 -6.99
N ALA A 62 -2.65 4.04 -7.00
CA ALA A 62 -3.53 2.89 -7.24
C ALA A 62 -3.44 2.39 -8.68
N SER A 63 -2.76 3.14 -9.53
CA SER A 63 -2.62 2.76 -10.94
C SER A 63 -2.17 1.32 -11.11
N TYR A 64 -1.50 0.76 -10.11
CA TYR A 64 -1.03 -0.63 -10.19
C TYR A 64 -1.27 -1.39 -8.89
N ILE A 65 -2.26 -0.96 -8.12
CA ILE A 65 -2.59 -1.63 -6.87
C ILE A 65 -3.77 -2.57 -7.04
N HIS A 66 -3.64 -3.78 -6.49
CA HIS A 66 -4.71 -4.77 -6.58
C HIS A 66 -4.93 -5.45 -5.23
N LEU A 67 -6.08 -5.19 -4.62
CA LEU A 67 -6.40 -5.78 -3.32
C LEU A 67 -6.55 -7.29 -3.41
N LYS A 68 -6.17 -7.98 -2.35
CA LYS A 68 -6.25 -9.44 -2.31
C LYS A 68 -7.16 -9.89 -1.17
N GLU A 69 -7.28 -11.21 -1.02
CA GLU A 69 -8.12 -11.78 0.03
C GLU A 69 -7.28 -12.57 1.03
N ALA A 70 -7.14 -12.04 2.24
CA ALA A 70 -6.36 -12.69 3.27
C ALA A 70 -6.94 -14.06 3.62
N ILE A 71 -6.31 -15.12 3.12
CA ILE A 71 -6.78 -16.48 3.38
C ILE A 71 -6.41 -16.92 4.78
N VAL A 72 -7.25 -17.77 5.37
CA VAL A 72 -7.01 -18.28 6.71
C VAL A 72 -6.52 -19.73 6.68
N GLU A 73 -5.31 -19.95 7.18
CA GLU A 73 -4.73 -21.28 7.21
C GLU A 73 -5.41 -22.16 8.25
N GLY A 74 -5.87 -23.34 7.83
CA GLY A 74 -6.53 -24.25 8.75
C GLY A 74 -6.04 -25.67 8.62
N MET A 1 -12.79 18.69 10.31
CA MET A 1 -11.32 18.68 10.15
C MET A 1 -10.91 18.01 8.85
N THR A 2 -9.75 18.37 8.34
CA THR A 2 -9.24 17.80 7.10
C THR A 2 -8.45 16.52 7.36
N ARG A 3 -9.08 15.38 7.10
CA ARG A 3 -8.43 14.09 7.31
C ARG A 3 -8.01 13.47 5.98
N TRP A 4 -6.96 12.66 6.02
CA TRP A 4 -6.45 12.01 4.82
C TRP A 4 -6.75 10.50 4.86
N VAL A 5 -7.80 10.11 5.56
CA VAL A 5 -8.16 8.70 5.67
C VAL A 5 -9.61 8.47 5.24
N PRO A 6 -9.82 8.21 3.93
CA PRO A 6 -11.15 7.96 3.38
C PRO A 6 -11.51 6.48 3.39
N THR A 7 -10.50 5.62 3.49
CA THR A 7 -10.72 4.18 3.51
C THR A 7 -11.53 3.78 4.74
N LYS A 8 -12.68 3.17 4.50
CA LYS A 8 -13.56 2.73 5.58
C LYS A 8 -13.19 1.33 6.04
N ARG A 9 -12.33 1.24 7.06
CA ARG A 9 -11.90 -0.04 7.60
C ARG A 9 -11.15 -0.85 6.54
N GLU A 10 -10.20 -1.66 6.99
CA GLU A 10 -9.41 -2.48 6.08
C GLU A 10 -8.47 -3.40 6.86
N GLU A 11 -8.57 -4.70 6.59
CA GLU A 11 -7.72 -5.68 7.26
C GLU A 11 -6.84 -6.43 6.27
N LYS A 12 -7.39 -6.71 5.08
CA LYS A 12 -6.65 -7.42 4.05
C LYS A 12 -5.73 -6.47 3.28
N TYR A 13 -4.62 -7.00 2.78
CA TYR A 13 -3.67 -6.21 2.03
C TYR A 13 -3.77 -6.50 0.54
N GLY A 14 -3.11 -5.69 -0.27
CA GLY A 14 -3.14 -5.88 -1.71
C GLY A 14 -1.76 -6.09 -2.31
N VAL A 15 -1.68 -6.12 -3.63
CA VAL A 15 -0.42 -6.31 -4.31
C VAL A 15 -0.06 -5.10 -5.16
N ALA A 16 1.23 -4.85 -5.33
CA ALA A 16 1.71 -3.72 -6.12
C ALA A 16 2.70 -4.18 -7.17
N PHE A 17 2.26 -4.21 -8.43
CA PHE A 17 3.12 -4.63 -9.52
C PHE A 17 3.69 -3.42 -10.27
N TYR A 18 4.86 -2.97 -9.84
CA TYR A 18 5.52 -1.83 -10.46
C TYR A 18 7.00 -1.79 -10.11
N ASN A 19 7.72 -0.85 -10.70
CA ASN A 19 9.14 -0.70 -10.44
C ASN A 19 9.41 0.66 -9.78
N TYR A 20 8.67 0.92 -8.70
CA TYR A 20 8.81 2.17 -7.96
C TYR A 20 10.04 2.14 -7.05
N ASP A 21 10.79 3.25 -7.05
CA ASP A 21 11.98 3.36 -6.22
C ASP A 21 11.91 4.61 -5.35
N ALA A 22 11.65 4.40 -4.06
CA ALA A 22 11.55 5.50 -3.12
C ALA A 22 12.88 6.26 -2.99
N ARG A 23 12.80 7.51 -2.56
CA ARG A 23 13.99 8.33 -2.39
C ARG A 23 14.00 9.00 -1.02
N GLY A 24 13.37 8.34 -0.04
CA GLY A 24 13.33 8.88 1.31
C GLY A 24 12.24 8.24 2.15
N ALA A 25 12.05 8.75 3.35
CA ALA A 25 11.04 8.21 4.26
C ALA A 25 9.64 8.58 3.79
N ASP A 26 9.51 9.73 3.14
CA ASP A 26 8.23 10.20 2.64
C ASP A 26 7.62 9.20 1.65
N GLU A 27 8.49 8.50 0.93
CA GLU A 27 8.04 7.51 -0.05
C GLU A 27 8.59 6.13 0.29
N LEU A 28 8.01 5.10 -0.33
CA LEU A 28 8.45 3.73 -0.10
C LEU A 28 8.63 2.99 -1.42
N SER A 29 9.77 2.32 -1.55
CA SER A 29 10.08 1.57 -2.77
C SER A 29 9.12 0.41 -2.97
N LEU A 30 8.52 0.33 -4.15
CA LEU A 30 7.57 -0.73 -4.47
C LEU A 30 8.08 -1.57 -5.64
N GLN A 31 8.06 -2.89 -5.48
CA GLN A 31 8.51 -3.80 -6.51
C GLN A 31 7.39 -4.76 -6.92
N ILE A 32 7.52 -5.34 -8.11
CA ILE A 32 6.53 -6.26 -8.62
C ILE A 32 6.57 -7.58 -7.86
N GLY A 33 5.40 -8.10 -7.52
CA GLY A 33 5.32 -9.36 -6.79
C GLY A 33 5.30 -9.15 -5.28
N ASP A 34 5.41 -7.90 -4.85
CA ASP A 34 5.40 -7.58 -3.43
C ASP A 34 4.01 -7.20 -2.94
N THR A 35 3.71 -7.52 -1.69
CA THR A 35 2.42 -7.20 -1.10
C THR A 35 2.51 -5.92 -0.29
N VAL A 36 1.38 -5.23 -0.16
CA VAL A 36 1.36 -3.98 0.60
C VAL A 36 0.06 -3.82 1.40
N HIS A 37 0.21 -3.36 2.64
CA HIS A 37 -0.94 -3.17 3.51
C HIS A 37 -1.34 -1.69 3.52
N ILE A 38 -2.47 -1.38 2.89
CA ILE A 38 -2.95 0.00 2.81
C ILE A 38 -3.62 0.44 4.11
N LEU A 39 -3.21 1.59 4.62
CA LEU A 39 -3.78 2.14 5.84
C LEU A 39 -4.58 3.40 5.53
N GLU A 40 -4.04 4.22 4.63
CA GLU A 40 -4.70 5.45 4.21
C GLU A 40 -5.06 5.39 2.74
N THR A 41 -5.90 6.31 2.28
CA THR A 41 -6.31 6.34 0.88
C THR A 41 -6.71 7.75 0.44
N TYR A 42 -7.03 7.90 -0.84
CA TYR A 42 -7.43 9.19 -1.38
C TYR A 42 -7.66 9.12 -2.89
N GLU A 43 -8.20 7.98 -3.35
CA GLU A 43 -8.47 7.78 -4.76
C GLU A 43 -7.21 8.01 -5.59
N GLY A 44 -6.50 6.93 -5.89
CA GLY A 44 -5.28 7.03 -6.67
C GLY A 44 -4.15 7.62 -5.86
N TRP A 45 -4.14 7.31 -4.57
CA TRP A 45 -3.11 7.81 -3.66
C TRP A 45 -3.34 7.26 -2.26
N TYR A 46 -2.80 6.07 -2.00
CA TYR A 46 -2.98 5.44 -0.69
C TYR A 46 -1.64 5.20 -0.01
N ARG A 47 -1.66 5.11 1.32
CA ARG A 47 -0.45 4.88 2.10
C ARG A 47 -0.49 3.51 2.75
N GLY A 48 0.69 2.91 2.94
CA GLY A 48 0.76 1.60 3.56
C GLY A 48 2.18 1.10 3.71
N TYR A 49 2.33 -0.12 4.20
CA TYR A 49 3.65 -0.71 4.40
C TYR A 49 3.71 -2.10 3.80
N THR A 50 4.77 -2.37 3.04
CA THR A 50 4.95 -3.67 2.40
C THR A 50 5.05 -4.78 3.45
N LEU A 51 4.77 -6.01 3.04
CA LEU A 51 4.82 -7.16 3.93
C LEU A 51 6.26 -7.45 4.35
N ARG A 52 7.20 -7.15 3.46
CA ARG A 52 8.62 -7.38 3.73
C ARG A 52 9.13 -6.38 4.77
N LYS A 53 8.63 -5.16 4.71
CA LYS A 53 9.05 -4.11 5.64
C LYS A 53 7.83 -3.44 6.28
N LYS A 54 7.53 -3.85 7.50
CA LYS A 54 6.39 -3.30 8.23
C LYS A 54 6.75 -1.96 8.86
N SER A 55 8.01 -1.81 9.25
CA SER A 55 8.49 -0.57 9.86
C SER A 55 8.50 0.57 8.85
N LYS A 56 8.70 0.23 7.58
CA LYS A 56 8.75 1.22 6.51
C LYS A 56 7.34 1.52 5.98
N LYS A 57 7.06 2.80 5.76
CA LYS A 57 5.75 3.22 5.26
C LYS A 57 5.92 4.12 4.04
N GLY A 58 4.87 4.19 3.21
CA GLY A 58 4.93 5.01 2.02
C GLY A 58 3.60 5.08 1.29
N ILE A 59 3.55 5.90 0.25
CA ILE A 59 2.33 6.06 -0.54
C ILE A 59 2.57 5.62 -1.98
N PHE A 60 1.50 5.23 -2.66
CA PHE A 60 1.60 4.79 -4.05
C PHE A 60 0.28 4.97 -4.78
N PRO A 61 0.33 5.13 -6.12
CA PRO A 61 -0.87 5.30 -6.95
C PRO A 61 -1.64 4.00 -7.12
N ALA A 62 -2.96 4.10 -7.09
CA ALA A 62 -3.83 2.92 -7.24
C ALA A 62 -3.79 2.37 -8.67
N SER A 63 -3.18 3.14 -9.58
CA SER A 63 -3.09 2.73 -10.98
C SER A 63 -2.57 1.30 -11.12
N TYR A 64 -1.80 0.84 -10.13
CA TYR A 64 -1.26 -0.52 -10.16
C TYR A 64 -1.40 -1.21 -8.80
N ILE A 65 -2.55 -1.04 -8.17
CA ILE A 65 -2.80 -1.66 -6.87
C ILE A 65 -4.05 -2.52 -6.91
N HIS A 66 -3.95 -3.72 -6.35
CA HIS A 66 -5.07 -4.65 -6.32
C HIS A 66 -5.18 -5.32 -4.95
N LEU A 67 -6.26 -5.03 -4.24
CA LEU A 67 -6.49 -5.60 -2.92
C LEU A 67 -6.99 -7.04 -3.03
N LYS A 68 -6.35 -7.94 -2.29
CA LYS A 68 -6.73 -9.35 -2.30
C LYS A 68 -7.26 -9.78 -0.94
N GLU A 69 -7.39 -11.09 -0.75
CA GLU A 69 -7.89 -11.63 0.51
C GLU A 69 -6.73 -11.89 1.47
N ALA A 70 -6.91 -12.85 2.37
CA ALA A 70 -5.87 -13.19 3.33
C ALA A 70 -5.37 -14.61 3.13
N ILE A 71 -4.45 -15.05 3.99
CA ILE A 71 -3.90 -16.38 3.90
C ILE A 71 -4.09 -17.16 5.21
N VAL A 72 -5.27 -17.74 5.36
CA VAL A 72 -5.60 -18.51 6.56
C VAL A 72 -5.44 -20.00 6.33
N GLU A 73 -4.31 -20.56 6.74
CA GLU A 73 -4.04 -21.97 6.58
C GLU A 73 -3.80 -22.65 7.92
N GLY A 74 -4.44 -23.79 8.13
CA GLY A 74 -4.29 -24.52 9.37
C GLY A 74 -4.95 -23.82 10.53
N MET A 1 -12.38 22.12 5.82
CA MET A 1 -11.16 21.30 5.91
C MET A 1 -11.38 19.91 5.32
N THR A 2 -10.40 19.44 4.57
CA THR A 2 -10.47 18.12 3.94
C THR A 2 -9.19 17.32 4.17
N ARG A 3 -9.19 16.52 5.23
CA ARG A 3 -8.03 15.70 5.57
C ARG A 3 -7.99 14.44 4.72
N TRP A 4 -6.84 13.76 4.74
CA TRP A 4 -6.67 12.52 3.97
C TRP A 4 -7.60 11.43 4.49
N VAL A 5 -8.59 11.07 3.68
CA VAL A 5 -9.55 10.04 4.05
C VAL A 5 -8.85 8.71 4.34
N PRO A 6 -9.18 8.07 5.49
CA PRO A 6 -8.59 6.79 5.87
C PRO A 6 -9.20 5.62 5.11
N THR A 7 -8.58 4.45 5.23
CA THR A 7 -9.07 3.26 4.54
C THR A 7 -9.23 2.10 5.53
N LYS A 8 -10.40 2.03 6.16
CA LYS A 8 -10.69 0.98 7.12
C LYS A 8 -11.71 -0.01 6.57
N ARG A 9 -12.06 -1.01 7.37
CA ARG A 9 -13.02 -2.03 6.96
C ARG A 9 -12.49 -2.82 5.78
N GLU A 10 -11.36 -3.49 5.99
CA GLU A 10 -10.74 -4.31 4.95
C GLU A 10 -9.98 -5.48 5.56
N GLU A 11 -9.01 -5.17 6.42
CA GLU A 11 -8.22 -6.19 7.07
C GLU A 11 -7.56 -7.11 6.04
N LYS A 12 -7.28 -6.57 4.86
CA LYS A 12 -6.65 -7.35 3.80
C LYS A 12 -5.71 -6.47 2.97
N TYR A 13 -4.59 -7.05 2.56
CA TYR A 13 -3.60 -6.32 1.75
C TYR A 13 -3.69 -6.73 0.28
N GLY A 14 -2.89 -6.09 -0.55
CA GLY A 14 -2.90 -6.40 -1.97
C GLY A 14 -1.51 -6.40 -2.57
N VAL A 15 -1.42 -6.77 -3.84
CA VAL A 15 -0.14 -6.82 -4.54
C VAL A 15 0.07 -5.56 -5.38
N ALA A 16 1.31 -5.13 -5.49
CA ALA A 16 1.64 -3.93 -6.25
C ALA A 16 2.65 -4.24 -7.36
N PHE A 17 2.18 -4.27 -8.60
CA PHE A 17 3.06 -4.55 -9.73
C PHE A 17 3.58 -3.25 -10.34
N TYR A 18 4.74 -2.82 -9.86
CA TYR A 18 5.35 -1.59 -10.36
C TYR A 18 6.83 -1.54 -10.01
N ASN A 19 7.58 -0.72 -10.75
CA ASN A 19 9.01 -0.56 -10.51
C ASN A 19 9.29 0.80 -9.88
N TYR A 20 8.68 1.03 -8.72
CA TYR A 20 8.83 2.30 -8.01
C TYR A 20 10.04 2.26 -7.06
N ASP A 21 10.84 3.32 -7.09
CA ASP A 21 12.02 3.42 -6.23
C ASP A 21 11.93 4.65 -5.35
N ALA A 22 11.72 4.43 -4.06
CA ALA A 22 11.62 5.53 -3.10
C ALA A 22 12.93 6.30 -2.99
N ARG A 23 12.85 7.61 -3.13
CA ARG A 23 14.03 8.47 -3.04
C ARG A 23 14.43 8.67 -1.57
N GLY A 24 13.45 8.56 -0.68
CA GLY A 24 13.73 8.74 0.73
C GLY A 24 12.64 8.15 1.61
N ALA A 25 12.57 8.63 2.85
CA ALA A 25 11.56 8.14 3.80
C ALA A 25 10.18 8.65 3.43
N ASP A 26 10.12 9.79 2.74
CA ASP A 26 8.85 10.38 2.33
C ASP A 26 8.04 9.40 1.50
N GLU A 27 8.73 8.62 0.66
CA GLU A 27 8.06 7.64 -0.19
C GLU A 27 8.63 6.24 0.04
N LEU A 28 7.83 5.23 -0.30
CA LEU A 28 8.25 3.84 -0.12
C LEU A 28 8.40 3.16 -1.48
N SER A 29 9.50 2.42 -1.63
CA SER A 29 9.77 1.71 -2.88
C SER A 29 8.80 0.55 -3.07
N LEU A 30 8.33 0.39 -4.30
CA LEU A 30 7.40 -0.69 -4.61
C LEU A 30 7.98 -1.61 -5.69
N GLN A 31 7.95 -2.90 -5.43
CA GLN A 31 8.48 -3.88 -6.37
C GLN A 31 7.39 -4.85 -6.83
N ILE A 32 7.48 -5.27 -8.08
CA ILE A 32 6.51 -6.21 -8.64
C ILE A 32 6.52 -7.53 -7.88
N GLY A 33 5.34 -7.94 -7.41
CA GLY A 33 5.23 -9.18 -6.66
C GLY A 33 5.22 -8.96 -5.15
N ASP A 34 5.36 -7.71 -4.73
CA ASP A 34 5.36 -7.39 -3.31
C ASP A 34 3.97 -6.97 -2.84
N THR A 35 3.64 -7.37 -1.62
CA THR A 35 2.33 -7.03 -1.04
C THR A 35 2.42 -5.77 -0.19
N VAL A 36 1.30 -5.07 -0.06
CA VAL A 36 1.26 -3.84 0.72
C VAL A 36 -0.04 -3.71 1.50
N HIS A 37 0.07 -3.25 2.75
CA HIS A 37 -1.09 -3.08 3.60
C HIS A 37 -1.55 -1.62 3.60
N ILE A 38 -2.68 -1.36 2.95
CA ILE A 38 -3.23 -0.01 2.85
C ILE A 38 -3.93 0.40 4.14
N LEU A 39 -3.64 1.62 4.60
CA LEU A 39 -4.24 2.15 5.81
C LEU A 39 -4.93 3.48 5.52
N GLU A 40 -4.33 4.28 4.64
CA GLU A 40 -4.89 5.58 4.27
C GLU A 40 -5.12 5.65 2.77
N THR A 41 -6.12 6.43 2.36
CA THR A 41 -6.43 6.57 0.94
C THR A 41 -6.75 8.03 0.59
N TYR A 42 -6.92 8.30 -0.70
CA TYR A 42 -7.23 9.64 -1.17
C TYR A 42 -7.43 9.67 -2.68
N GLU A 43 -8.03 8.60 -3.22
CA GLU A 43 -8.27 8.50 -4.65
C GLU A 43 -6.95 8.56 -5.43
N GLY A 44 -6.47 7.38 -5.83
CA GLY A 44 -5.22 7.32 -6.56
C GLY A 44 -4.05 7.79 -5.73
N TRP A 45 -4.09 7.47 -4.44
CA TRP A 45 -3.03 7.87 -3.52
C TRP A 45 -3.31 7.29 -2.14
N TYR A 46 -2.78 6.10 -1.87
CA TYR A 46 -2.99 5.44 -0.58
C TYR A 46 -1.66 5.20 0.13
N ARG A 47 -1.69 5.26 1.45
CA ARG A 47 -0.50 5.05 2.27
C ARG A 47 -0.59 3.70 2.97
N GLY A 48 0.56 3.04 3.10
CA GLY A 48 0.59 1.73 3.76
C GLY A 48 2.00 1.21 3.95
N TYR A 49 2.11 -0.04 4.37
CA TYR A 49 3.40 -0.66 4.59
C TYR A 49 3.47 -2.04 3.94
N THR A 50 4.61 -2.34 3.33
CA THR A 50 4.80 -3.63 2.66
C THR A 50 4.84 -4.77 3.68
N LEU A 51 4.39 -5.94 3.26
CA LEU A 51 4.37 -7.11 4.13
C LEU A 51 5.78 -7.45 4.61
N ARG A 52 6.77 -7.15 3.78
CA ARG A 52 8.16 -7.42 4.13
C ARG A 52 8.66 -6.44 5.18
N LYS A 53 8.78 -5.17 4.78
CA LYS A 53 9.25 -4.14 5.70
C LYS A 53 8.08 -3.36 6.28
N LYS A 54 7.44 -3.94 7.30
CA LYS A 54 6.31 -3.31 7.96
C LYS A 54 6.74 -2.06 8.71
N SER A 55 7.97 -2.06 9.19
CA SER A 55 8.51 -0.92 9.93
C SER A 55 8.49 0.35 9.07
N LYS A 56 8.65 0.16 7.76
CA LYS A 56 8.65 1.30 6.84
C LYS A 56 7.24 1.59 6.34
N LYS A 57 7.00 2.85 5.99
CA LYS A 57 5.70 3.26 5.50
C LYS A 57 5.84 4.18 4.28
N GLY A 58 4.82 4.20 3.44
CA GLY A 58 4.84 5.04 2.26
C GLY A 58 3.50 5.11 1.55
N ILE A 59 3.51 5.59 0.31
CA ILE A 59 2.30 5.71 -0.48
C ILE A 59 2.50 5.19 -1.89
N PHE A 60 1.41 4.97 -2.62
CA PHE A 60 1.49 4.48 -3.99
C PHE A 60 0.21 4.78 -4.76
N PRO A 61 0.27 4.78 -6.10
CA PRO A 61 -0.88 5.05 -6.96
C PRO A 61 -1.87 3.88 -6.98
N ALA A 62 -3.16 4.21 -6.97
CA ALA A 62 -4.20 3.18 -6.98
C ALA A 62 -4.28 2.47 -8.33
N SER A 63 -3.58 3.01 -9.33
CA SER A 63 -3.59 2.42 -10.67
C SER A 63 -2.49 1.36 -10.81
N TYR A 64 -1.88 0.97 -9.69
CA TYR A 64 -0.83 -0.04 -9.71
C TYR A 64 -0.91 -0.94 -8.48
N ILE A 65 -2.14 -1.18 -8.02
CA ILE A 65 -2.37 -2.03 -6.86
C ILE A 65 -3.40 -3.10 -7.16
N HIS A 66 -3.43 -4.15 -6.35
CA HIS A 66 -4.38 -5.25 -6.54
C HIS A 66 -4.76 -5.87 -5.20
N LEU A 67 -6.02 -5.70 -4.82
CA LEU A 67 -6.51 -6.24 -3.56
C LEU A 67 -6.58 -7.76 -3.62
N LYS A 68 -5.83 -8.42 -2.74
CA LYS A 68 -5.82 -9.89 -2.70
C LYS A 68 -6.45 -10.40 -1.40
N GLU A 69 -6.47 -11.72 -1.25
CA GLU A 69 -7.04 -12.34 -0.06
C GLU A 69 -5.96 -12.59 1.00
N ALA A 70 -5.91 -11.72 1.99
CA ALA A 70 -4.93 -11.85 3.07
C ALA A 70 -5.09 -13.16 3.82
N ILE A 71 -4.12 -14.04 3.67
CA ILE A 71 -4.15 -15.34 4.34
C ILE A 71 -3.83 -15.21 5.83
N VAL A 72 -4.69 -15.78 6.66
CA VAL A 72 -4.49 -15.73 8.11
C VAL A 72 -4.32 -17.12 8.70
N GLU A 73 -3.07 -17.61 8.69
CA GLU A 73 -2.78 -18.94 9.23
C GLU A 73 -1.47 -18.92 10.01
N GLY A 74 -1.55 -18.54 11.28
CA GLY A 74 -0.36 -18.49 12.12
C GLY A 74 -0.52 -17.53 13.28
N MET A 1 -7.54 19.74 5.73
CA MET A 1 -7.10 19.69 4.30
C MET A 1 -6.21 18.48 4.03
N THR A 2 -5.49 18.04 5.05
CA THR A 2 -4.60 16.89 4.93
C THR A 2 -5.02 15.76 5.86
N ARG A 3 -6.31 15.71 6.19
CA ARG A 3 -6.84 14.68 7.08
C ARG A 3 -6.81 13.31 6.39
N TRP A 4 -7.16 13.31 5.11
CA TRP A 4 -7.17 12.07 4.33
C TRP A 4 -8.20 11.09 4.88
N VAL A 5 -8.39 9.99 4.16
CA VAL A 5 -9.34 8.95 4.56
C VAL A 5 -8.61 7.69 5.03
N PRO A 6 -9.11 7.04 6.10
CA PRO A 6 -8.50 5.82 6.63
C PRO A 6 -8.90 4.55 5.88
N THR A 7 -9.21 4.71 4.59
CA THR A 7 -9.61 3.58 3.74
C THR A 7 -10.57 2.64 4.46
N LYS A 8 -11.87 2.83 4.21
CA LYS A 8 -12.89 1.98 4.83
C LYS A 8 -13.89 1.52 3.78
N ARG A 9 -13.53 0.45 3.06
CA ARG A 9 -14.40 -0.10 2.03
C ARG A 9 -13.71 -1.29 1.33
N GLU A 10 -12.49 -1.05 0.85
CA GLU A 10 -11.72 -2.09 0.17
C GLU A 10 -11.28 -3.17 1.14
N GLU A 11 -10.47 -4.11 0.64
CA GLU A 11 -9.98 -5.21 1.47
C GLU A 11 -8.82 -4.75 2.35
N LYS A 12 -8.38 -5.63 3.23
CA LYS A 12 -7.27 -5.32 4.15
C LYS A 12 -6.04 -4.86 3.38
N TYR A 13 -5.38 -5.81 2.70
CA TYR A 13 -4.18 -5.51 1.93
C TYR A 13 -4.20 -6.19 0.57
N GLY A 14 -3.28 -5.80 -0.30
CA GLY A 14 -3.23 -6.38 -1.63
C GLY A 14 -1.80 -6.54 -2.13
N VAL A 15 -1.62 -6.48 -3.44
CA VAL A 15 -0.31 -6.62 -4.05
C VAL A 15 -0.02 -5.47 -5.01
N ALA A 16 1.24 -5.04 -5.03
CA ALA A 16 1.65 -3.94 -5.91
C ALA A 16 2.61 -4.43 -6.99
N PHE A 17 2.17 -4.37 -8.24
CA PHE A 17 3.01 -4.81 -9.35
C PHE A 17 3.52 -3.62 -10.15
N TYR A 18 4.70 -3.14 -9.77
CA TYR A 18 5.31 -2.00 -10.46
C TYR A 18 6.81 -1.94 -10.17
N ASN A 19 7.48 -0.98 -10.79
CA ASN A 19 8.92 -0.79 -10.60
C ASN A 19 9.18 0.58 -9.99
N TYR A 20 8.53 0.86 -8.87
CA TYR A 20 8.68 2.15 -8.18
C TYR A 20 9.92 2.16 -7.29
N ASP A 21 10.61 3.30 -7.28
CA ASP A 21 11.81 3.46 -6.47
C ASP A 21 11.72 4.72 -5.63
N ALA A 22 11.41 4.55 -4.35
CA ALA A 22 11.28 5.68 -3.43
C ALA A 22 12.57 6.49 -3.36
N ARG A 23 12.47 7.70 -2.82
CA ARG A 23 13.62 8.59 -2.70
C ARG A 23 13.55 9.39 -1.40
N GLY A 24 12.89 8.82 -0.40
CA GLY A 24 12.76 9.50 0.89
C GLY A 24 11.83 8.76 1.83
N ALA A 25 11.68 9.30 3.04
CA ALA A 25 10.82 8.68 4.05
C ALA A 25 9.35 8.85 3.69
N ASP A 26 9.03 9.94 3.00
CA ASP A 26 7.66 10.22 2.59
C ASP A 26 7.16 9.17 1.62
N GLU A 27 8.06 8.62 0.82
CA GLU A 27 7.70 7.60 -0.16
C GLU A 27 8.37 6.27 0.15
N LEU A 28 7.87 5.19 -0.45
CA LEU A 28 8.42 3.87 -0.25
C LEU A 28 8.57 3.13 -1.57
N SER A 29 9.69 2.45 -1.75
CA SER A 29 9.95 1.70 -2.97
C SER A 29 9.03 0.50 -3.08
N LEU A 30 8.50 0.27 -4.28
CA LEU A 30 7.61 -0.85 -4.53
C LEU A 30 8.06 -1.64 -5.75
N GLN A 31 8.01 -2.97 -5.63
CA GLN A 31 8.43 -3.85 -6.72
C GLN A 31 7.35 -4.89 -7.02
N ILE A 32 7.41 -5.46 -8.22
CA ILE A 32 6.44 -6.46 -8.64
C ILE A 32 6.58 -7.74 -7.81
N GLY A 33 5.45 -8.29 -7.41
CA GLY A 33 5.46 -9.51 -6.62
C GLY A 33 5.48 -9.24 -5.13
N ASP A 34 5.56 -7.97 -4.75
CA ASP A 34 5.59 -7.59 -3.35
C ASP A 34 4.19 -7.24 -2.84
N THR A 35 3.89 -7.66 -1.62
CA THR A 35 2.58 -7.38 -1.02
C THR A 35 2.64 -6.09 -0.21
N VAL A 36 1.53 -5.35 -0.21
CA VAL A 36 1.46 -4.09 0.52
C VAL A 36 0.13 -3.94 1.24
N HIS A 37 0.18 -3.46 2.48
CA HIS A 37 -1.02 -3.25 3.27
C HIS A 37 -1.37 -1.76 3.33
N ILE A 38 -2.50 -1.41 2.73
CA ILE A 38 -2.95 -0.03 2.70
C ILE A 38 -3.65 0.37 4.01
N LEU A 39 -3.25 1.51 4.55
CA LEU A 39 -3.84 2.02 5.79
C LEU A 39 -4.54 3.37 5.55
N GLU A 40 -4.13 4.06 4.50
CA GLU A 40 -4.71 5.36 4.16
C GLU A 40 -5.05 5.42 2.67
N THR A 41 -6.07 6.19 2.32
CA THR A 41 -6.48 6.33 0.93
C THR A 41 -7.18 7.66 0.68
N TYR A 42 -7.58 7.89 -0.57
CA TYR A 42 -8.26 9.13 -0.95
C TYR A 42 -8.64 9.10 -2.42
N GLU A 43 -7.63 9.08 -3.30
CA GLU A 43 -7.86 9.05 -4.73
C GLU A 43 -6.52 8.96 -5.48
N GLY A 44 -6.19 7.75 -5.94
CA GLY A 44 -4.94 7.56 -6.65
C GLY A 44 -3.74 7.84 -5.78
N TRP A 45 -3.91 7.67 -4.46
CA TRP A 45 -2.84 7.92 -3.51
C TRP A 45 -3.12 7.19 -2.20
N TYR A 46 -2.48 6.04 -1.99
CA TYR A 46 -2.69 5.27 -0.78
C TYR A 46 -1.39 5.11 -0.01
N ARG A 47 -1.50 5.06 1.32
CA ARG A 47 -0.33 4.90 2.19
C ARG A 47 -0.40 3.57 2.92
N GLY A 48 0.76 2.99 3.20
CA GLY A 48 0.81 1.72 3.89
C GLY A 48 2.22 1.19 4.08
N TYR A 49 2.35 -0.12 4.22
CA TYR A 49 3.65 -0.74 4.40
C TYR A 49 3.68 -2.12 3.76
N THR A 50 4.80 -2.46 3.13
CA THR A 50 4.96 -3.75 2.47
C THR A 50 5.00 -4.88 3.50
N LEU A 51 4.57 -6.07 3.09
CA LEU A 51 4.56 -7.23 3.97
C LEU A 51 5.97 -7.54 4.48
N ARG A 52 6.96 -7.24 3.66
CA ARG A 52 8.36 -7.49 4.02
C ARG A 52 8.87 -6.42 4.97
N LYS A 53 8.60 -5.15 4.64
CA LYS A 53 9.04 -4.03 5.46
C LYS A 53 7.87 -3.45 6.24
N LYS A 54 7.61 -4.02 7.42
CA LYS A 54 6.52 -3.56 8.27
C LYS A 54 6.91 -2.28 9.01
N SER A 55 8.19 -2.16 9.35
CA SER A 55 8.68 -0.99 10.06
C SER A 55 8.69 0.24 9.15
N LYS A 56 8.86 0.00 7.85
CA LYS A 56 8.89 1.09 6.88
C LYS A 56 7.48 1.40 6.37
N LYS A 57 7.24 2.67 6.04
CA LYS A 57 5.95 3.09 5.54
C LYS A 57 6.09 4.03 4.35
N GLY A 58 5.08 4.07 3.50
CA GLY A 58 5.12 4.94 2.33
C GLY A 58 3.81 4.98 1.59
N ILE A 59 3.78 5.68 0.46
CA ILE A 59 2.58 5.81 -0.35
C ILE A 59 2.82 5.33 -1.77
N PHE A 60 1.76 4.91 -2.45
CA PHE A 60 1.85 4.43 -3.82
C PHE A 60 0.56 4.67 -4.58
N PRO A 61 0.64 4.89 -5.90
CA PRO A 61 -0.54 5.13 -6.74
C PRO A 61 -1.31 3.85 -7.03
N ALA A 62 -2.64 3.95 -6.97
CA ALA A 62 -3.52 2.81 -7.22
C ALA A 62 -3.44 2.34 -8.68
N SER A 63 -2.78 3.13 -9.53
CA SER A 63 -2.65 2.80 -10.94
C SER A 63 -2.18 1.36 -11.16
N TYR A 64 -1.49 0.80 -10.17
CA TYR A 64 -0.99 -0.58 -10.29
C TYR A 64 -1.24 -1.39 -9.01
N ILE A 65 -2.16 -0.93 -8.18
CA ILE A 65 -2.47 -1.64 -6.94
C ILE A 65 -3.65 -2.59 -7.12
N HIS A 66 -3.60 -3.73 -6.44
CA HIS A 66 -4.66 -4.72 -6.52
C HIS A 66 -4.94 -5.31 -5.13
N LEU A 67 -6.12 -5.02 -4.60
CA LEU A 67 -6.51 -5.53 -3.29
C LEU A 67 -6.78 -7.03 -3.34
N LYS A 68 -6.23 -7.75 -2.35
CA LYS A 68 -6.40 -9.19 -2.28
C LYS A 68 -7.73 -9.54 -1.62
N GLU A 69 -7.98 -10.84 -1.45
CA GLU A 69 -9.22 -11.31 -0.83
C GLU A 69 -9.11 -11.28 0.69
N ALA A 70 -8.42 -12.27 1.24
CA ALA A 70 -8.24 -12.36 2.70
C ALA A 70 -7.37 -13.56 3.06
N ILE A 71 -6.12 -13.28 3.43
CA ILE A 71 -5.19 -14.33 3.80
C ILE A 71 -4.41 -13.95 5.06
N VAL A 72 -4.09 -14.95 5.88
CA VAL A 72 -3.36 -14.72 7.12
C VAL A 72 -1.94 -15.29 7.02
N GLU A 73 -1.17 -15.14 8.11
CA GLU A 73 0.19 -15.64 8.15
C GLU A 73 1.06 -14.93 7.12
N GLY A 74 2.31 -14.65 7.50
CA GLY A 74 3.22 -13.97 6.59
C GLY A 74 3.46 -12.53 6.97
N MET A 1 -6.54 11.09 9.81
CA MET A 1 -7.97 11.11 9.40
C MET A 1 -8.55 12.51 9.52
N THR A 2 -7.70 13.52 9.32
CA THR A 2 -8.13 14.91 9.41
C THR A 2 -8.70 15.38 8.07
N ARG A 3 -8.10 14.90 6.99
CA ARG A 3 -8.55 15.27 5.64
C ARG A 3 -8.62 14.05 4.73
N TRP A 4 -7.58 13.22 4.79
CA TRP A 4 -7.52 12.01 3.96
C TRP A 4 -8.58 11.00 4.40
N VAL A 5 -8.88 10.05 3.53
CA VAL A 5 -9.86 9.02 3.82
C VAL A 5 -9.22 7.82 4.52
N PRO A 6 -9.90 7.25 5.54
CA PRO A 6 -9.39 6.10 6.29
C PRO A 6 -9.66 4.76 5.59
N THR A 7 -9.86 4.81 4.28
CA THR A 7 -10.13 3.60 3.50
C THR A 7 -11.14 2.68 4.19
N LYS A 8 -12.41 2.82 3.83
CA LYS A 8 -13.46 2.00 4.43
C LYS A 8 -14.08 1.09 3.38
N ARG A 9 -13.43 -0.05 3.12
CA ARG A 9 -13.93 -1.01 2.13
C ARG A 9 -12.94 -2.15 1.95
N GLU A 10 -11.65 -1.82 1.99
CA GLU A 10 -10.59 -2.81 1.84
C GLU A 10 -10.74 -3.94 2.86
N GLU A 11 -10.11 -5.08 2.57
CA GLU A 11 -10.17 -6.23 3.46
C GLU A 11 -8.98 -6.25 4.41
N LYS A 12 -7.79 -6.21 3.85
CA LYS A 12 -6.57 -6.22 4.65
C LYS A 12 -5.39 -5.62 3.87
N TYR A 13 -4.99 -6.30 2.80
CA TYR A 13 -3.88 -5.82 1.97
C TYR A 13 -3.98 -6.40 0.56
N GLY A 14 -3.17 -5.86 -0.35
CA GLY A 14 -3.18 -6.33 -1.72
C GLY A 14 -1.79 -6.52 -2.28
N VAL A 15 -1.66 -6.47 -3.59
CA VAL A 15 -0.37 -6.64 -4.26
C VAL A 15 -0.07 -5.46 -5.18
N ALA A 16 1.21 -5.11 -5.28
CA ALA A 16 1.64 -4.00 -6.13
C ALA A 16 2.61 -4.48 -7.20
N PHE A 17 2.15 -4.55 -8.44
CA PHE A 17 2.99 -4.99 -9.54
C PHE A 17 3.48 -3.80 -10.35
N TYR A 18 4.66 -3.29 -9.99
CA TYR A 18 5.25 -2.15 -10.69
C TYR A 18 6.74 -2.05 -10.40
N ASN A 19 7.40 -1.10 -11.05
CA ASN A 19 8.82 -0.88 -10.86
C ASN A 19 9.08 0.54 -10.34
N TYR A 20 8.50 0.85 -9.19
CA TYR A 20 8.66 2.18 -8.59
C TYR A 20 9.69 2.17 -7.47
N ASP A 21 10.44 3.26 -7.35
CA ASP A 21 11.46 3.39 -6.32
C ASP A 21 11.17 4.59 -5.42
N ALA A 22 11.67 4.52 -4.19
CA ALA A 22 11.47 5.60 -3.23
C ALA A 22 12.67 6.54 -3.19
N ARG A 23 12.49 7.69 -2.56
CA ARG A 23 13.56 8.69 -2.44
C ARG A 23 13.67 9.20 -1.01
N GLY A 24 13.31 8.36 -0.04
CA GLY A 24 13.38 8.76 1.35
C GLY A 24 12.28 8.14 2.17
N ALA A 25 12.15 8.59 3.42
CA ALA A 25 11.12 8.07 4.31
C ALA A 25 9.73 8.52 3.88
N ASP A 26 9.67 9.70 3.27
CA ASP A 26 8.39 10.24 2.81
C ASP A 26 7.74 9.30 1.80
N GLU A 27 8.56 8.60 1.04
CA GLU A 27 8.07 7.67 0.03
C GLU A 27 8.58 6.26 0.30
N LEU A 28 8.04 5.29 -0.44
CA LEU A 28 8.46 3.90 -0.28
C LEU A 28 8.56 3.21 -1.64
N SER A 29 9.64 2.47 -1.84
CA SER A 29 9.87 1.76 -3.10
C SER A 29 8.96 0.54 -3.22
N LEU A 30 8.43 0.31 -4.41
CA LEU A 30 7.54 -0.81 -4.66
C LEU A 30 8.00 -1.59 -5.88
N GLN A 31 7.98 -2.93 -5.78
CA GLN A 31 8.39 -3.79 -6.88
C GLN A 31 7.34 -4.86 -7.15
N ILE A 32 7.44 -5.49 -8.32
CA ILE A 32 6.50 -6.53 -8.71
C ILE A 32 6.70 -7.78 -7.87
N GLY A 33 5.59 -8.35 -7.39
CA GLY A 33 5.66 -9.55 -6.58
C GLY A 33 5.61 -9.25 -5.09
N ASP A 34 5.64 -7.97 -4.74
CA ASP A 34 5.61 -7.57 -3.33
C ASP A 34 4.19 -7.24 -2.88
N THR A 35 3.90 -7.48 -1.61
CA THR A 35 2.58 -7.20 -1.05
C THR A 35 2.61 -5.91 -0.24
N VAL A 36 1.50 -5.18 -0.26
CA VAL A 36 1.39 -3.94 0.48
C VAL A 36 0.09 -3.83 1.25
N HIS A 37 0.15 -3.30 2.46
CA HIS A 37 -1.03 -3.13 3.29
C HIS A 37 -1.49 -1.67 3.28
N ILE A 38 -2.65 -1.42 2.68
CA ILE A 38 -3.20 -0.07 2.60
C ILE A 38 -3.98 0.28 3.86
N LEU A 39 -3.55 1.36 4.51
CA LEU A 39 -4.20 1.82 5.73
C LEU A 39 -4.93 3.15 5.49
N GLU A 40 -4.47 3.90 4.49
CA GLU A 40 -5.08 5.18 4.15
C GLU A 40 -5.33 5.27 2.65
N THR A 41 -6.35 6.04 2.26
CA THR A 41 -6.69 6.21 0.85
C THR A 41 -7.28 7.59 0.59
N TYR A 42 -7.63 7.84 -0.67
CA TYR A 42 -8.21 9.12 -1.06
C TYR A 42 -8.57 9.14 -2.54
N GLU A 43 -7.56 9.05 -3.39
CA GLU A 43 -7.76 9.05 -4.84
C GLU A 43 -6.43 8.95 -5.57
N GLY A 44 -6.11 7.75 -6.06
CA GLY A 44 -4.85 7.56 -6.76
C GLY A 44 -3.65 7.92 -5.91
N TRP A 45 -3.82 7.77 -4.59
CA TRP A 45 -2.76 8.10 -3.65
C TRP A 45 -3.07 7.50 -2.27
N TYR A 46 -2.47 6.34 -1.98
CA TYR A 46 -2.72 5.67 -0.71
C TYR A 46 -1.43 5.52 0.09
N ARG A 47 -1.58 5.29 1.39
CA ARG A 47 -0.44 5.11 2.28
C ARG A 47 -0.52 3.76 2.98
N GLY A 48 0.58 3.01 2.94
CA GLY A 48 0.61 1.71 3.57
C GLY A 48 2.02 1.24 3.88
N TYR A 49 2.17 -0.06 4.14
CA TYR A 49 3.47 -0.63 4.45
C TYR A 49 3.61 -2.01 3.83
N THR A 50 4.68 -2.20 3.06
CA THR A 50 4.94 -3.49 2.41
C THR A 50 5.14 -4.59 3.45
N LEU A 51 4.72 -5.80 3.10
CA LEU A 51 4.86 -6.93 4.01
C LEU A 51 6.32 -7.16 4.38
N ARG A 52 7.22 -6.82 3.48
CA ARG A 52 8.64 -6.98 3.71
C ARG A 52 9.17 -5.90 4.65
N LYS A 53 8.57 -4.72 4.57
CA LYS A 53 8.98 -3.59 5.41
C LYS A 53 7.82 -3.14 6.29
N LYS A 54 7.61 -3.84 7.41
CA LYS A 54 6.55 -3.51 8.33
C LYS A 54 6.86 -2.22 9.09
N SER A 55 8.15 -1.98 9.32
CA SER A 55 8.59 -0.78 10.05
C SER A 55 8.53 0.45 9.14
N LYS A 56 8.95 0.27 7.89
CA LYS A 56 8.96 1.37 6.93
C LYS A 56 7.56 1.59 6.36
N LYS A 57 7.17 2.86 6.26
CA LYS A 57 5.86 3.22 5.73
C LYS A 57 6.00 4.17 4.54
N GLY A 58 5.04 4.11 3.63
CA GLY A 58 5.08 4.97 2.46
C GLY A 58 3.74 5.02 1.73
N ILE A 59 3.75 5.66 0.56
CA ILE A 59 2.54 5.77 -0.25
C ILE A 59 2.80 5.32 -1.68
N PHE A 60 1.74 4.89 -2.37
CA PHE A 60 1.86 4.43 -3.74
C PHE A 60 0.56 4.70 -4.51
N PRO A 61 0.66 4.83 -5.85
CA PRO A 61 -0.51 5.08 -6.69
C PRO A 61 -1.33 3.83 -6.94
N ALA A 62 -2.66 3.98 -6.90
CA ALA A 62 -3.57 2.86 -7.11
C ALA A 62 -3.52 2.34 -8.54
N SER A 63 -2.84 3.07 -9.43
CA SER A 63 -2.74 2.70 -10.83
C SER A 63 -2.32 1.24 -11.01
N TYR A 64 -1.65 0.66 -10.02
CA TYR A 64 -1.21 -0.73 -10.12
C TYR A 64 -1.43 -1.49 -8.82
N ILE A 65 -2.38 -1.03 -8.01
CA ILE A 65 -2.67 -1.71 -6.74
C ILE A 65 -3.91 -2.60 -6.87
N HIS A 66 -3.79 -3.83 -6.37
CA HIS A 66 -4.89 -4.78 -6.42
C HIS A 66 -5.11 -5.42 -5.06
N LEU A 67 -6.32 -5.26 -4.52
CA LEU A 67 -6.65 -5.83 -3.22
C LEU A 67 -6.85 -7.34 -3.31
N LYS A 68 -6.27 -8.05 -2.34
CA LYS A 68 -6.39 -9.50 -2.30
C LYS A 68 -7.28 -9.95 -1.15
N GLU A 69 -7.39 -11.27 -0.97
CA GLU A 69 -8.22 -11.82 0.10
C GLU A 69 -7.36 -12.36 1.24
N ALA A 70 -6.49 -11.50 1.77
CA ALA A 70 -5.61 -11.89 2.86
C ALA A 70 -4.73 -13.08 2.47
N ILE A 71 -4.04 -12.94 1.35
CA ILE A 71 -3.16 -14.00 0.86
C ILE A 71 -1.82 -13.97 1.57
N VAL A 72 -0.96 -14.95 1.25
CA VAL A 72 0.35 -15.04 1.88
C VAL A 72 1.39 -15.56 0.89
N GLU A 73 1.49 -14.90 -0.26
CA GLU A 73 2.44 -15.30 -1.30
C GLU A 73 3.22 -14.09 -1.80
N GLY A 74 4.30 -13.76 -1.10
CA GLY A 74 5.11 -12.62 -1.50
C GLY A 74 6.55 -12.75 -1.03
N MET A 1 -12.24 13.15 9.26
CA MET A 1 -10.79 12.86 9.12
C MET A 1 -10.09 12.89 10.47
N THR A 2 -8.97 12.17 10.57
CA THR A 2 -8.21 12.11 11.81
C THR A 2 -6.89 12.88 11.66
N ARG A 3 -6.17 12.61 10.58
CA ARG A 3 -4.89 13.27 10.33
C ARG A 3 -4.63 13.34 8.83
N TRP A 4 -4.80 12.22 8.14
CA TRP A 4 -4.58 12.15 6.71
C TRP A 4 -5.87 11.74 5.99
N VAL A 5 -5.76 11.38 4.71
CA VAL A 5 -6.90 10.99 3.92
C VAL A 5 -7.74 9.93 4.62
N PRO A 6 -9.09 10.01 4.50
CA PRO A 6 -9.99 9.05 5.11
C PRO A 6 -10.24 7.83 4.23
N THR A 7 -9.81 6.66 4.70
CA THR A 7 -9.99 5.43 3.95
C THR A 7 -11.20 4.66 4.47
N LYS A 8 -12.15 4.39 3.58
CA LYS A 8 -13.36 3.67 3.94
C LYS A 8 -13.02 2.27 4.46
N ARG A 9 -14.04 1.52 4.86
CA ARG A 9 -13.84 0.17 5.37
C ARG A 9 -13.20 -0.72 4.32
N GLU A 10 -11.87 -0.68 4.25
CA GLU A 10 -11.14 -1.49 3.29
C GLU A 10 -10.57 -2.74 3.96
N GLU A 11 -9.67 -2.54 4.92
CA GLU A 11 -9.06 -3.65 5.63
C GLU A 11 -8.31 -4.58 4.66
N LYS A 12 -7.60 -5.56 5.22
CA LYS A 12 -6.84 -6.49 4.40
C LYS A 12 -5.78 -5.77 3.57
N TYR A 13 -4.87 -6.53 2.99
CA TYR A 13 -3.80 -5.96 2.17
C TYR A 13 -3.96 -6.40 0.71
N GLY A 14 -3.23 -5.73 -0.18
CA GLY A 14 -3.30 -6.06 -1.58
C GLY A 14 -1.93 -6.30 -2.19
N VAL A 15 -1.82 -6.12 -3.50
CA VAL A 15 -0.55 -6.32 -4.19
C VAL A 15 -0.21 -5.11 -5.07
N ALA A 16 1.09 -4.87 -5.23
CA ALA A 16 1.55 -3.74 -6.04
C ALA A 16 2.49 -4.23 -7.14
N PHE A 17 2.03 -4.14 -8.39
CA PHE A 17 2.86 -4.58 -9.51
C PHE A 17 3.40 -3.37 -10.28
N TYR A 18 4.60 -2.93 -9.90
CA TYR A 18 5.24 -1.80 -10.56
C TYR A 18 6.74 -1.77 -10.27
N ASN A 19 7.42 -0.81 -10.85
CA ASN A 19 8.86 -0.64 -10.64
C ASN A 19 9.15 0.69 -9.96
N TYR A 20 8.50 0.92 -8.82
CA TYR A 20 8.69 2.16 -8.08
C TYR A 20 9.90 2.08 -7.17
N ASP A 21 10.79 3.07 -7.28
CA ASP A 21 12.00 3.12 -6.47
C ASP A 21 12.09 4.46 -5.74
N ALA A 22 11.46 4.54 -4.58
CA ALA A 22 11.47 5.75 -3.78
C ALA A 22 12.85 6.04 -3.21
N ARG A 23 13.06 7.27 -2.76
CA ARG A 23 14.34 7.68 -2.19
C ARG A 23 14.14 8.55 -0.96
N GLY A 24 13.04 8.33 -0.25
CA GLY A 24 12.74 9.11 0.93
C GLY A 24 11.68 8.46 1.81
N ALA A 25 11.48 9.02 2.99
CA ALA A 25 10.49 8.49 3.93
C ALA A 25 9.07 8.77 3.45
N ASP A 26 8.90 9.88 2.75
CA ASP A 26 7.59 10.27 2.24
C ASP A 26 7.10 9.28 1.18
N GLU A 27 8.04 8.71 0.43
CA GLU A 27 7.69 7.74 -0.60
C GLU A 27 8.01 6.32 -0.15
N LEU A 28 7.78 5.35 -1.03
CA LEU A 28 8.03 3.95 -0.72
C LEU A 28 8.41 3.17 -1.96
N SER A 29 9.50 2.42 -1.88
CA SER A 29 9.98 1.61 -3.00
C SER A 29 9.15 0.34 -3.13
N LEU A 30 8.41 0.23 -4.22
CA LEU A 30 7.57 -0.95 -4.47
C LEU A 30 7.99 -1.66 -5.75
N GLN A 31 7.93 -2.99 -5.71
CA GLN A 31 8.30 -3.80 -6.87
C GLN A 31 7.21 -4.82 -7.19
N ILE A 32 7.25 -5.36 -8.41
CA ILE A 32 6.26 -6.34 -8.84
C ILE A 32 6.42 -7.65 -8.08
N GLY A 33 5.31 -8.19 -7.60
CA GLY A 33 5.34 -9.43 -6.86
C GLY A 33 5.32 -9.22 -5.36
N ASP A 34 5.40 -7.97 -4.93
CA ASP A 34 5.40 -7.65 -3.50
C ASP A 34 3.99 -7.31 -3.03
N THR A 35 3.70 -7.65 -1.77
CA THR A 35 2.39 -7.36 -1.19
C THR A 35 2.44 -6.09 -0.35
N VAL A 36 1.38 -5.30 -0.41
CA VAL A 36 1.31 -4.06 0.35
C VAL A 36 0.03 -3.97 1.18
N HIS A 37 0.14 -3.39 2.37
CA HIS A 37 -1.01 -3.24 3.25
C HIS A 37 -1.53 -1.80 3.20
N ILE A 38 -2.68 -1.62 2.59
CA ILE A 38 -3.27 -0.29 2.46
C ILE A 38 -3.70 0.25 3.83
N LEU A 39 -3.04 1.32 4.25
CA LEU A 39 -3.34 1.95 5.54
C LEU A 39 -4.31 3.11 5.35
N GLU A 40 -4.00 3.98 4.37
CA GLU A 40 -4.85 5.12 4.07
C GLU A 40 -5.09 5.21 2.57
N THR A 41 -6.19 5.85 2.18
CA THR A 41 -6.51 5.98 0.75
C THR A 41 -7.32 7.25 0.48
N TYR A 42 -7.52 7.53 -0.81
CA TYR A 42 -8.28 8.71 -1.23
C TYR A 42 -8.56 8.67 -2.72
N GLU A 43 -7.50 8.77 -3.52
CA GLU A 43 -7.63 8.74 -4.98
C GLU A 43 -6.26 8.80 -5.64
N GLY A 44 -5.76 7.65 -6.07
CA GLY A 44 -4.46 7.60 -6.71
C GLY A 44 -3.35 8.03 -5.79
N TRP A 45 -3.53 7.75 -4.50
CA TRP A 45 -2.54 8.13 -3.49
C TRP A 45 -2.91 7.53 -2.14
N TYR A 46 -2.46 6.31 -1.88
CA TYR A 46 -2.76 5.62 -0.63
C TYR A 46 -1.49 5.29 0.13
N ARG A 47 -1.58 5.32 1.46
CA ARG A 47 -0.43 5.02 2.31
C ARG A 47 -0.55 3.61 2.88
N GLY A 48 0.58 2.92 2.97
CA GLY A 48 0.57 1.57 3.51
C GLY A 48 1.96 1.08 3.87
N TYR A 49 2.09 -0.22 4.08
CA TYR A 49 3.38 -0.81 4.44
C TYR A 49 3.48 -2.24 3.89
N THR A 50 4.57 -2.51 3.18
CA THR A 50 4.80 -3.83 2.60
C THR A 50 4.98 -4.88 3.70
N LEU A 51 4.89 -6.15 3.32
CA LEU A 51 5.03 -7.25 4.27
C LEU A 51 6.49 -7.42 4.67
N ARG A 52 7.41 -7.12 3.75
CA ARG A 52 8.83 -7.23 4.01
C ARG A 52 9.28 -6.19 5.02
N LYS A 53 8.94 -4.94 4.77
CA LYS A 53 9.31 -3.84 5.66
C LYS A 53 8.07 -3.13 6.20
N LYS A 54 7.40 -3.77 7.15
CA LYS A 54 6.20 -3.20 7.75
C LYS A 54 6.53 -1.95 8.57
N SER A 55 7.73 -1.92 9.12
CA SER A 55 8.18 -0.79 9.93
C SER A 55 8.14 0.50 9.11
N LYS A 56 8.90 0.52 8.02
CA LYS A 56 8.96 1.69 7.15
C LYS A 56 7.65 1.89 6.41
N LYS A 57 6.94 2.97 6.72
CA LYS A 57 5.67 3.27 6.07
C LYS A 57 5.87 4.23 4.91
N GLY A 58 5.00 4.12 3.91
CA GLY A 58 5.09 4.98 2.74
C GLY A 58 3.80 5.03 1.95
N ILE A 59 3.82 5.73 0.82
CA ILE A 59 2.65 5.85 -0.03
C ILE A 59 2.93 5.38 -1.45
N PHE A 60 1.88 4.96 -2.14
CA PHE A 60 2.01 4.48 -3.51
C PHE A 60 0.75 4.79 -4.33
N PRO A 61 0.90 4.96 -5.65
CA PRO A 61 -0.22 5.25 -6.54
C PRO A 61 -1.13 4.04 -6.76
N ALA A 62 -2.43 4.30 -6.85
CA ALA A 62 -3.41 3.23 -7.06
C ALA A 62 -3.33 2.65 -8.47
N SER A 63 -2.57 3.31 -9.34
CA SER A 63 -2.41 2.87 -10.72
C SER A 63 -2.01 1.39 -10.82
N TYR A 64 -1.42 0.86 -9.76
CA TYR A 64 -0.98 -0.53 -9.77
C TYR A 64 -1.26 -1.22 -8.43
N ILE A 65 -2.43 -0.97 -7.85
CA ILE A 65 -2.79 -1.60 -6.59
C ILE A 65 -4.04 -2.46 -6.74
N HIS A 66 -3.96 -3.69 -6.24
CA HIS A 66 -5.07 -4.62 -6.31
C HIS A 66 -5.19 -5.43 -5.02
N LEU A 67 -6.28 -5.22 -4.29
CA LEU A 67 -6.51 -5.93 -3.03
C LEU A 67 -6.61 -7.44 -3.26
N LYS A 68 -6.10 -8.20 -2.30
CA LYS A 68 -6.12 -9.66 -2.39
C LYS A 68 -6.66 -10.27 -1.11
N GLU A 69 -6.95 -11.57 -1.16
CA GLU A 69 -7.48 -12.28 0.00
C GLU A 69 -6.42 -12.37 1.11
N ALA A 70 -6.47 -11.42 2.04
CA ALA A 70 -5.53 -11.39 3.16
C ALA A 70 -5.79 -12.53 4.13
N ILE A 71 -4.85 -13.45 4.22
CA ILE A 71 -4.98 -14.60 5.12
C ILE A 71 -5.05 -14.14 6.57
N VAL A 72 -5.94 -14.76 7.34
CA VAL A 72 -6.10 -14.42 8.74
C VAL A 72 -5.72 -15.60 9.64
N GLU A 73 -4.43 -15.71 9.93
CA GLU A 73 -3.93 -16.80 10.78
C GLU A 73 -4.23 -18.16 10.15
N GLY A 74 -3.23 -18.72 9.49
CA GLY A 74 -3.42 -20.02 8.85
C GLY A 74 -2.32 -21.00 9.21
N MET A 1 -11.34 13.46 13.70
CA MET A 1 -10.02 12.79 13.76
C MET A 1 -9.48 12.51 12.35
N THR A 2 -10.26 11.76 11.57
CA THR A 2 -9.87 11.42 10.21
C THR A 2 -9.68 12.67 9.36
N ARG A 3 -8.70 12.64 8.47
CA ARG A 3 -8.40 13.78 7.60
C ARG A 3 -7.96 13.31 6.22
N TRP A 4 -7.04 12.34 6.19
CA TRP A 4 -6.54 11.81 4.94
C TRP A 4 -6.75 10.30 4.85
N VAL A 5 -7.77 9.81 5.55
CA VAL A 5 -8.07 8.38 5.55
C VAL A 5 -9.54 8.11 5.27
N PRO A 6 -9.91 7.99 3.99
CA PRO A 6 -11.28 7.73 3.56
C PRO A 6 -11.56 6.24 3.37
N THR A 7 -10.51 5.43 3.36
CA THR A 7 -10.64 3.99 3.18
C THR A 7 -11.33 3.35 4.38
N LYS A 8 -12.65 3.20 4.28
CA LYS A 8 -13.42 2.60 5.35
C LYS A 8 -13.20 1.08 5.37
N ARG A 9 -12.11 0.65 6.00
CA ARG A 9 -11.78 -0.76 6.08
C ARG A 9 -11.36 -1.30 4.72
N GLU A 10 -12.33 -1.43 3.81
CA GLU A 10 -12.07 -1.91 2.46
C GLU A 10 -11.55 -3.36 2.48
N GLU A 11 -10.30 -3.53 2.91
CA GLU A 11 -9.68 -4.85 2.97
C GLU A 11 -8.39 -4.79 3.78
N LYS A 12 -7.84 -5.97 4.07
CA LYS A 12 -6.60 -6.06 4.85
C LYS A 12 -5.43 -5.49 4.04
N TYR A 13 -4.94 -6.27 3.08
CA TYR A 13 -3.82 -5.84 2.25
C TYR A 13 -3.94 -6.41 0.84
N GLY A 14 -3.06 -5.97 -0.05
CA GLY A 14 -3.09 -6.44 -1.42
C GLY A 14 -1.70 -6.56 -2.02
N VAL A 15 -1.63 -6.51 -3.35
CA VAL A 15 -0.35 -6.60 -4.04
C VAL A 15 -0.12 -5.39 -4.94
N ALA A 16 1.13 -5.09 -5.21
CA ALA A 16 1.49 -3.96 -6.06
C ALA A 16 2.46 -4.38 -7.15
N PHE A 17 2.04 -4.26 -8.41
CA PHE A 17 2.89 -4.62 -9.53
C PHE A 17 3.39 -3.39 -10.26
N TYR A 18 4.56 -2.91 -9.87
CA TYR A 18 5.14 -1.73 -10.50
C TYR A 18 6.65 -1.65 -10.23
N ASN A 19 7.31 -0.69 -10.87
CA ASN A 19 8.74 -0.50 -10.69
C ASN A 19 9.02 0.91 -10.14
N TYR A 20 8.49 1.19 -8.96
CA TYR A 20 8.68 2.48 -8.32
C TYR A 20 9.81 2.44 -7.30
N ASP A 21 10.67 3.45 -7.34
CA ASP A 21 11.81 3.53 -6.42
C ASP A 21 11.71 4.79 -5.57
N ALA A 22 11.56 4.60 -4.25
CA ALA A 22 11.47 5.73 -3.33
C ALA A 22 12.81 6.40 -3.15
N ARG A 23 12.79 7.66 -2.69
CA ARG A 23 14.00 8.42 -2.47
C ARG A 23 14.29 8.56 -0.98
N GLY A 24 13.23 8.55 -0.18
CA GLY A 24 13.38 8.67 1.26
C GLY A 24 12.25 8.01 2.03
N ALA A 25 12.11 8.39 3.30
CA ALA A 25 11.06 7.83 4.14
C ALA A 25 9.68 8.32 3.70
N ASP A 26 9.64 9.51 3.10
CA ASP A 26 8.39 10.10 2.64
C ASP A 26 7.69 9.16 1.65
N GLU A 27 8.48 8.47 0.83
CA GLU A 27 7.93 7.56 -0.15
C GLU A 27 8.31 6.11 0.18
N LEU A 28 7.93 5.19 -0.69
CA LEU A 28 8.23 3.78 -0.50
C LEU A 28 8.57 3.10 -1.83
N SER A 29 9.65 2.31 -1.83
CA SER A 29 10.07 1.61 -3.03
C SER A 29 9.18 0.40 -3.29
N LEU A 30 8.38 0.49 -4.34
CA LEU A 30 7.46 -0.60 -4.69
C LEU A 30 8.01 -1.41 -5.86
N GLN A 31 7.91 -2.73 -5.75
CA GLN A 31 8.38 -3.63 -6.79
C GLN A 31 7.32 -4.68 -7.12
N ILE A 32 7.37 -5.20 -8.33
CA ILE A 32 6.40 -6.22 -8.77
C ILE A 32 6.58 -7.51 -7.99
N GLY A 33 5.46 -8.07 -7.55
CA GLY A 33 5.51 -9.30 -6.78
C GLY A 33 5.52 -9.06 -5.27
N ASP A 34 5.56 -7.79 -4.88
CA ASP A 34 5.58 -7.43 -3.47
C ASP A 34 4.18 -7.14 -2.95
N THR A 35 3.91 -7.52 -1.71
CA THR A 35 2.62 -7.29 -1.10
C THR A 35 2.63 -5.99 -0.31
N VAL A 36 1.57 -5.20 -0.45
CA VAL A 36 1.47 -3.92 0.25
C VAL A 36 0.23 -3.86 1.14
N HIS A 37 0.40 -3.34 2.34
CA HIS A 37 -0.70 -3.21 3.28
C HIS A 37 -1.21 -1.77 3.30
N ILE A 38 -2.39 -1.55 2.73
CA ILE A 38 -2.98 -0.23 2.67
C ILE A 38 -3.38 0.27 4.05
N LEU A 39 -3.11 1.55 4.31
CA LEU A 39 -3.44 2.17 5.59
C LEU A 39 -4.33 3.39 5.38
N GLU A 40 -3.97 4.22 4.40
CA GLU A 40 -4.73 5.41 4.09
C GLU A 40 -4.94 5.53 2.59
N THR A 41 -5.98 6.26 2.18
CA THR A 41 -6.27 6.43 0.76
C THR A 41 -6.69 7.86 0.44
N TYR A 42 -6.89 8.15 -0.84
CA TYR A 42 -7.28 9.47 -1.28
C TYR A 42 -7.47 9.52 -2.80
N GLU A 43 -8.00 8.43 -3.36
CA GLU A 43 -8.22 8.35 -4.80
C GLU A 43 -6.89 8.42 -5.55
N GLY A 44 -6.40 7.26 -5.97
CA GLY A 44 -5.14 7.21 -6.70
C GLY A 44 -3.99 7.72 -5.86
N TRP A 45 -4.05 7.46 -4.56
CA TRP A 45 -3.02 7.89 -3.63
C TRP A 45 -3.27 7.30 -2.25
N TYR A 46 -2.70 6.12 -1.99
CA TYR A 46 -2.89 5.46 -0.70
C TYR A 46 -1.55 5.26 0.02
N ARG A 47 -1.61 5.32 1.35
CA ARG A 47 -0.43 5.14 2.18
C ARG A 47 -0.48 3.81 2.92
N GLY A 48 0.65 3.11 2.98
CA GLY A 48 0.68 1.83 3.66
C GLY A 48 2.09 1.26 3.75
N TYR A 49 2.20 0.09 4.36
CA TYR A 49 3.49 -0.57 4.51
C TYR A 49 3.48 -1.97 3.91
N THR A 50 4.62 -2.38 3.37
CA THR A 50 4.74 -3.71 2.75
C THR A 50 4.87 -4.80 3.81
N LEU A 51 4.57 -6.02 3.44
CA LEU A 51 4.65 -7.15 4.36
C LEU A 51 6.11 -7.46 4.70
N ARG A 52 6.99 -7.31 3.71
CA ARG A 52 8.41 -7.56 3.90
C ARG A 52 8.99 -6.67 5.00
N LYS A 53 8.44 -5.46 5.11
CA LYS A 53 8.90 -4.51 6.11
C LYS A 53 7.77 -3.58 6.54
N LYS A 54 7.06 -3.97 7.59
CA LYS A 54 5.95 -3.18 8.10
C LYS A 54 6.45 -1.86 8.71
N SER A 55 7.67 -1.89 9.22
CA SER A 55 8.27 -0.70 9.83
C SER A 55 8.31 0.46 8.84
N LYS A 56 8.45 0.13 7.56
CA LYS A 56 8.51 1.15 6.52
C LYS A 56 7.10 1.56 6.08
N LYS A 57 6.88 2.87 6.02
CA LYS A 57 5.57 3.39 5.63
C LYS A 57 5.72 4.43 4.52
N GLY A 58 4.88 4.33 3.50
CA GLY A 58 4.94 5.26 2.39
C GLY A 58 3.63 5.31 1.61
N ILE A 59 3.64 6.02 0.49
CA ILE A 59 2.45 6.15 -0.34
C ILE A 59 2.69 5.58 -1.73
N PHE A 60 1.59 5.16 -2.38
CA PHE A 60 1.67 4.59 -3.72
C PHE A 60 0.35 4.78 -4.47
N PRO A 61 0.41 4.94 -5.80
CA PRO A 61 -0.79 5.12 -6.63
C PRO A 61 -1.54 3.82 -6.87
N ALA A 62 -2.87 3.89 -6.86
CA ALA A 62 -3.70 2.72 -7.09
C ALA A 62 -3.62 2.23 -8.53
N SER A 63 -2.99 3.01 -9.40
CA SER A 63 -2.86 2.66 -10.81
C SER A 63 -2.34 1.23 -10.99
N TYR A 64 -1.62 0.71 -10.00
CA TYR A 64 -1.08 -0.64 -10.09
C TYR A 64 -1.35 -1.45 -8.82
N ILE A 65 -2.31 -1.02 -8.01
CA ILE A 65 -2.64 -1.72 -6.78
C ILE A 65 -3.80 -2.70 -7.00
N HIS A 66 -3.75 -3.83 -6.31
CA HIS A 66 -4.79 -4.85 -6.43
C HIS A 66 -4.98 -5.57 -5.09
N LEU A 67 -6.15 -5.40 -4.50
CA LEU A 67 -6.46 -6.03 -3.22
C LEU A 67 -6.33 -7.54 -3.31
N LYS A 68 -5.82 -8.15 -2.25
CA LYS A 68 -5.63 -9.60 -2.21
C LYS A 68 -6.89 -10.29 -1.69
N GLU A 69 -6.81 -11.61 -1.55
CA GLU A 69 -7.93 -12.39 -1.05
C GLU A 69 -7.93 -12.46 0.47
N ALA A 70 -8.64 -11.53 1.10
CA ALA A 70 -8.71 -11.49 2.55
C ALA A 70 -9.29 -12.78 3.12
N ILE A 71 -8.45 -13.53 3.84
CA ILE A 71 -8.88 -14.79 4.44
C ILE A 71 -8.59 -14.82 5.93
N VAL A 72 -9.32 -15.66 6.65
CA VAL A 72 -9.14 -15.79 8.09
C VAL A 72 -7.89 -16.61 8.42
N GLU A 73 -6.96 -15.99 9.13
CA GLU A 73 -5.71 -16.66 9.51
C GLU A 73 -5.86 -17.34 10.86
N GLY A 74 -5.20 -18.49 11.01
CA GLY A 74 -5.27 -19.23 12.25
C GLY A 74 -4.10 -20.19 12.43
N MET A 1 -10.01 21.80 4.04
CA MET A 1 -8.78 21.01 4.34
C MET A 1 -9.03 19.52 4.11
N THR A 2 -10.27 19.09 4.30
CA THR A 2 -10.63 17.69 4.12
C THR A 2 -9.76 16.79 4.98
N ARG A 3 -10.02 15.48 4.92
CA ARG A 3 -9.26 14.50 5.68
C ARG A 3 -9.13 13.19 4.91
N TRP A 4 -7.94 12.62 4.94
CA TRP A 4 -7.67 11.36 4.25
C TRP A 4 -8.49 10.22 4.86
N VAL A 5 -9.38 9.65 4.05
CA VAL A 5 -10.22 8.55 4.52
C VAL A 5 -9.39 7.37 5.01
N PRO A 6 -9.92 6.60 5.97
CA PRO A 6 -9.22 5.45 6.53
C PRO A 6 -9.49 4.16 5.76
N THR A 7 -9.63 4.29 4.43
CA THR A 7 -9.89 3.14 3.56
C THR A 7 -10.92 2.19 4.16
N LYS A 8 -12.18 2.42 3.82
CA LYS A 8 -13.27 1.57 4.33
C LYS A 8 -13.71 0.57 3.28
N ARG A 9 -14.52 -0.41 3.70
CA ARG A 9 -15.01 -1.43 2.79
C ARG A 9 -13.86 -2.22 2.18
N GLU A 10 -12.76 -2.34 2.91
CA GLU A 10 -11.60 -3.07 2.44
C GLU A 10 -11.53 -4.46 3.05
N GLU A 11 -10.55 -5.25 2.63
CA GLU A 11 -10.38 -6.60 3.14
C GLU A 11 -9.25 -6.68 4.14
N LYS A 12 -8.03 -6.39 3.68
CA LYS A 12 -6.86 -6.42 4.54
C LYS A 12 -5.65 -5.78 3.84
N TYR A 13 -5.23 -6.39 2.74
CA TYR A 13 -4.10 -5.88 1.97
C TYR A 13 -4.13 -6.40 0.54
N GLY A 14 -3.36 -5.77 -0.34
CA GLY A 14 -3.31 -6.19 -1.73
C GLY A 14 -1.90 -6.26 -2.26
N VAL A 15 -1.78 -6.56 -3.56
CA VAL A 15 -0.47 -6.66 -4.20
C VAL A 15 -0.16 -5.43 -5.03
N ALA A 16 1.12 -5.11 -5.16
CA ALA A 16 1.54 -3.95 -5.93
C ALA A 16 2.54 -4.34 -7.01
N PHE A 17 2.13 -4.21 -8.27
CA PHE A 17 3.01 -4.54 -9.39
C PHE A 17 3.57 -3.27 -10.03
N TYR A 18 4.74 -2.85 -9.56
CA TYR A 18 5.38 -1.66 -10.09
C TYR A 18 6.86 -1.62 -9.73
N ASN A 19 7.61 -0.79 -10.43
CA ASN A 19 9.05 -0.65 -10.19
C ASN A 19 9.35 0.72 -9.59
N TYR A 20 8.71 1.01 -8.46
CA TYR A 20 8.90 2.29 -7.78
C TYR A 20 10.13 2.27 -6.89
N ASP A 21 10.95 3.33 -7.00
CA ASP A 21 12.16 3.44 -6.21
C ASP A 21 12.13 4.72 -5.38
N ALA A 22 11.70 4.60 -4.13
CA ALA A 22 11.63 5.74 -3.22
C ALA A 22 13.00 6.37 -3.00
N ARG A 23 13.02 7.70 -2.88
CA ARG A 23 14.27 8.42 -2.66
C ARG A 23 14.23 9.19 -1.33
N GLY A 24 13.45 8.68 -0.39
CA GLY A 24 13.33 9.32 0.91
C GLY A 24 12.31 8.65 1.80
N ALA A 25 12.13 9.19 3.01
CA ALA A 25 11.18 8.63 3.95
C ALA A 25 9.74 8.92 3.52
N ASP A 26 9.54 10.03 2.81
CA ASP A 26 8.22 10.42 2.34
C ASP A 26 7.62 9.34 1.44
N GLU A 27 8.46 8.76 0.59
CA GLU A 27 8.02 7.72 -0.34
C GLU A 27 8.59 6.36 0.06
N LEU A 28 8.02 5.30 -0.50
CA LEU A 28 8.48 3.95 -0.22
C LEU A 28 8.68 3.16 -1.50
N SER A 29 9.80 2.44 -1.59
CA SER A 29 10.13 1.65 -2.77
C SER A 29 9.13 0.51 -2.95
N LEU A 30 8.59 0.39 -4.15
CA LEU A 30 7.62 -0.65 -4.47
C LEU A 30 8.18 -1.58 -5.55
N GLN A 31 8.01 -2.89 -5.36
CA GLN A 31 8.49 -3.86 -6.33
C GLN A 31 7.40 -4.87 -6.67
N ILE A 32 7.42 -5.36 -7.91
CA ILE A 32 6.43 -6.33 -8.36
C ILE A 32 6.51 -7.62 -7.56
N GLY A 33 5.35 -8.19 -7.25
CA GLY A 33 5.32 -9.42 -6.48
C GLY A 33 5.25 -9.18 -4.98
N ASP A 34 5.39 -7.92 -4.58
CA ASP A 34 5.34 -7.57 -3.17
C ASP A 34 3.93 -7.18 -2.75
N THR A 35 3.51 -7.67 -1.58
CA THR A 35 2.18 -7.36 -1.07
C THR A 35 2.23 -6.13 -0.17
N VAL A 36 1.30 -5.19 -0.41
CA VAL A 36 1.25 -3.97 0.38
C VAL A 36 -0.04 -3.88 1.18
N HIS A 37 0.07 -3.44 2.42
CA HIS A 37 -1.08 -3.29 3.29
C HIS A 37 -1.56 -1.84 3.30
N ILE A 38 -2.70 -1.60 2.66
CA ILE A 38 -3.27 -0.26 2.58
C ILE A 38 -3.95 0.16 3.89
N LEU A 39 -3.50 1.26 4.45
CA LEU A 39 -4.05 1.77 5.70
C LEU A 39 -4.74 3.12 5.46
N GLU A 40 -4.28 3.85 4.44
CA GLU A 40 -4.84 5.14 4.11
C GLU A 40 -5.16 5.23 2.61
N THR A 41 -6.19 6.01 2.28
CA THR A 41 -6.59 6.17 0.87
C THR A 41 -7.30 7.49 0.66
N TYR A 42 -7.71 7.74 -0.59
CA TYR A 42 -8.41 8.98 -0.93
C TYR A 42 -8.81 8.98 -2.40
N GLU A 43 -7.81 8.95 -3.28
CA GLU A 43 -8.04 8.97 -4.72
C GLU A 43 -6.73 8.95 -5.48
N GLY A 44 -6.35 7.79 -6.01
CA GLY A 44 -5.11 7.67 -6.74
C GLY A 44 -3.91 7.99 -5.87
N TRP A 45 -4.04 7.71 -4.58
CA TRP A 45 -2.96 7.97 -3.63
C TRP A 45 -3.23 7.24 -2.32
N TYR A 46 -2.60 6.10 -2.13
CA TYR A 46 -2.79 5.31 -0.91
C TYR A 46 -1.49 5.13 -0.14
N ARG A 47 -1.60 5.03 1.18
CA ARG A 47 -0.45 4.84 2.03
C ARG A 47 -0.54 3.50 2.76
N GLY A 48 0.60 2.85 2.96
CA GLY A 48 0.61 1.58 3.64
C GLY A 48 2.01 1.04 3.86
N TYR A 49 2.12 -0.27 4.03
CA TYR A 49 3.41 -0.91 4.26
C TYR A 49 3.43 -2.33 3.69
N THR A 50 4.56 -2.71 3.11
CA THR A 50 4.70 -4.05 2.53
C THR A 50 4.89 -5.10 3.63
N LEU A 51 4.57 -6.35 3.30
CA LEU A 51 4.70 -7.44 4.26
C LEU A 51 6.17 -7.68 4.61
N ARG A 52 7.05 -7.39 3.67
CA ARG A 52 8.49 -7.57 3.88
C ARG A 52 8.99 -6.65 4.98
N LYS A 53 8.93 -5.35 4.73
CA LYS A 53 9.38 -4.35 5.70
C LYS A 53 8.19 -3.54 6.23
N LYS A 54 7.75 -3.88 7.43
CA LYS A 54 6.62 -3.19 8.05
C LYS A 54 7.05 -1.82 8.59
N SER A 55 8.30 -1.73 9.05
CA SER A 55 8.83 -0.49 9.58
C SER A 55 8.85 0.60 8.52
N LYS A 56 9.01 0.19 7.26
CA LYS A 56 9.05 1.13 6.15
C LYS A 56 7.64 1.42 5.64
N LYS A 57 7.23 2.69 5.70
CA LYS A 57 5.91 3.09 5.25
C LYS A 57 6.02 4.12 4.12
N GLY A 58 4.99 4.15 3.27
CA GLY A 58 4.99 5.09 2.16
C GLY A 58 3.68 5.08 1.38
N ILE A 59 3.62 5.87 0.33
CA ILE A 59 2.42 5.95 -0.51
C ILE A 59 2.70 5.42 -1.91
N PHE A 60 1.65 4.95 -2.59
CA PHE A 60 1.80 4.41 -3.93
C PHE A 60 0.54 4.68 -4.77
N PRO A 61 0.69 4.69 -6.10
CA PRO A 61 -0.44 4.92 -7.02
C PRO A 61 -1.49 3.82 -6.93
N ALA A 62 -2.75 4.20 -7.02
CA ALA A 62 -3.84 3.23 -6.94
C ALA A 62 -3.90 2.34 -8.18
N SER A 63 -3.70 2.94 -9.35
CA SER A 63 -3.74 2.20 -10.60
C SER A 63 -2.73 1.06 -10.61
N TYR A 64 -1.70 1.17 -9.78
CA TYR A 64 -0.66 0.14 -9.70
C TYR A 64 -0.83 -0.70 -8.43
N ILE A 65 -2.08 -0.98 -8.08
CA ILE A 65 -2.39 -1.78 -6.90
C ILE A 65 -3.53 -2.75 -7.18
N HIS A 66 -3.61 -3.81 -6.38
CA HIS A 66 -4.66 -4.81 -6.53
C HIS A 66 -5.03 -5.43 -5.19
N LEU A 67 -6.24 -5.15 -4.74
CA LEU A 67 -6.72 -5.69 -3.46
C LEU A 67 -6.78 -7.21 -3.50
N LYS A 68 -6.24 -7.85 -2.47
CA LYS A 68 -6.23 -9.30 -2.38
C LYS A 68 -7.32 -9.78 -1.42
N GLU A 69 -7.45 -11.10 -1.30
CA GLU A 69 -8.44 -11.69 -0.41
C GLU A 69 -7.86 -11.93 0.97
N ALA A 70 -6.79 -12.70 1.05
CA ALA A 70 -6.15 -13.01 2.32
C ALA A 70 -7.08 -13.76 3.25
N ILE A 71 -6.70 -14.97 3.63
CA ILE A 71 -7.51 -15.79 4.52
C ILE A 71 -8.83 -16.16 3.87
N VAL A 72 -9.06 -17.46 3.66
CA VAL A 72 -10.29 -17.94 3.04
C VAL A 72 -10.98 -18.97 3.94
N GLU A 73 -12.09 -18.57 4.52
CA GLU A 73 -12.86 -19.47 5.39
C GLU A 73 -12.01 -19.91 6.59
N GLY A 74 -12.63 -20.63 7.52
CA GLY A 74 -11.92 -21.10 8.69
C GLY A 74 -10.97 -22.23 8.37
#